data_5KMS
#
_entry.id   5KMS
#
_cell.length_a   72.883
_cell.length_b   114.014
_cell.length_c   130.638
_cell.angle_alpha   90.00
_cell.angle_beta   91.77
_cell.angle_gamma   90.00
#
_symmetry.space_group_name_H-M   'P 1 21 1'
#
loop_
_entity.id
_entity.type
_entity.pdbx_description
1 polymer 'FAD-dependent pyridine nucleotide-disulfide oxidoreductase'
2 non-polymer 'FLAVIN-ADENINE DINUCLEOTIDE'
3 non-polymer NICOTINAMIDE-ADENINE-DINUCLEOTIDE
4 water water
#
_entity_poly.entity_id   1
_entity_poly.type   'polypeptide(L)'
_entity_poly.pdbx_seq_one_letter_code
;MSKPSIVILGAGYGGIVAALGLQKRLNYNEADITLVNKNDYHYITTELHQPAAGTMHHDQARVGIKELIDEKKIKFVKDT
VVAIDREQQKVTLQNGELHYDYLVVGLGSEPETFGIEGLREHAFSINSINSVRIIRQHIEYQFAKFAAEPERTDYLTIVV
GGAGFTGIEFVGELADRMPELCAEYDVDPKLVRIINVEAAPTVLPGFDPALVNYAMDVLGGKGVEFKIGTPIKRCTPEGV
VIEVDGEEEEIKAATVVWTGGVRGNSIVEKSGFETMRGRIKVDPYLRAPGHENIFIVGDCALIINEENNRPYPPTAQIAI
QHGENVAANLAALIRGGSMTPFKPHIRGTVASLGRNDAIGIVGGRKVYGHAASWLKKLIDMRYLYLIGGLSLVLKKGRFH
HHHHH
;
_entity_poly.pdbx_strand_id   A,B,C,D
#
loop_
_chem_comp.id
_chem_comp.type
_chem_comp.name
_chem_comp.formula
FAD non-polymer 'FLAVIN-ADENINE DINUCLEOTIDE' 'C27 H33 N9 O15 P2'
NAD non-polymer NICOTINAMIDE-ADENINE-DINUCLEOTIDE 'C21 H27 N7 O14 P2'
#
# COMPACT_ATOMS: atom_id res chain seq x y z
N LYS A 3 -55.22 34.52 15.94
CA LYS A 3 -55.52 33.33 16.73
C LYS A 3 -54.71 33.30 18.01
N PRO A 4 -55.28 32.74 19.09
CA PRO A 4 -54.55 32.63 20.36
C PRO A 4 -53.54 31.47 20.30
N SER A 5 -52.44 31.63 21.02
CA SER A 5 -51.36 30.63 20.96
C SER A 5 -51.32 29.73 22.17
N ILE A 6 -51.40 28.43 21.93
CA ILE A 6 -51.30 27.44 22.99
C ILE A 6 -49.96 26.72 22.90
N VAL A 7 -49.22 26.74 24.00
CA VAL A 7 -47.92 26.08 24.03
C VAL A 7 -47.95 24.92 25.02
N ILE A 8 -47.66 23.73 24.51
CA ILE A 8 -47.62 22.54 25.36
C ILE A 8 -46.17 22.07 25.52
N LEU A 9 -45.71 22.03 26.77
CA LEU A 9 -44.34 21.65 27.05
C LEU A 9 -44.25 20.19 27.46
N GLY A 10 -43.65 19.37 26.60
CA GLY A 10 -43.48 17.96 26.86
C GLY A 10 -44.50 17.11 26.13
N ALA A 11 -44.03 16.23 25.26
CA ALA A 11 -44.90 15.37 24.48
C ALA A 11 -45.03 13.98 25.11
N GLY A 12 -45.23 13.96 26.42
CA GLY A 12 -45.44 12.71 27.14
C GLY A 12 -46.91 12.33 27.09
N TYR A 13 -47.33 11.49 28.04
CA TYR A 13 -48.72 11.03 28.07
C TYR A 13 -49.70 12.20 28.17
N GLY A 14 -49.45 13.09 29.11
CA GLY A 14 -50.30 14.26 29.30
C GLY A 14 -50.27 15.19 28.10
N GLY A 15 -49.05 15.52 27.66
CA GLY A 15 -48.87 16.45 26.57
C GLY A 15 -49.39 15.99 25.22
N ILE A 16 -49.11 14.74 24.84
CA ILE A 16 -49.51 14.24 23.53
C ILE A 16 -51.04 14.09 23.47
N VAL A 17 -51.65 13.67 24.57
CA VAL A 17 -53.10 13.52 24.63
C VAL A 17 -53.79 14.88 24.60
N ALA A 18 -53.18 15.85 25.26
CA ALA A 18 -53.70 17.22 25.25
C ALA A 18 -53.65 17.78 23.84
N ALA A 19 -52.52 17.57 23.16
CA ALA A 19 -52.33 18.07 21.80
C ALA A 19 -53.30 17.41 20.83
N LEU A 20 -53.44 16.09 20.93
CA LEU A 20 -54.37 15.35 20.09
C LEU A 20 -55.81 15.72 20.40
N GLY A 21 -56.08 16.01 21.67
CA GLY A 21 -57.41 16.42 22.10
C GLY A 21 -57.78 17.76 21.49
N LEU A 22 -56.86 18.71 21.56
CA LEU A 22 -57.05 20.02 20.95
C LEU A 22 -57.22 19.90 19.45
N GLN A 23 -56.53 18.94 18.86
CA GLN A 23 -56.58 18.70 17.43
C GLN A 23 -57.98 18.31 16.98
N LYS A 24 -58.59 17.37 17.70
CA LYS A 24 -59.94 16.91 17.40
C LYS A 24 -61.01 17.97 17.64
N ARG A 25 -60.93 18.63 18.79
CA ARG A 25 -61.94 19.60 19.21
C ARG A 25 -61.92 20.92 18.43
N LEU A 26 -60.72 21.47 18.21
CA LEU A 26 -60.58 22.80 17.60
C LEU A 26 -60.65 22.75 16.08
N ASN A 27 -60.82 23.93 15.47
CA ASN A 27 -60.94 24.05 14.02
C ASN A 27 -59.64 24.50 13.35
N TYR A 28 -59.63 24.42 12.02
CA TYR A 28 -58.44 24.68 11.19
C TYR A 28 -57.82 26.08 11.26
N ASN A 29 -58.24 26.91 12.21
CA ASN A 29 -57.64 28.23 12.37
C ASN A 29 -58.06 28.90 13.68
N GLU A 30 -58.79 28.17 14.50
CA GLU A 30 -59.27 28.67 15.79
C GLU A 30 -58.14 29.09 16.73
N ALA A 31 -57.03 28.36 16.72
CA ALA A 31 -55.90 28.71 17.57
C ALA A 31 -54.56 28.22 17.02
N ASP A 32 -53.48 28.78 17.56
CA ASP A 32 -52.13 28.34 17.22
C ASP A 32 -51.59 27.43 18.31
N ILE A 33 -51.29 26.19 17.93
CA ILE A 33 -50.81 25.21 18.90
C ILE A 33 -49.40 24.75 18.57
N THR A 34 -48.48 24.95 19.52
CA THR A 34 -47.11 24.49 19.35
C THR A 34 -46.77 23.47 20.43
N LEU A 35 -46.28 22.31 19.99
CA LEU A 35 -45.92 21.24 20.91
C LEU A 35 -44.41 21.09 20.95
N VAL A 36 -43.84 21.28 22.13
CA VAL A 36 -42.40 21.23 22.31
C VAL A 36 -41.98 19.92 22.98
N ASN A 37 -40.98 19.27 22.39
CA ASN A 37 -40.46 18.04 22.96
C ASN A 37 -38.94 17.94 22.82
N LYS A 38 -38.33 17.27 23.79
CA LYS A 38 -36.89 17.05 23.83
C LYS A 38 -36.45 16.25 22.60
N ASN A 39 -37.32 15.35 22.16
CA ASN A 39 -37.02 14.46 21.04
C ASN A 39 -38.10 14.56 19.97
N ASP A 40 -37.84 14.00 18.80
CA ASP A 40 -38.84 14.01 17.74
C ASP A 40 -39.76 12.80 17.86
N TYR A 41 -39.57 12.04 18.93
CA TYR A 41 -40.39 10.86 19.18
C TYR A 41 -41.06 10.93 20.55
N HIS A 42 -42.14 10.19 20.69
CA HIS A 42 -42.82 10.03 21.96
C HIS A 42 -42.62 8.60 22.41
N TYR A 43 -42.13 8.40 23.64
CA TYR A 43 -41.89 7.04 24.10
C TYR A 43 -42.95 6.56 25.08
N ILE A 44 -43.23 5.26 25.03
CA ILE A 44 -44.20 4.65 25.91
C ILE A 44 -43.52 4.34 27.24
N THR A 45 -43.60 5.28 28.17
CA THR A 45 -42.85 5.20 29.42
C THR A 45 -43.18 3.95 30.23
N THR A 46 -44.42 3.49 30.13
CA THR A 46 -44.86 2.33 30.91
C THR A 46 -44.21 1.02 30.46
N GLU A 47 -43.58 1.04 29.29
CA GLU A 47 -42.92 -0.15 28.76
C GLU A 47 -41.39 -0.11 28.88
N LEU A 48 -40.85 0.98 29.41
CA LEU A 48 -39.41 1.22 29.38
C LEU A 48 -38.57 0.20 30.16
N HIS A 49 -39.19 -0.50 31.10
CA HIS A 49 -38.49 -1.51 31.88
C HIS A 49 -38.02 -2.68 31.01
N GLN A 50 -38.74 -2.95 29.94
CA GLN A 50 -38.40 -4.07 29.05
C GLN A 50 -37.13 -3.85 28.21
N PRO A 51 -37.02 -2.71 27.50
CA PRO A 51 -35.75 -2.52 26.77
C PRO A 51 -34.55 -2.38 27.70
N ALA A 52 -34.79 -1.85 28.90
CA ALA A 52 -33.73 -1.72 29.90
C ALA A 52 -33.14 -3.07 30.27
N ALA A 53 -34.01 -4.07 30.36
CA ALA A 53 -33.58 -5.45 30.61
C ALA A 53 -33.13 -6.14 29.33
N GLY A 54 -33.60 -5.65 28.19
CA GLY A 54 -33.27 -6.23 26.91
C GLY A 54 -34.28 -7.25 26.42
N THR A 55 -35.38 -7.39 27.15
CA THR A 55 -36.43 -8.33 26.79
C THR A 55 -37.24 -7.87 25.58
N MET A 56 -37.25 -6.56 25.32
CA MET A 56 -37.95 -6.01 24.16
C MET A 56 -37.13 -4.90 23.51
N HIS A 57 -37.14 -4.83 22.18
CA HIS A 57 -36.40 -3.79 21.48
C HIS A 57 -36.99 -2.43 21.77
N HIS A 58 -36.13 -1.42 21.91
CA HIS A 58 -36.58 -0.09 22.32
C HIS A 58 -37.46 0.61 21.29
N ASP A 59 -37.35 0.20 20.02
CA ASP A 59 -38.14 0.82 18.96
C ASP A 59 -39.63 0.50 19.13
N GLN A 60 -39.93 -0.56 19.85
CA GLN A 60 -41.32 -0.92 20.12
C GLN A 60 -41.89 -0.08 21.25
N ALA A 61 -41.05 0.75 21.85
CA ALA A 61 -41.46 1.59 22.97
C ALA A 61 -41.46 3.08 22.63
N ARG A 62 -41.43 3.40 21.34
CA ARG A 62 -41.48 4.80 20.91
C ARG A 62 -42.14 4.97 19.55
N VAL A 63 -42.62 6.18 19.28
CA VAL A 63 -43.26 6.48 18.01
C VAL A 63 -42.95 7.93 17.60
N GLY A 64 -42.79 8.16 16.30
CA GLY A 64 -42.51 9.49 15.80
C GLY A 64 -43.69 10.41 15.99
N ILE A 65 -43.44 11.58 16.55
CA ILE A 65 -44.49 12.54 16.85
C ILE A 65 -45.16 13.07 15.57
N LYS A 66 -44.35 13.31 14.55
CA LYS A 66 -44.85 13.84 13.29
C LYS A 66 -45.87 12.90 12.66
N GLU A 67 -45.71 11.60 12.92
CA GLU A 67 -46.66 10.60 12.43
C GLU A 67 -48.02 10.75 13.10
N LEU A 68 -48.01 11.07 14.39
CA LEU A 68 -49.24 11.16 15.18
C LEU A 68 -50.08 12.41 14.89
N ILE A 69 -49.43 13.56 14.80
CA ILE A 69 -50.15 14.83 14.70
C ILE A 69 -50.35 15.34 13.27
N ASP A 70 -51.10 16.44 13.16
CA ASP A 70 -51.32 17.13 11.89
C ASP A 70 -50.56 18.45 11.89
N GLU A 71 -49.62 18.59 10.97
CA GLU A 71 -48.73 19.74 10.93
C GLU A 71 -49.48 21.06 10.69
N LYS A 72 -50.64 20.98 10.07
CA LYS A 72 -51.48 22.16 9.84
C LYS A 72 -52.04 22.69 11.15
N LYS A 73 -52.56 21.80 11.98
CA LYS A 73 -53.16 22.18 13.26
C LYS A 73 -52.11 22.33 14.36
N ILE A 74 -51.12 21.45 14.35
CA ILE A 74 -50.11 21.45 15.41
C ILE A 74 -48.71 21.71 14.84
N LYS A 75 -48.00 22.66 15.45
CA LYS A 75 -46.63 22.95 15.06
C LYS A 75 -45.68 22.30 16.05
N PHE A 76 -44.94 21.29 15.61
CA PHE A 76 -44.04 20.58 16.52
C PHE A 76 -42.66 21.23 16.57
N VAL A 77 -42.18 21.45 17.79
CA VAL A 77 -40.86 22.02 17.98
C VAL A 77 -39.98 21.05 18.77
N LYS A 78 -38.83 20.70 18.20
CA LYS A 78 -37.89 19.82 18.87
C LYS A 78 -36.82 20.64 19.55
N ASP A 79 -36.93 20.78 20.87
CA ASP A 79 -35.98 21.55 21.64
C ASP A 79 -36.10 21.21 23.11
N THR A 80 -35.19 21.77 23.92
CA THR A 80 -35.18 21.52 25.34
C THR A 80 -35.58 22.77 26.11
N VAL A 81 -36.64 22.66 26.90
CA VAL A 81 -37.11 23.77 27.71
C VAL A 81 -36.08 24.08 28.79
N VAL A 82 -35.74 25.34 28.94
CA VAL A 82 -34.77 25.75 29.95
C VAL A 82 -35.45 26.45 31.12
N ALA A 83 -36.37 27.35 30.83
CA ALA A 83 -37.06 28.07 31.88
C ALA A 83 -38.44 28.57 31.44
N ILE A 84 -39.28 28.86 32.43
CA ILE A 84 -40.59 29.46 32.17
C ILE A 84 -40.68 30.79 32.91
N ASP A 85 -41.01 31.84 32.18
CA ASP A 85 -41.20 33.15 32.79
C ASP A 85 -42.69 33.48 32.86
N ARG A 86 -43.26 33.36 34.05
CA ARG A 86 -44.69 33.55 34.25
C ARG A 86 -45.12 35.00 33.99
N GLU A 87 -44.30 35.93 34.45
CA GLU A 87 -44.60 37.35 34.33
C GLU A 87 -44.63 37.80 32.87
N GLN A 88 -43.61 37.40 32.11
CA GLN A 88 -43.51 37.79 30.71
C GLN A 88 -44.28 36.84 29.78
N GLN A 89 -44.76 35.74 30.34
CA GLN A 89 -45.46 34.70 29.56
C GLN A 89 -44.59 34.19 28.43
N LYS A 90 -43.31 33.95 28.73
CA LYS A 90 -42.36 33.47 27.74
C LYS A 90 -41.67 32.20 28.21
N VAL A 91 -41.48 31.25 27.28
CA VAL A 91 -40.74 30.03 27.58
C VAL A 91 -39.40 30.04 26.86
N THR A 92 -38.32 29.89 27.64
CA THR A 92 -36.97 29.91 27.09
C THR A 92 -36.49 28.52 26.73
N LEU A 93 -35.94 28.39 25.52
CA LEU A 93 -35.43 27.11 25.05
C LEU A 93 -33.92 27.20 24.86
N GLN A 94 -33.27 26.07 24.65
CA GLN A 94 -31.83 26.05 24.42
C GLN A 94 -31.48 26.75 23.11
N ASN A 95 -32.32 26.58 22.10
CA ASN A 95 -32.07 27.15 20.78
C ASN A 95 -33.15 28.14 20.33
N GLY A 96 -33.90 28.70 21.28
CA GLY A 96 -34.95 29.64 20.92
C GLY A 96 -35.83 30.14 22.04
N GLU A 97 -36.90 30.85 21.67
CA GLU A 97 -37.88 31.37 22.62
C GLU A 97 -39.30 31.25 22.07
N LEU A 98 -40.27 31.12 22.98
CA LEU A 98 -41.67 31.00 22.58
C LEU A 98 -42.57 31.86 23.44
N HIS A 99 -43.68 32.30 22.85
CA HIS A 99 -44.64 33.15 23.54
C HIS A 99 -45.98 32.42 23.63
N TYR A 100 -46.65 32.50 24.77
CA TYR A 100 -47.92 31.78 24.92
C TYR A 100 -49.04 32.63 25.48
N ASP A 101 -50.23 32.44 24.94
CA ASP A 101 -51.44 32.89 25.61
C ASP A 101 -51.81 31.87 26.67
N TYR A 102 -51.68 30.59 26.31
CA TYR A 102 -51.94 29.50 27.25
C TYR A 102 -50.79 28.50 27.26
N LEU A 103 -50.46 28.02 28.45
CA LEU A 103 -49.35 27.11 28.63
C LEU A 103 -49.80 25.80 29.28
N VAL A 104 -49.42 24.69 28.66
CA VAL A 104 -49.66 23.37 29.25
C VAL A 104 -48.34 22.71 29.61
N VAL A 105 -48.17 22.38 30.88
CA VAL A 105 -46.90 21.83 31.35
C VAL A 105 -47.00 20.33 31.61
N GLY A 106 -46.34 19.55 30.76
CA GLY A 106 -46.26 18.11 30.95
C GLY A 106 -44.84 17.65 30.71
N LEU A 107 -43.92 18.13 31.53
CA LEU A 107 -42.50 17.87 31.36
C LEU A 107 -42.08 16.57 32.03
N GLY A 108 -43.04 15.92 32.69
CA GLY A 108 -42.80 14.61 33.29
C GLY A 108 -42.04 14.67 34.60
N SER A 109 -41.55 13.51 35.02
CA SER A 109 -40.85 13.38 36.29
C SER A 109 -39.34 13.53 36.15
N GLU A 110 -38.69 13.63 37.32
CA GLU A 110 -37.24 13.52 37.42
C GLU A 110 -36.96 12.54 38.55
N PRO A 111 -35.81 11.86 38.51
CA PRO A 111 -35.48 10.93 39.60
C PRO A 111 -35.33 11.66 40.93
N GLU A 112 -35.78 11.02 42.01
CA GLU A 112 -35.63 11.58 43.34
C GLU A 112 -34.59 10.76 44.10
N THR A 113 -33.45 11.40 44.39
CA THR A 113 -32.33 10.71 44.99
C THR A 113 -32.21 11.00 46.49
N PHE A 114 -33.04 11.90 46.98
CA PHE A 114 -33.13 12.22 48.41
C PHE A 114 -31.80 12.72 48.96
N GLY A 115 -30.94 13.22 48.08
CA GLY A 115 -29.66 13.76 48.48
C GLY A 115 -28.64 12.67 48.76
N ILE A 116 -29.01 11.42 48.48
CA ILE A 116 -28.11 10.30 48.70
C ILE A 116 -26.87 10.42 47.83
N GLU A 117 -25.71 10.22 48.46
CA GLU A 117 -24.42 10.50 47.84
C GLU A 117 -24.04 9.49 46.77
N GLY A 118 -23.71 9.99 45.59
CA GLY A 118 -23.21 9.17 44.50
C GLY A 118 -24.29 8.60 43.60
N LEU A 119 -25.54 8.74 44.03
CA LEU A 119 -26.67 8.16 43.30
C LEU A 119 -26.78 8.77 41.90
N ARG A 120 -26.67 10.09 41.82
CA ARG A 120 -26.74 10.78 40.54
C ARG A 120 -25.56 10.39 39.67
N GLU A 121 -24.37 10.36 40.27
CA GLU A 121 -23.15 10.07 39.54
C GLU A 121 -23.01 8.61 39.10
N HIS A 122 -23.30 7.67 40.00
CA HIS A 122 -22.93 6.28 39.74
C HIS A 122 -24.10 5.30 39.55
N ALA A 123 -25.32 5.80 39.48
CA ALA A 123 -26.48 4.93 39.30
C ALA A 123 -27.30 5.28 38.07
N PHE A 124 -28.11 4.34 37.62
CA PHE A 124 -28.89 4.50 36.40
C PHE A 124 -30.38 4.71 36.70
N SER A 125 -31.10 5.31 35.76
CA SER A 125 -32.54 5.53 35.90
C SER A 125 -33.30 5.02 34.68
N ILE A 126 -34.47 4.44 34.91
CA ILE A 126 -35.34 3.99 33.83
C ILE A 126 -36.37 5.08 33.52
N ASN A 127 -35.97 6.09 32.74
CA ASN A 127 -36.87 7.21 32.45
C ASN A 127 -36.86 7.72 31.00
N SER A 128 -36.09 7.09 30.12
CA SER A 128 -36.08 7.49 28.71
C SER A 128 -35.55 6.38 27.82
N ILE A 129 -35.69 6.55 26.51
CA ILE A 129 -35.15 5.62 25.54
C ILE A 129 -33.62 5.61 25.61
N ASN A 130 -33.03 6.79 25.79
CA ASN A 130 -31.59 6.90 25.93
C ASN A 130 -31.09 6.15 27.16
N SER A 131 -31.79 6.34 28.28
CA SER A 131 -31.36 5.74 29.53
C SER A 131 -31.47 4.22 29.52
N VAL A 132 -32.55 3.69 28.95
CA VAL A 132 -32.76 2.25 28.93
C VAL A 132 -31.77 1.52 27.99
N ARG A 133 -31.37 2.18 26.90
CA ARG A 133 -30.34 1.62 26.04
C ARG A 133 -29.01 1.60 26.77
N ILE A 134 -28.75 2.67 27.52
CA ILE A 134 -27.53 2.78 28.31
C ILE A 134 -27.47 1.69 29.39
N ILE A 135 -28.59 1.47 30.09
CA ILE A 135 -28.64 0.42 31.10
C ILE A 135 -28.42 -0.95 30.50
N ARG A 136 -29.10 -1.22 29.39
CA ARG A 136 -29.04 -2.51 28.74
C ARG A 136 -27.63 -2.85 28.26
N GLN A 137 -27.00 -1.91 27.57
CA GLN A 137 -25.65 -2.10 27.05
C GLN A 137 -24.62 -2.17 28.18
N HIS A 138 -24.89 -1.45 29.26
CA HIS A 138 -24.01 -1.48 30.42
C HIS A 138 -23.95 -2.87 31.02
N ILE A 139 -25.12 -3.46 31.23
CA ILE A 139 -25.22 -4.79 31.83
C ILE A 139 -24.55 -5.85 30.97
N GLU A 140 -24.83 -5.82 29.67
CA GLU A 140 -24.24 -6.80 28.76
C GLU A 140 -22.72 -6.64 28.69
N TYR A 141 -22.26 -5.41 28.89
CA TYR A 141 -20.82 -5.15 28.94
C TYR A 141 -20.19 -5.82 30.15
N GLN A 142 -20.85 -5.74 31.30
CA GLN A 142 -20.33 -6.35 32.52
C GLN A 142 -20.26 -7.87 32.39
N PHE A 143 -21.30 -8.46 31.80
CA PHE A 143 -21.35 -9.90 31.62
C PHE A 143 -20.28 -10.38 30.65
N ALA A 144 -19.99 -9.55 29.65
CA ALA A 144 -18.95 -9.84 28.67
C ALA A 144 -17.57 -9.86 29.35
N LYS A 145 -17.38 -8.97 30.30
CA LYS A 145 -16.12 -8.86 31.02
C LYS A 145 -15.85 -10.04 31.96
N PHE A 146 -16.91 -10.70 32.39
CA PHE A 146 -16.81 -11.72 33.43
C PHE A 146 -15.99 -12.95 33.06
N ALA A 147 -16.16 -13.45 31.84
CA ALA A 147 -15.50 -14.70 31.43
C ALA A 147 -13.98 -14.58 31.53
N ALA A 148 -13.45 -13.40 31.17
CA ALA A 148 -12.03 -13.12 31.29
C ALA A 148 -11.60 -12.94 32.77
N GLU A 149 -12.54 -12.51 33.61
CA GLU A 149 -12.24 -12.24 35.01
C GLU A 149 -13.23 -12.95 35.94
N PRO A 150 -13.09 -14.28 36.09
CA PRO A 150 -14.07 -15.09 36.82
C PRO A 150 -14.23 -14.73 38.30
N GLU A 151 -13.22 -14.10 38.90
CA GLU A 151 -13.29 -13.74 40.31
C GLU A 151 -14.25 -12.57 40.57
N ARG A 152 -14.45 -11.74 39.56
CA ARG A 152 -15.28 -10.53 39.71
C ARG A 152 -16.77 -10.81 39.55
N THR A 153 -17.38 -11.36 40.59
CA THR A 153 -18.80 -11.68 40.55
C THR A 153 -19.66 -10.42 40.67
N ASP A 154 -19.03 -9.30 41.00
CA ASP A 154 -19.74 -8.02 41.07
C ASP A 154 -20.20 -7.59 39.67
N TYR A 155 -19.55 -8.12 38.65
CA TYR A 155 -19.99 -7.91 37.27
C TYR A 155 -21.38 -8.53 37.08
N LEU A 156 -21.64 -9.60 37.83
CA LEU A 156 -22.86 -10.38 37.71
C LEU A 156 -23.91 -9.98 38.75
N THR A 157 -23.61 -8.94 39.51
CA THR A 157 -24.53 -8.48 40.55
C THR A 157 -25.22 -7.19 40.12
N ILE A 158 -26.55 -7.21 40.12
CA ILE A 158 -27.34 -6.03 39.78
C ILE A 158 -28.19 -5.59 40.96
N VAL A 159 -27.96 -4.37 41.42
CA VAL A 159 -28.74 -3.83 42.53
C VAL A 159 -29.80 -2.86 42.03
N VAL A 160 -31.05 -3.16 42.37
CA VAL A 160 -32.16 -2.29 42.04
C VAL A 160 -32.67 -1.65 43.31
N GLY A 161 -32.49 -0.33 43.42
CA GLY A 161 -32.84 0.36 44.65
C GLY A 161 -34.28 0.84 44.64
N GLY A 162 -35.05 0.36 45.60
CA GLY A 162 -36.46 0.68 45.68
C GLY A 162 -37.31 -0.44 45.11
N ALA A 163 -38.23 -0.94 45.92
CA ALA A 163 -39.08 -2.06 45.53
C ALA A 163 -40.50 -1.60 45.26
N GLY A 164 -40.63 -0.46 44.58
CA GLY A 164 -41.94 0.01 44.17
C GLY A 164 -42.32 -0.71 42.89
N PHE A 165 -43.34 -0.21 42.20
CA PHE A 165 -43.83 -0.83 40.98
C PHE A 165 -42.75 -0.88 39.90
N THR A 166 -42.00 0.19 39.75
CA THR A 166 -40.97 0.27 38.72
C THR A 166 -39.85 -0.75 38.99
N GLY A 167 -39.39 -0.81 40.22
CA GLY A 167 -38.33 -1.74 40.59
C GLY A 167 -38.75 -3.18 40.42
N ILE A 168 -39.97 -3.49 40.86
CA ILE A 168 -40.50 -4.85 40.77
C ILE A 168 -40.69 -5.31 39.33
N GLU A 169 -41.24 -4.44 38.48
CA GLU A 169 -41.42 -4.79 37.07
C GLU A 169 -40.07 -4.99 36.39
N PHE A 170 -39.09 -4.15 36.76
CA PHE A 170 -37.77 -4.23 36.15
C PHE A 170 -37.03 -5.52 36.50
N VAL A 171 -37.00 -5.88 37.78
CA VAL A 171 -36.32 -7.11 38.20
C VAL A 171 -37.01 -8.34 37.62
N GLY A 172 -38.30 -8.19 37.34
CA GLY A 172 -39.07 -9.26 36.70
C GLY A 172 -38.57 -9.50 35.28
N GLU A 173 -38.36 -8.41 34.54
CA GLU A 173 -37.80 -8.50 33.20
C GLU A 173 -36.37 -9.01 33.25
N LEU A 174 -35.63 -8.56 34.25
CA LEU A 174 -34.23 -8.93 34.46
C LEU A 174 -34.11 -10.43 34.71
N ALA A 175 -35.02 -10.97 35.52
CA ALA A 175 -35.01 -12.38 35.87
C ALA A 175 -35.26 -13.26 34.64
N ASP A 176 -36.16 -12.80 33.77
CA ASP A 176 -36.46 -13.51 32.52
C ASP A 176 -35.29 -13.49 31.54
N ARG A 177 -34.56 -12.39 31.51
CA ARG A 177 -33.47 -12.19 30.56
C ARG A 177 -32.23 -13.05 30.86
N MET A 178 -32.05 -13.37 32.14
CA MET A 178 -30.81 -14.01 32.61
C MET A 178 -30.39 -15.32 31.93
N PRO A 179 -31.35 -16.22 31.64
CA PRO A 179 -30.91 -17.45 30.96
C PRO A 179 -30.26 -17.20 29.60
N GLU A 180 -30.88 -16.38 28.77
CA GLU A 180 -30.32 -16.04 27.46
C GLU A 180 -29.01 -15.28 27.60
N LEU A 181 -28.97 -14.35 28.55
CA LEU A 181 -27.79 -13.53 28.77
C LEU A 181 -26.60 -14.36 29.25
N CYS A 182 -26.86 -15.33 30.11
CA CYS A 182 -25.80 -16.19 30.63
C CYS A 182 -25.24 -17.09 29.54
N ALA A 183 -26.13 -17.59 28.68
CA ALA A 183 -25.72 -18.44 27.57
C ALA A 183 -24.83 -17.68 26.58
N GLU A 184 -25.18 -16.43 26.34
CA GLU A 184 -24.44 -15.59 25.42
C GLU A 184 -23.00 -15.32 25.86
N TYR A 185 -22.78 -15.20 27.16
CA TYR A 185 -21.46 -14.84 27.67
C TYR A 185 -20.81 -15.93 28.52
N ASP A 186 -21.27 -17.18 28.36
CA ASP A 186 -20.68 -18.33 29.03
C ASP A 186 -20.64 -18.13 30.54
N VAL A 187 -21.73 -17.64 31.10
CA VAL A 187 -21.80 -17.33 32.52
C VAL A 187 -22.58 -18.40 33.27
N ASP A 188 -22.08 -18.78 34.45
CA ASP A 188 -22.78 -19.72 35.32
C ASP A 188 -23.94 -18.99 35.98
N PRO A 189 -25.18 -19.40 35.66
CA PRO A 189 -26.39 -18.70 36.10
C PRO A 189 -26.49 -18.56 37.61
N LYS A 190 -25.92 -19.52 38.33
CA LYS A 190 -26.00 -19.52 39.79
C LYS A 190 -25.20 -18.37 40.42
N LEU A 191 -24.19 -17.86 39.71
CA LEU A 191 -23.39 -16.75 40.20
C LEU A 191 -24.10 -15.41 40.07
N VAL A 192 -25.13 -15.35 39.22
CA VAL A 192 -25.85 -14.10 38.98
C VAL A 192 -26.68 -13.70 40.19
N ARG A 193 -26.55 -12.45 40.62
CA ARG A 193 -27.33 -11.93 41.74
C ARG A 193 -28.15 -10.71 41.35
N ILE A 194 -29.47 -10.84 41.40
CA ILE A 194 -30.35 -9.70 41.21
C ILE A 194 -30.93 -9.32 42.57
N ILE A 195 -30.52 -8.16 43.07
CA ILE A 195 -30.89 -7.76 44.43
C ILE A 195 -31.79 -6.53 44.41
N ASN A 196 -32.98 -6.68 44.99
CA ASN A 196 -33.93 -5.58 45.08
C ASN A 196 -33.95 -5.06 46.52
N VAL A 197 -33.49 -3.83 46.70
CA VAL A 197 -33.28 -3.28 48.04
C VAL A 197 -34.34 -2.24 48.37
N GLU A 198 -35.10 -2.50 49.43
CA GLU A 198 -36.18 -1.60 49.83
C GLU A 198 -36.02 -1.10 51.26
N ALA A 199 -36.10 0.22 51.44
CA ALA A 199 -36.01 0.83 52.75
C ALA A 199 -37.25 0.50 53.60
N ALA A 200 -38.40 0.42 52.95
CA ALA A 200 -39.67 0.17 53.64
C ALA A 200 -39.71 -1.24 54.23
N PRO A 201 -40.56 -1.46 55.25
CA PRO A 201 -40.64 -2.78 55.89
C PRO A 201 -41.07 -3.89 54.95
N THR A 202 -41.81 -3.56 53.90
CA THR A 202 -42.27 -4.57 52.94
C THR A 202 -42.04 -4.15 51.50
N VAL A 203 -41.98 -5.14 50.61
CA VAL A 203 -41.93 -4.89 49.18
C VAL A 203 -43.28 -4.32 48.76
N LEU A 204 -43.26 -3.36 47.84
CA LEU A 204 -44.48 -2.71 47.35
C LEU A 204 -45.30 -2.14 48.52
N PRO A 205 -44.73 -1.20 49.26
CA PRO A 205 -45.39 -0.67 50.47
C PRO A 205 -46.73 -0.01 50.17
N GLY A 206 -47.74 -0.26 51.00
CA GLY A 206 -49.05 0.31 50.81
C GLY A 206 -49.85 -0.40 49.73
N PHE A 207 -49.46 -1.62 49.42
CA PHE A 207 -50.16 -2.44 48.44
C PHE A 207 -50.74 -3.69 49.11
N ASP A 208 -51.65 -4.37 48.42
CA ASP A 208 -52.33 -5.52 48.99
C ASP A 208 -51.36 -6.67 49.26
N PRO A 209 -51.33 -7.15 50.52
CA PRO A 209 -50.41 -8.18 51.00
C PRO A 209 -50.49 -9.50 50.23
N ALA A 210 -51.67 -9.86 49.76
CA ALA A 210 -51.84 -11.10 49.00
C ALA A 210 -51.08 -11.03 47.68
N LEU A 211 -51.18 -9.89 47.01
CA LEU A 211 -50.46 -9.68 45.77
C LEU A 211 -48.96 -9.55 45.99
N VAL A 212 -48.57 -8.84 47.04
CA VAL A 212 -47.17 -8.64 47.37
C VAL A 212 -46.47 -9.96 47.68
N ASN A 213 -47.10 -10.79 48.51
CA ASN A 213 -46.54 -12.09 48.87
C ASN A 213 -46.44 -12.98 47.65
N TYR A 214 -47.42 -12.89 46.77
CA TYR A 214 -47.41 -13.62 45.51
C TYR A 214 -46.25 -13.19 44.63
N ALA A 215 -46.05 -11.87 44.54
CA ALA A 215 -45.00 -11.31 43.71
C ALA A 215 -43.62 -11.75 44.19
N MET A 216 -43.40 -11.68 45.50
CA MET A 216 -42.13 -12.10 46.08
C MET A 216 -41.85 -13.59 45.85
N ASP A 217 -42.90 -14.40 45.91
CA ASP A 217 -42.77 -15.84 45.69
C ASP A 217 -42.36 -16.13 44.25
N VAL A 218 -43.02 -15.49 43.31
CA VAL A 218 -42.71 -15.65 41.89
C VAL A 218 -41.31 -15.17 41.56
N LEU A 219 -40.99 -13.95 41.98
CA LEU A 219 -39.69 -13.35 41.71
C LEU A 219 -38.57 -14.11 42.43
N GLY A 220 -38.85 -14.55 43.64
CA GLY A 220 -37.90 -15.35 44.40
C GLY A 220 -37.60 -16.66 43.70
N GLY A 221 -38.62 -17.21 43.04
CA GLY A 221 -38.47 -18.43 42.28
C GLY A 221 -37.50 -18.26 41.12
N LYS A 222 -37.46 -17.05 40.56
CA LYS A 222 -36.58 -16.77 39.43
C LYS A 222 -35.22 -16.27 39.86
N GLY A 223 -34.95 -16.33 41.17
CA GLY A 223 -33.63 -16.01 41.68
C GLY A 223 -33.43 -14.56 42.13
N VAL A 224 -34.51 -13.79 42.16
CA VAL A 224 -34.42 -12.41 42.64
C VAL A 224 -34.31 -12.37 44.16
N GLU A 225 -33.40 -11.55 44.67
CA GLU A 225 -33.22 -11.40 46.11
C GLU A 225 -33.87 -10.12 46.61
N PHE A 226 -34.47 -10.19 47.79
CA PHE A 226 -35.11 -9.01 48.37
C PHE A 226 -34.49 -8.65 49.71
N LYS A 227 -34.11 -7.38 49.83
CA LYS A 227 -33.65 -6.86 51.11
C LYS A 227 -34.60 -5.75 51.54
N ILE A 228 -35.36 -6.02 52.59
CA ILE A 228 -36.40 -5.12 53.05
C ILE A 228 -36.02 -4.52 54.39
N GLY A 229 -36.51 -3.31 54.65
CA GLY A 229 -36.12 -2.57 55.85
C GLY A 229 -34.67 -2.16 55.73
N THR A 230 -34.15 -2.21 54.51
CA THR A 230 -32.75 -1.90 54.26
C THR A 230 -32.64 -0.70 53.34
N PRO A 231 -32.25 0.47 53.89
CA PRO A 231 -32.07 1.67 53.06
C PRO A 231 -30.69 1.72 52.42
N ILE A 232 -30.56 2.50 51.34
CA ILE A 232 -29.28 2.71 50.71
C ILE A 232 -28.68 4.03 51.19
N LYS A 233 -27.63 3.93 52.01
CA LYS A 233 -26.99 5.11 52.57
C LYS A 233 -26.26 5.92 51.50
N ARG A 234 -25.50 5.24 50.66
CA ARG A 234 -24.77 5.91 49.58
C ARG A 234 -24.38 4.96 48.45
N CYS A 235 -24.04 5.53 47.30
CA CYS A 235 -23.70 4.78 46.11
C CYS A 235 -22.28 5.08 45.65
N THR A 236 -21.56 4.02 45.29
CA THR A 236 -20.16 4.13 44.87
C THR A 236 -19.98 3.50 43.50
N PRO A 237 -18.83 3.75 42.83
CA PRO A 237 -18.59 3.06 41.56
C PRO A 237 -18.53 1.54 41.72
N GLU A 238 -18.11 1.09 42.90
CA GLU A 238 -17.99 -0.33 43.19
C GLU A 238 -19.34 -0.97 43.53
N GLY A 239 -20.32 -0.15 43.89
CA GLY A 239 -21.61 -0.65 44.32
C GLY A 239 -22.35 0.29 45.25
N VAL A 240 -23.08 -0.27 46.20
CA VAL A 240 -23.83 0.55 47.14
C VAL A 240 -23.50 0.19 48.58
N VAL A 241 -23.73 1.13 49.48
CA VAL A 241 -23.62 0.88 50.91
C VAL A 241 -25.01 0.88 51.51
N ILE A 242 -25.33 -0.17 52.26
CA ILE A 242 -26.66 -0.32 52.83
C ILE A 242 -26.58 -0.42 54.36
N GLU A 243 -27.71 -0.18 55.00
CA GLU A 243 -27.78 -0.17 56.46
C GLU A 243 -28.50 -1.42 56.97
N VAL A 244 -27.74 -2.34 57.54
CA VAL A 244 -28.29 -3.59 58.07
C VAL A 244 -28.04 -3.75 59.57
N ASP A 245 -29.14 -3.86 60.33
CA ASP A 245 -29.07 -4.03 61.78
C ASP A 245 -28.27 -2.92 62.46
N GLY A 246 -28.47 -1.69 61.98
CA GLY A 246 -27.81 -0.54 62.55
C GLY A 246 -26.34 -0.43 62.19
N GLU A 247 -25.88 -1.33 61.33
CA GLU A 247 -24.49 -1.34 60.89
C GLU A 247 -24.41 -1.23 59.37
N GLU A 248 -23.44 -0.45 58.89
CA GLU A 248 -23.22 -0.30 57.46
C GLU A 248 -22.69 -1.59 56.84
N GLU A 249 -23.16 -1.90 55.64
CA GLU A 249 -22.68 -3.05 54.90
C GLU A 249 -22.54 -2.66 53.44
N GLU A 250 -21.61 -3.30 52.73
CA GLU A 250 -21.33 -2.93 51.36
C GLU A 250 -21.73 -4.05 50.39
N ILE A 251 -22.38 -3.66 49.30
CA ILE A 251 -22.64 -4.59 48.21
C ILE A 251 -21.84 -4.18 46.97
N LYS A 252 -20.98 -5.09 46.52
CA LYS A 252 -20.18 -4.83 45.34
C LYS A 252 -20.99 -5.21 44.11
N ALA A 253 -21.39 -4.21 43.34
CA ALA A 253 -22.20 -4.44 42.15
C ALA A 253 -21.76 -3.51 41.04
N ALA A 254 -21.51 -4.08 39.87
CA ALA A 254 -21.11 -3.29 38.71
C ALA A 254 -22.28 -2.45 38.21
N THR A 255 -23.49 -2.90 38.49
CA THR A 255 -24.69 -2.19 38.02
C THR A 255 -25.64 -1.84 39.16
N VAL A 256 -25.93 -0.55 39.29
CA VAL A 256 -26.91 -0.08 40.26
C VAL A 256 -27.99 0.71 39.55
N VAL A 257 -29.24 0.25 39.66
CA VAL A 257 -30.36 0.93 39.02
C VAL A 257 -31.25 1.53 40.09
N TRP A 258 -31.51 2.82 39.97
CA TRP A 258 -32.26 3.52 41.00
C TRP A 258 -33.73 3.67 40.62
N THR A 259 -34.58 2.99 41.37
CA THR A 259 -36.02 3.05 41.19
C THR A 259 -36.67 3.51 42.49
N GLY A 260 -35.92 4.30 43.26
CA GLY A 260 -36.32 4.71 44.59
C GLY A 260 -37.43 5.75 44.68
N GLY A 261 -37.52 6.62 43.68
CA GLY A 261 -38.57 7.62 43.67
C GLY A 261 -38.50 8.60 42.53
N VAL A 262 -39.59 9.31 42.29
CA VAL A 262 -39.63 10.35 41.27
C VAL A 262 -40.18 11.64 41.86
N ARG A 263 -39.89 12.75 41.19
CA ARG A 263 -40.41 14.05 41.58
C ARG A 263 -40.74 14.84 40.33
N GLY A 264 -41.45 15.96 40.50
CA GLY A 264 -41.78 16.81 39.37
C GLY A 264 -40.54 17.41 38.74
N ASN A 265 -40.61 17.72 37.46
CA ASN A 265 -39.47 18.28 36.74
C ASN A 265 -39.03 19.58 37.42
N SER A 266 -37.72 19.71 37.63
CA SER A 266 -37.19 20.81 38.44
C SER A 266 -37.38 22.17 37.79
N ILE A 267 -37.64 22.18 36.48
CA ILE A 267 -37.89 23.41 35.74
C ILE A 267 -39.10 24.14 36.32
N VAL A 268 -40.11 23.36 36.70
CA VAL A 268 -41.33 23.91 37.26
C VAL A 268 -41.07 24.64 38.57
N GLU A 269 -40.38 23.99 39.49
CA GLU A 269 -40.05 24.60 40.77
C GLU A 269 -39.11 25.80 40.57
N LYS A 270 -38.16 25.66 39.66
CA LYS A 270 -37.20 26.72 39.38
C LYS A 270 -37.88 27.95 38.79
N SER A 271 -39.04 27.76 38.17
CA SER A 271 -39.76 28.86 37.54
C SER A 271 -40.60 29.65 38.54
N GLY A 272 -40.51 29.27 39.81
CA GLY A 272 -41.14 30.01 40.88
C GLY A 272 -42.52 29.54 41.33
N PHE A 273 -42.97 28.39 40.81
CA PHE A 273 -44.22 27.81 41.29
C PHE A 273 -44.02 27.23 42.69
N GLU A 274 -45.07 27.22 43.49
CA GLU A 274 -45.03 26.58 44.79
C GLU A 274 -45.33 25.10 44.62
N THR A 275 -44.41 24.25 45.06
CA THR A 275 -44.52 22.83 44.79
C THR A 275 -44.29 21.95 46.00
N MET A 276 -44.90 20.77 45.98
CA MET A 276 -44.65 19.73 46.95
C MET A 276 -44.02 18.54 46.23
N ARG A 277 -42.77 18.23 46.58
CA ARG A 277 -42.00 17.19 45.90
C ARG A 277 -41.92 17.48 44.41
N GLY A 278 -41.80 18.76 44.06
CA GLY A 278 -41.63 19.17 42.68
C GLY A 278 -42.91 19.26 41.89
N ARG A 279 -44.03 18.92 42.52
CA ARG A 279 -45.32 18.89 41.82
C ARG A 279 -46.22 20.04 42.25
N ILE A 280 -47.06 20.51 41.33
CA ILE A 280 -47.98 21.59 41.63
C ILE A 280 -49.36 21.05 42.01
N LYS A 281 -49.86 21.48 43.17
CA LYS A 281 -51.18 21.10 43.61
C LYS A 281 -52.20 21.99 42.90
N VAL A 282 -52.69 21.52 41.77
CA VAL A 282 -53.54 22.31 40.89
C VAL A 282 -54.95 22.49 41.44
N ASP A 283 -55.69 23.42 40.85
CA ASP A 283 -57.08 23.65 41.22
C ASP A 283 -57.98 22.62 40.53
N PRO A 284 -59.31 22.63 40.82
CA PRO A 284 -60.18 21.64 40.18
C PRO A 284 -60.18 21.66 38.64
N TYR A 285 -59.64 22.70 38.03
CA TYR A 285 -59.57 22.79 36.58
C TYR A 285 -58.17 22.48 36.06
N LEU A 286 -57.35 21.91 36.93
CA LEU A 286 -55.97 21.48 36.61
C LEU A 286 -55.05 22.65 36.30
N ARG A 287 -55.43 23.85 36.73
CA ARG A 287 -54.59 25.03 36.51
C ARG A 287 -53.70 25.26 37.72
N ALA A 288 -52.54 25.87 37.48
CA ALA A 288 -51.65 26.26 38.58
C ALA A 288 -52.28 27.40 39.36
N PRO A 289 -52.21 27.33 40.70
CA PRO A 289 -52.81 28.35 41.57
C PRO A 289 -52.28 29.75 41.30
N GLY A 290 -53.21 30.70 41.13
CA GLY A 290 -52.85 32.08 40.84
C GLY A 290 -52.63 32.37 39.37
N HIS A 291 -52.87 31.37 38.53
CA HIS A 291 -52.78 31.53 37.08
C HIS A 291 -54.02 30.97 36.38
N GLU A 292 -54.62 31.78 35.52
CA GLU A 292 -55.82 31.35 34.79
C GLU A 292 -55.47 30.77 33.43
N ASN A 293 -54.24 30.99 32.97
CA ASN A 293 -53.84 30.56 31.63
C ASN A 293 -52.86 29.39 31.62
N ILE A 294 -52.37 29.01 32.80
CA ILE A 294 -51.42 27.91 32.90
C ILE A 294 -52.07 26.61 33.40
N PHE A 295 -51.85 25.53 32.65
CA PHE A 295 -52.35 24.21 33.03
C PHE A 295 -51.21 23.25 33.32
N ILE A 296 -51.41 22.36 34.28
CA ILE A 296 -50.40 21.37 34.65
C ILE A 296 -50.95 19.96 34.51
N VAL A 297 -50.22 19.09 33.82
CA VAL A 297 -50.68 17.73 33.56
C VAL A 297 -49.62 16.69 33.90
N GLY A 298 -50.05 15.43 34.01
CA GLY A 298 -49.16 14.33 34.27
C GLY A 298 -48.48 14.38 35.62
N ASP A 299 -47.22 13.93 35.65
CA ASP A 299 -46.47 13.81 36.89
C ASP A 299 -46.15 15.16 37.52
N CYS A 300 -46.17 16.22 36.72
CA CYS A 300 -45.97 17.57 37.24
C CYS A 300 -47.17 18.01 38.10
N ALA A 301 -48.33 17.43 37.82
CA ALA A 301 -49.56 17.80 38.52
C ALA A 301 -49.78 16.95 39.77
N LEU A 302 -50.28 17.59 40.82
CA LEU A 302 -50.59 16.91 42.06
C LEU A 302 -52.09 16.98 42.36
N ILE A 303 -52.69 15.81 42.61
CA ILE A 303 -54.12 15.77 42.92
C ILE A 303 -54.34 15.08 44.25
N ILE A 304 -55.11 15.72 45.13
CA ILE A 304 -55.40 15.15 46.43
C ILE A 304 -56.75 14.45 46.41
N ASN A 305 -56.83 13.30 47.08
CA ASN A 305 -58.09 12.58 47.19
C ASN A 305 -58.94 13.21 48.29
N GLU A 306 -60.21 13.45 47.99
CA GLU A 306 -61.10 14.06 48.98
C GLU A 306 -61.43 13.09 50.10
N GLU A 307 -61.59 11.81 49.76
CA GLU A 307 -61.96 10.80 50.74
C GLU A 307 -60.88 10.58 51.80
N ASN A 308 -59.65 10.39 51.36
CA ASN A 308 -58.50 10.32 52.26
C ASN A 308 -57.45 11.35 51.87
N ASN A 309 -56.85 12.00 52.85
CA ASN A 309 -55.98 13.14 52.58
C ASN A 309 -54.66 12.76 51.90
N ARG A 310 -54.61 11.57 51.31
CA ARG A 310 -53.44 11.13 50.57
C ARG A 310 -53.52 11.56 49.10
N PRO A 311 -52.38 11.95 48.52
CA PRO A 311 -52.27 12.32 47.10
C PRO A 311 -52.40 11.14 46.15
N TYR A 312 -52.91 11.38 44.95
CA TYR A 312 -52.93 10.36 43.91
C TYR A 312 -51.50 10.16 43.40
N PRO A 313 -51.10 8.89 43.18
CA PRO A 313 -49.75 8.64 42.69
C PRO A 313 -49.58 9.11 41.26
N PRO A 314 -48.34 9.48 40.88
CA PRO A 314 -48.10 9.92 39.51
C PRO A 314 -48.07 8.74 38.54
N THR A 315 -49.11 8.64 37.72
CA THR A 315 -49.27 7.50 36.83
C THR A 315 -49.65 7.93 35.43
N ALA A 316 -49.39 7.07 34.45
CA ALA A 316 -49.77 7.33 33.07
C ALA A 316 -51.28 7.37 32.95
N GLN A 317 -51.96 6.56 33.76
CA GLN A 317 -53.41 6.45 33.72
C GLN A 317 -54.08 7.79 34.01
N ILE A 318 -53.69 8.42 35.11
CA ILE A 318 -54.22 9.73 35.47
C ILE A 318 -53.68 10.84 34.57
N ALA A 319 -52.49 10.64 34.02
CA ALA A 319 -51.89 11.63 33.12
C ALA A 319 -52.70 11.76 31.84
N ILE A 320 -53.18 10.62 31.33
CA ILE A 320 -54.01 10.60 30.13
C ILE A 320 -55.31 11.35 30.39
N GLN A 321 -55.89 11.12 31.57
CA GLN A 321 -57.13 11.77 31.97
C GLN A 321 -56.93 13.28 32.14
N HIS A 322 -55.74 13.69 32.58
CA HIS A 322 -55.41 15.12 32.68
C HIS A 322 -55.46 15.78 31.30
N GLY A 323 -54.87 15.12 30.31
CA GLY A 323 -54.78 15.64 28.97
C GLY A 323 -56.12 15.83 28.30
N GLU A 324 -57.00 14.85 28.47
CA GLU A 324 -58.34 14.92 27.89
C GLU A 324 -59.14 16.08 28.47
N ASN A 325 -59.03 16.24 29.79
CA ASN A 325 -59.72 17.33 30.49
C ASN A 325 -59.20 18.71 30.09
N VAL A 326 -57.88 18.85 30.00
CA VAL A 326 -57.26 20.11 29.63
C VAL A 326 -57.59 20.50 28.20
N ALA A 327 -57.58 19.53 27.30
CA ALA A 327 -57.91 19.77 25.91
C ALA A 327 -59.34 20.29 25.77
N ALA A 328 -60.26 19.67 26.50
CA ALA A 328 -61.66 20.08 26.49
C ALA A 328 -61.85 21.47 27.07
N ASN A 329 -61.22 21.71 28.22
CA ASN A 329 -61.34 23.00 28.90
C ASN A 329 -60.70 24.15 28.12
N LEU A 330 -59.58 23.87 27.47
CA LEU A 330 -58.90 24.88 26.67
C LEU A 330 -59.75 25.30 25.47
N ALA A 331 -60.40 24.33 24.84
CA ALA A 331 -61.26 24.60 23.69
C ALA A 331 -62.44 25.47 24.09
N ALA A 332 -63.04 25.15 25.24
CA ALA A 332 -64.15 25.92 25.77
C ALA A 332 -63.69 27.31 26.15
N LEU A 333 -62.51 27.39 26.76
CA LEU A 333 -61.95 28.66 27.24
C LEU A 333 -61.68 29.60 26.07
N ILE A 334 -61.18 29.05 24.96
CA ILE A 334 -60.94 29.83 23.75
C ILE A 334 -62.26 30.32 23.15
N ARG A 335 -63.29 29.49 23.25
CA ARG A 335 -64.59 29.80 22.67
C ARG A 335 -65.46 30.60 23.63
N GLY A 336 -64.88 31.01 24.75
CA GLY A 336 -65.58 31.83 25.73
C GLY A 336 -66.57 31.03 26.56
N GLY A 337 -66.43 29.71 26.53
CA GLY A 337 -67.32 28.83 27.26
C GLY A 337 -66.94 28.65 28.71
N SER A 338 -67.54 27.64 29.35
CA SER A 338 -67.28 27.36 30.76
C SER A 338 -66.54 26.04 30.92
N MET A 339 -65.55 26.02 31.80
CA MET A 339 -64.73 24.84 32.04
C MET A 339 -65.48 23.79 32.85
N THR A 340 -65.06 22.53 32.71
CA THR A 340 -65.59 21.44 33.51
C THR A 340 -64.53 20.93 34.49
N PRO A 341 -64.88 20.83 35.78
CA PRO A 341 -63.93 20.35 36.79
C PRO A 341 -63.44 18.94 36.53
N PHE A 342 -62.17 18.70 36.83
CA PHE A 342 -61.56 17.38 36.63
C PHE A 342 -61.88 16.42 37.76
N LYS A 343 -62.34 15.23 37.40
CA LYS A 343 -62.52 14.15 38.36
C LYS A 343 -61.75 12.91 37.92
N PRO A 344 -60.76 12.49 38.71
CA PRO A 344 -59.98 11.31 38.34
C PRO A 344 -60.81 10.04 38.52
N HIS A 345 -60.70 9.12 37.56
CA HIS A 345 -61.36 7.83 37.65
C HIS A 345 -60.35 6.70 37.57
N ILE A 346 -59.83 6.28 38.73
CA ILE A 346 -58.78 5.28 38.77
C ILE A 346 -59.41 3.90 38.73
N ARG A 347 -59.33 3.25 37.56
CA ARG A 347 -59.89 1.91 37.37
C ARG A 347 -59.00 0.78 37.89
N GLY A 348 -57.94 1.13 38.61
CA GLY A 348 -57.03 0.12 39.12
C GLY A 348 -55.82 -0.07 38.22
N THR A 349 -54.80 -0.75 38.73
CA THR A 349 -53.58 -0.96 37.96
C THR A 349 -53.09 -2.41 38.00
N VAL A 350 -52.32 -2.79 36.97
CA VAL A 350 -51.73 -4.11 36.89
C VAL A 350 -50.21 -4.00 36.78
N ALA A 351 -49.49 -4.82 37.55
CA ALA A 351 -48.03 -4.83 37.52
C ALA A 351 -47.48 -6.12 36.92
N SER A 352 -46.67 -6.01 35.89
CA SER A 352 -46.08 -7.19 35.25
C SER A 352 -44.96 -7.80 36.09
N LEU A 353 -44.82 -9.12 36.00
CA LEU A 353 -43.74 -9.85 36.65
C LEU A 353 -43.02 -10.73 35.64
N GLY A 354 -42.33 -10.11 34.70
CA GLY A 354 -41.76 -10.84 33.58
C GLY A 354 -42.71 -10.81 32.40
N ARG A 355 -42.41 -11.59 31.37
CA ARG A 355 -43.25 -11.62 30.17
C ARG A 355 -44.61 -12.28 30.39
N ASN A 356 -44.64 -13.33 31.21
CA ASN A 356 -45.84 -14.16 31.32
C ASN A 356 -46.61 -14.11 32.65
N ASP A 357 -46.26 -13.18 33.53
CA ASP A 357 -46.92 -13.11 34.83
C ASP A 357 -47.22 -11.68 35.23
N ALA A 358 -48.20 -11.49 36.10
CA ALA A 358 -48.60 -10.16 36.54
C ALA A 358 -49.47 -10.19 37.79
N ILE A 359 -49.58 -9.02 38.45
CA ILE A 359 -50.46 -8.84 39.58
C ILE A 359 -51.23 -7.53 39.47
N GLY A 360 -52.49 -7.53 39.91
CA GLY A 360 -53.26 -6.30 39.91
C GLY A 360 -54.56 -6.35 40.69
N ILE A 361 -55.08 -5.18 41.00
CA ILE A 361 -56.43 -5.02 41.53
C ILE A 361 -57.26 -4.18 40.56
N VAL A 362 -58.16 -4.82 39.83
CA VAL A 362 -58.98 -4.10 38.87
C VAL A 362 -60.45 -4.17 39.25
N GLY A 363 -61.05 -3.01 39.50
CA GLY A 363 -62.43 -2.94 39.93
C GLY A 363 -62.65 -3.65 41.24
N GLY A 364 -61.64 -3.60 42.11
CA GLY A 364 -61.72 -4.23 43.41
C GLY A 364 -61.46 -5.72 43.37
N ARG A 365 -61.22 -6.25 42.17
CA ARG A 365 -61.00 -7.69 42.01
C ARG A 365 -59.54 -8.00 41.66
N LYS A 366 -58.96 -8.94 42.40
CA LYS A 366 -57.59 -9.38 42.20
C LYS A 366 -57.39 -10.23 40.94
N VAL A 367 -56.22 -10.10 40.33
CA VAL A 367 -55.88 -10.88 39.14
C VAL A 367 -54.46 -11.43 39.23
N TYR A 368 -54.23 -12.59 38.61
CA TYR A 368 -52.93 -13.26 38.68
C TYR A 368 -52.55 -13.87 37.34
N GLY A 369 -51.29 -14.27 37.22
CA GLY A 369 -50.82 -15.12 36.14
C GLY A 369 -51.06 -14.64 34.72
N HIS A 370 -51.35 -15.58 33.84
CA HIS A 370 -51.53 -15.30 32.41
C HIS A 370 -52.68 -14.34 32.16
N ALA A 371 -53.71 -14.42 33.00
CA ALA A 371 -54.88 -13.55 32.86
C ALA A 371 -54.52 -12.10 33.11
N ALA A 372 -53.81 -11.84 34.21
CA ALA A 372 -53.38 -10.49 34.55
C ALA A 372 -52.40 -9.96 33.51
N SER A 373 -51.55 -10.85 33.01
CA SER A 373 -50.55 -10.48 32.01
C SER A 373 -51.21 -9.99 30.72
N TRP A 374 -52.22 -10.72 30.25
CA TRP A 374 -52.98 -10.31 29.06
C TRP A 374 -53.74 -9.02 29.30
N LEU A 375 -54.22 -8.81 30.52
CA LEU A 375 -54.94 -7.59 30.85
C LEU A 375 -54.04 -6.38 30.65
N LYS A 376 -52.81 -6.45 31.17
CA LYS A 376 -51.87 -5.35 31.06
C LYS A 376 -51.54 -5.06 29.59
N LYS A 377 -51.35 -6.13 28.82
CA LYS A 377 -51.03 -5.98 27.40
C LYS A 377 -52.20 -5.34 26.66
N LEU A 378 -53.41 -5.71 27.05
CA LEU A 378 -54.62 -5.13 26.46
C LEU A 378 -54.77 -3.66 26.84
N ILE A 379 -54.51 -3.35 28.11
CA ILE A 379 -54.61 -1.98 28.60
C ILE A 379 -53.62 -1.06 27.90
N ASP A 380 -52.40 -1.54 27.73
CA ASP A 380 -51.37 -0.76 27.04
C ASP A 380 -51.69 -0.61 25.56
N MET A 381 -52.30 -1.64 24.99
CA MET A 381 -52.72 -1.63 23.59
C MET A 381 -53.81 -0.57 23.38
N ARG A 382 -54.64 -0.37 24.41
CA ARG A 382 -55.71 0.61 24.35
C ARG A 382 -55.14 2.02 24.21
N TYR A 383 -54.02 2.29 24.87
CA TYR A 383 -53.38 3.61 24.76
C TYR A 383 -52.85 3.85 23.35
N LEU A 384 -52.28 2.81 22.75
CA LEU A 384 -51.76 2.91 21.40
C LEU A 384 -52.86 3.24 20.41
N TYR A 385 -54.02 2.62 20.62
CA TYR A 385 -55.19 2.88 19.79
C TYR A 385 -55.64 4.32 19.96
N LEU A 386 -55.57 4.82 21.19
CA LEU A 386 -56.02 6.16 21.52
C LEU A 386 -55.24 7.24 20.76
N ILE A 387 -53.92 7.08 20.66
CA ILE A 387 -53.08 8.10 20.04
C ILE A 387 -52.76 7.81 18.56
N GLY A 388 -52.73 6.54 18.18
CA GLY A 388 -52.31 6.17 16.84
C GLY A 388 -53.32 5.41 16.00
N GLY A 389 -54.44 5.04 16.61
CA GLY A 389 -55.47 4.30 15.91
C GLY A 389 -55.11 2.83 15.77
N LEU A 390 -55.87 2.13 14.95
CA LEU A 390 -55.65 0.69 14.74
C LEU A 390 -54.31 0.44 14.06
N SER A 391 -53.87 1.40 13.26
CA SER A 391 -52.62 1.28 12.52
C SER A 391 -51.41 1.17 13.47
N LEU A 392 -51.40 1.99 14.51
CA LEU A 392 -50.30 1.97 15.47
C LEU A 392 -50.29 0.64 16.24
N VAL A 393 -51.47 0.13 16.56
CA VAL A 393 -51.58 -1.14 17.26
C VAL A 393 -51.01 -2.28 16.41
N LEU A 394 -51.33 -2.25 15.12
CA LEU A 394 -50.82 -3.26 14.19
C LEU A 394 -49.33 -3.09 13.92
N LYS A 395 -48.87 -1.85 13.89
CA LYS A 395 -47.46 -1.56 13.62
C LYS A 395 -46.55 -2.08 14.72
N LYS A 396 -47.12 -2.38 15.88
CA LYS A 396 -46.36 -2.93 16.99
C LYS A 396 -46.91 -4.27 17.44
N LYS B 3 2.30 -46.84 26.75
CA LYS B 3 3.31 -46.56 27.77
C LYS B 3 3.94 -45.15 27.67
N PRO B 4 4.31 -44.71 26.45
CA PRO B 4 4.85 -43.34 26.46
C PRO B 4 3.75 -42.28 26.50
N SER B 5 4.02 -41.18 27.20
CA SER B 5 3.03 -40.13 27.39
C SER B 5 3.30 -38.90 26.54
N ILE B 6 2.33 -38.52 25.71
CA ILE B 6 2.43 -37.33 24.88
C ILE B 6 1.51 -36.24 25.41
N VAL B 7 2.08 -35.07 25.70
CA VAL B 7 1.29 -33.96 26.21
C VAL B 7 1.26 -32.80 25.22
N ILE B 8 0.06 -32.39 24.83
CA ILE B 8 -0.13 -31.27 23.92
C ILE B 8 -0.73 -30.07 24.63
N LEU B 9 -0.01 -28.96 24.63
CA LEU B 9 -0.46 -27.75 25.31
C LEU B 9 -1.06 -26.73 24.35
N GLY B 10 -2.37 -26.50 24.47
CA GLY B 10 -3.06 -25.53 23.65
C GLY B 10 -3.79 -26.15 22.49
N ALA B 11 -5.11 -25.96 22.46
CA ALA B 11 -5.93 -26.54 21.40
C ALA B 11 -6.22 -25.54 20.28
N GLY B 12 -5.19 -24.83 19.85
CA GLY B 12 -5.32 -23.91 18.73
C GLY B 12 -5.10 -24.65 17.43
N TYR B 13 -4.78 -23.92 16.36
CA TYR B 13 -4.60 -24.51 15.04
C TYR B 13 -3.52 -25.59 15.06
N GLY B 14 -2.37 -25.26 15.63
CA GLY B 14 -1.27 -26.19 15.72
C GLY B 14 -1.60 -27.39 16.59
N GLY B 15 -2.14 -27.11 17.77
CA GLY B 15 -2.48 -28.14 18.73
C GLY B 15 -3.58 -29.08 18.30
N ILE B 16 -4.66 -28.53 17.76
CA ILE B 16 -5.80 -29.35 17.41
C ILE B 16 -5.47 -30.28 16.23
N VAL B 17 -4.69 -29.76 15.28
CA VAL B 17 -4.27 -30.54 14.14
C VAL B 17 -3.26 -31.62 14.55
N ALA B 18 -2.39 -31.29 15.48
CA ALA B 18 -1.42 -32.26 16.00
C ALA B 18 -2.13 -33.41 16.70
N ALA B 19 -3.12 -33.08 17.53
CA ALA B 19 -3.87 -34.09 18.27
C ALA B 19 -4.67 -34.98 17.33
N LEU B 20 -5.37 -34.37 16.37
CA LEU B 20 -6.15 -35.12 15.40
C LEU B 20 -5.26 -35.94 14.47
N GLY B 21 -4.07 -35.41 14.18
CA GLY B 21 -3.11 -36.10 13.35
C GLY B 21 -2.64 -37.37 14.04
N LEU B 22 -2.29 -37.25 15.33
CA LEU B 22 -1.89 -38.40 16.13
C LEU B 22 -3.04 -39.38 16.24
N GLN B 23 -4.25 -38.85 16.28
CA GLN B 23 -5.47 -39.66 16.39
C GLN B 23 -5.64 -40.58 15.18
N LYS B 24 -5.50 -40.02 13.99
CA LYS B 24 -5.62 -40.79 12.75
C LYS B 24 -4.45 -41.76 12.54
N ARG B 25 -3.24 -41.26 12.75
CA ARG B 25 -2.03 -42.03 12.47
C ARG B 25 -1.79 -43.18 13.46
N LEU B 26 -1.93 -42.90 14.76
CA LEU B 26 -1.60 -43.91 15.75
C LEU B 26 -2.76 -44.87 15.99
N ASN B 27 -2.43 -46.01 16.59
CA ASN B 27 -3.43 -47.02 16.91
C ASN B 27 -3.71 -46.98 18.41
N TYR B 28 -4.77 -47.65 18.82
CA TYR B 28 -5.19 -47.64 20.21
C TYR B 28 -4.10 -48.23 21.12
N ASN B 29 -3.82 -47.51 22.20
CA ASN B 29 -2.87 -47.92 23.25
C ASN B 29 -1.39 -47.83 22.88
N GLU B 30 -1.07 -47.32 21.70
CA GLU B 30 0.33 -47.12 21.32
C GLU B 30 1.03 -46.12 22.24
N ALA B 31 0.31 -45.08 22.61
CA ALA B 31 0.83 -44.05 23.51
C ALA B 31 -0.29 -43.36 24.27
N ASP B 32 0.08 -42.62 25.31
CA ASP B 32 -0.88 -41.84 26.07
C ASP B 32 -0.85 -40.38 25.62
N ILE B 33 -1.98 -39.87 25.14
CA ILE B 33 -2.07 -38.51 24.63
C ILE B 33 -3.01 -37.65 25.45
N THR B 34 -2.49 -36.56 26.00
CA THR B 34 -3.31 -35.62 26.78
C THR B 34 -3.33 -34.24 26.13
N LEU B 35 -4.54 -33.72 25.92
CA LEU B 35 -4.70 -32.40 25.31
C LEU B 35 -5.19 -31.39 26.34
N VAL B 36 -4.39 -30.36 26.57
CA VAL B 36 -4.69 -29.34 27.57
C VAL B 36 -5.13 -28.03 26.91
N ASN B 37 -6.25 -27.48 27.38
CA ASN B 37 -6.73 -26.19 26.86
C ASN B 37 -7.35 -25.32 27.93
N LYS B 38 -7.24 -24.00 27.74
CA LYS B 38 -7.82 -23.00 28.63
C LYS B 38 -9.33 -23.16 28.70
N ASN B 39 -9.92 -23.53 27.57
CA ASN B 39 -11.37 -23.63 27.44
C ASN B 39 -11.77 -25.00 26.90
N ASP B 40 -13.06 -25.31 26.97
CA ASP B 40 -13.56 -26.57 26.44
C ASP B 40 -13.91 -26.42 24.97
N TYR B 41 -13.62 -25.25 24.41
CA TYR B 41 -13.89 -25.01 23.00
C TYR B 41 -12.63 -24.59 22.26
N HIS B 42 -12.64 -24.81 20.94
CA HIS B 42 -11.58 -24.36 20.06
C HIS B 42 -12.14 -23.27 19.16
N TYR B 43 -11.52 -22.11 19.14
CA TYR B 43 -12.05 -21.02 18.33
C TYR B 43 -11.24 -20.77 17.06
N ILE B 44 -11.95 -20.39 16.01
CA ILE B 44 -11.33 -20.09 14.73
C ILE B 44 -10.78 -18.66 14.77
N THR B 45 -9.51 -18.55 15.14
CA THR B 45 -8.87 -17.26 15.40
C THR B 45 -8.91 -16.32 14.22
N THR B 46 -8.86 -16.87 13.02
CA THR B 46 -8.82 -16.06 11.80
C THR B 46 -10.14 -15.33 11.52
N GLU B 47 -11.21 -15.74 12.20
CA GLU B 47 -12.51 -15.13 11.99
C GLU B 47 -12.93 -14.18 13.12
N LEU B 48 -12.07 -14.05 14.13
CA LEU B 48 -12.43 -13.34 15.36
C LEU B 48 -12.70 -11.85 15.16
N HIS B 49 -12.20 -11.29 14.06
CA HIS B 49 -12.41 -9.87 13.78
C HIS B 49 -13.90 -9.56 13.56
N GLN B 50 -14.65 -10.53 13.06
CA GLN B 50 -16.07 -10.32 12.79
C GLN B 50 -16.91 -10.19 14.07
N PRO B 51 -16.79 -11.15 15.01
CA PRO B 51 -17.57 -10.93 16.24
C PRO B 51 -17.11 -9.71 17.03
N ALA B 52 -15.83 -9.36 16.93
CA ALA B 52 -15.31 -8.18 17.62
C ALA B 52 -16.02 -6.92 17.14
N ALA B 53 -16.31 -6.86 15.84
CA ALA B 53 -17.09 -5.77 15.27
C ALA B 53 -18.58 -6.00 15.46
N GLY B 54 -18.97 -7.26 15.62
CA GLY B 54 -20.38 -7.61 15.78
C GLY B 54 -21.08 -8.02 14.50
N THR B 55 -20.31 -8.15 13.42
CA THR B 55 -20.86 -8.56 12.13
C THR B 55 -21.24 -10.04 12.09
N MET B 56 -20.60 -10.85 12.93
CA MET B 56 -20.93 -12.27 13.01
C MET B 56 -20.97 -12.74 14.46
N HIS B 57 -21.91 -13.63 14.77
CA HIS B 57 -22.03 -14.15 16.13
C HIS B 57 -20.82 -15.00 16.51
N HIS B 58 -20.38 -14.88 17.76
CA HIS B 58 -19.15 -15.53 18.22
C HIS B 58 -19.25 -17.05 18.23
N ASP B 59 -20.47 -17.58 18.32
CA ASP B 59 -20.66 -19.03 18.33
C ASP B 59 -20.29 -19.65 16.99
N GLN B 60 -20.27 -18.84 15.93
CA GLN B 60 -19.88 -19.31 14.61
C GLN B 60 -18.37 -19.37 14.47
N ALA B 61 -17.66 -18.89 15.49
CA ALA B 61 -16.20 -18.86 15.46
C ALA B 61 -15.57 -19.79 16.48
N ARG B 62 -16.34 -20.74 17.00
CA ARG B 62 -15.80 -21.72 17.94
C ARG B 62 -16.54 -23.06 17.86
N VAL B 63 -15.87 -24.11 18.34
CA VAL B 63 -16.44 -25.45 18.34
C VAL B 63 -15.96 -26.22 19.57
N GLY B 64 -16.83 -27.06 20.13
CA GLY B 64 -16.49 -27.85 21.31
C GLY B 64 -15.43 -28.87 20.99
N ILE B 65 -14.40 -28.92 21.83
CA ILE B 65 -13.25 -29.79 21.60
C ILE B 65 -13.61 -31.27 21.70
N LYS B 66 -14.47 -31.62 22.64
CA LYS B 66 -14.88 -33.01 22.85
C LYS B 66 -15.58 -33.58 21.61
N GLU B 67 -16.25 -32.72 20.85
CA GLU B 67 -16.92 -33.13 19.62
C GLU B 67 -15.92 -33.55 18.55
N LEU B 68 -14.80 -32.84 18.47
CA LEU B 68 -13.79 -33.09 17.46
C LEU B 68 -12.99 -34.36 17.70
N ILE B 69 -12.60 -34.60 18.95
CA ILE B 69 -11.67 -35.68 19.26
C ILE B 69 -12.36 -36.98 19.67
N ASP B 70 -11.55 -38.01 19.87
CA ASP B 70 -12.01 -39.31 20.34
C ASP B 70 -11.59 -39.49 21.79
N GLU B 71 -12.56 -39.63 22.68
CA GLU B 71 -12.28 -39.73 24.11
C GLU B 71 -11.48 -40.98 24.44
N LYS B 72 -11.61 -42.00 23.61
CA LYS B 72 -10.84 -43.23 23.76
C LYS B 72 -9.36 -43.00 23.47
N LYS B 73 -9.08 -42.30 22.38
CA LYS B 73 -7.70 -42.03 21.97
C LYS B 73 -7.08 -40.82 22.67
N ILE B 74 -7.87 -39.76 22.84
CA ILE B 74 -7.36 -38.52 23.42
C ILE B 74 -8.09 -38.14 24.70
N LYS B 75 -7.32 -37.86 25.75
CA LYS B 75 -7.90 -37.43 27.01
C LYS B 75 -7.78 -35.91 27.12
N PHE B 76 -8.94 -35.23 27.09
CA PHE B 76 -8.96 -33.78 27.14
C PHE B 76 -8.99 -33.25 28.56
N VAL B 77 -8.15 -32.26 28.84
CA VAL B 77 -8.11 -31.61 30.13
C VAL B 77 -8.36 -30.12 29.99
N LYS B 78 -9.34 -29.60 30.70
CA LYS B 78 -9.63 -28.17 30.67
C LYS B 78 -8.95 -27.53 31.86
N ASP B 79 -7.84 -26.85 31.59
CA ASP B 79 -7.07 -26.18 32.62
C ASP B 79 -6.13 -25.17 31.99
N THR B 80 -5.46 -24.37 32.83
CA THR B 80 -4.56 -23.34 32.35
C THR B 80 -3.11 -23.68 32.69
N VAL B 81 -2.27 -23.77 31.67
CA VAL B 81 -0.86 -24.05 31.85
C VAL B 81 -0.19 -22.88 32.56
N VAL B 82 0.61 -23.18 33.58
CA VAL B 82 1.31 -22.14 34.32
C VAL B 82 2.81 -22.12 34.02
N ALA B 83 3.42 -23.29 33.99
CA ALA B 83 4.86 -23.41 33.74
C ALA B 83 5.24 -24.76 33.17
N ILE B 84 6.41 -24.82 32.55
CA ILE B 84 6.97 -26.07 32.05
C ILE B 84 8.32 -26.33 32.71
N ASP B 85 8.46 -27.50 33.32
CA ASP B 85 9.74 -27.88 33.92
C ASP B 85 10.44 -28.91 33.05
N ARG B 86 11.46 -28.44 32.33
CA ARG B 86 12.20 -29.26 31.39
C ARG B 86 12.98 -30.38 32.07
N GLU B 87 13.58 -30.06 33.22
CA GLU B 87 14.39 -31.01 33.96
C GLU B 87 13.60 -32.21 34.46
N GLN B 88 12.47 -31.93 35.11
CA GLN B 88 11.62 -32.98 35.66
C GLN B 88 10.65 -33.51 34.60
N GLN B 89 10.61 -32.85 33.45
CA GLN B 89 9.70 -33.20 32.37
C GLN B 89 8.26 -33.12 32.88
N LYS B 90 7.98 -32.06 33.63
CA LYS B 90 6.67 -31.86 34.25
C LYS B 90 6.07 -30.52 33.83
N VAL B 91 4.76 -30.52 33.60
CA VAL B 91 4.03 -29.30 33.27
C VAL B 91 3.14 -28.90 34.44
N THR B 92 3.29 -27.68 34.92
CA THR B 92 2.51 -27.19 36.05
C THR B 92 1.23 -26.48 35.60
N LEU B 93 0.11 -26.89 36.19
CA LEU B 93 -1.20 -26.30 35.88
C LEU B 93 -1.79 -25.62 37.11
N GLN B 94 -2.88 -24.88 36.91
CA GLN B 94 -3.59 -24.25 38.01
C GLN B 94 -4.28 -25.28 38.91
N ASN B 95 -4.77 -26.36 38.30
CA ASN B 95 -5.50 -27.39 39.04
C ASN B 95 -4.81 -28.75 39.02
N GLY B 96 -3.51 -28.77 38.74
CA GLY B 96 -2.81 -30.03 38.70
C GLY B 96 -1.37 -29.98 38.22
N GLU B 97 -0.81 -31.15 37.98
CA GLU B 97 0.54 -31.29 37.43
C GLU B 97 0.53 -32.44 36.44
N LEU B 98 1.37 -32.37 35.42
CA LEU B 98 1.44 -33.42 34.41
C LEU B 98 2.88 -33.76 34.05
N HIS B 99 3.12 -35.00 33.68
CA HIS B 99 4.44 -35.45 33.27
C HIS B 99 4.41 -35.94 31.83
N TYR B 100 5.46 -35.64 31.08
CA TYR B 100 5.48 -36.01 29.66
C TYR B 100 6.76 -36.73 29.30
N ASP B 101 6.63 -37.74 28.44
CA ASP B 101 7.77 -38.29 27.71
C ASP B 101 8.03 -37.40 26.50
N TYR B 102 6.94 -36.97 25.86
CA TYR B 102 7.00 -36.06 24.73
C TYR B 102 6.07 -34.87 24.94
N LEU B 103 6.54 -33.67 24.57
CA LEU B 103 5.77 -32.45 24.77
C LEU B 103 5.54 -31.66 23.48
N VAL B 104 4.29 -31.29 23.23
CA VAL B 104 3.97 -30.42 22.10
C VAL B 104 3.45 -29.08 22.61
N VAL B 105 4.14 -28.00 22.25
CA VAL B 105 3.78 -26.67 22.73
C VAL B 105 3.12 -25.83 21.64
N GLY B 106 1.84 -25.56 21.81
CA GLY B 106 1.11 -24.68 20.91
C GLY B 106 0.23 -23.71 21.67
N LEU B 107 0.86 -22.85 22.48
CA LEU B 107 0.13 -21.95 23.35
C LEU B 107 -0.24 -20.64 22.65
N GLY B 108 0.20 -20.49 21.42
CA GLY B 108 -0.17 -19.34 20.62
C GLY B 108 0.56 -18.06 20.97
N SER B 109 0.04 -16.94 20.48
CA SER B 109 0.66 -15.64 20.71
C SER B 109 0.10 -14.93 21.93
N GLU B 110 0.78 -13.85 22.28
CA GLU B 110 0.32 -12.88 23.27
C GLU B 110 0.49 -11.51 22.65
N PRO B 111 -0.30 -10.52 23.09
CA PRO B 111 -0.12 -9.19 22.50
C PRO B 111 1.27 -8.63 22.84
N GLU B 112 1.89 -7.97 21.88
CA GLU B 112 3.16 -7.30 22.13
C GLU B 112 2.95 -5.78 22.08
N THR B 113 3.14 -5.12 23.22
CA THR B 113 2.86 -3.68 23.31
C THR B 113 4.14 -2.86 23.24
N PHE B 114 5.28 -3.55 23.23
CA PHE B 114 6.59 -2.92 23.04
C PHE B 114 6.92 -1.90 24.12
N GLY B 115 6.27 -2.02 25.28
CA GLY B 115 6.54 -1.14 26.39
C GLY B 115 5.91 0.23 26.25
N ILE B 116 5.09 0.40 25.22
CA ILE B 116 4.40 1.66 25.00
C ILE B 116 3.45 1.87 26.18
N GLU B 117 3.47 3.06 26.76
CA GLU B 117 2.79 3.29 28.04
C GLU B 117 1.28 3.31 27.90
N GLY B 118 0.63 2.46 28.70
CA GLY B 118 -0.82 2.43 28.77
C GLY B 118 -1.47 1.50 27.75
N LEU B 119 -0.67 1.02 26.81
CA LEU B 119 -1.18 0.15 25.75
C LEU B 119 -1.72 -1.17 26.29
N ARG B 120 -0.97 -1.79 27.19
CA ARG B 120 -1.38 -3.05 27.78
C ARG B 120 -2.63 -2.90 28.64
N GLU B 121 -2.66 -1.87 29.48
CA GLU B 121 -3.75 -1.64 30.41
C GLU B 121 -5.04 -1.14 29.76
N HIS B 122 -4.93 -0.19 28.84
CA HIS B 122 -6.10 0.54 28.37
C HIS B 122 -6.53 0.26 26.93
N ALA B 123 -5.94 -0.74 26.30
CA ALA B 123 -6.33 -1.07 24.93
C ALA B 123 -6.83 -2.50 24.85
N PHE B 124 -7.55 -2.80 23.77
CA PHE B 124 -8.18 -4.10 23.60
C PHE B 124 -7.42 -4.94 22.59
N SER B 125 -7.57 -6.25 22.67
CA SER B 125 -6.93 -7.16 21.73
C SER B 125 -7.94 -8.14 21.14
N ILE B 126 -7.80 -8.41 19.85
CA ILE B 126 -8.63 -9.40 19.17
C ILE B 126 -7.91 -10.74 19.13
N ASN B 127 -7.97 -11.50 20.22
CA ASN B 127 -7.26 -12.78 20.28
C ASN B 127 -8.02 -13.95 20.93
N SER B 128 -9.27 -13.73 21.33
CA SER B 128 -10.05 -14.82 21.90
C SER B 128 -11.55 -14.53 21.80
N ILE B 129 -12.37 -15.54 22.10
CA ILE B 129 -13.82 -15.36 22.13
C ILE B 129 -14.22 -14.37 23.23
N ASN B 130 -13.56 -14.48 24.38
CA ASN B 130 -13.81 -13.57 25.48
C ASN B 130 -13.45 -12.13 25.11
N SER B 131 -12.30 -11.96 24.48
CA SER B 131 -11.81 -10.63 24.13
C SER B 131 -12.70 -9.93 23.10
N VAL B 132 -13.15 -10.67 22.08
CA VAL B 132 -13.99 -10.06 21.04
C VAL B 132 -15.40 -9.72 21.55
N ARG B 133 -15.93 -10.50 22.49
CA ARG B 133 -17.22 -10.17 23.10
C ARG B 133 -17.08 -8.90 23.93
N ILE B 134 -15.94 -8.77 24.61
CA ILE B 134 -15.65 -7.60 25.41
C ILE B 134 -15.54 -6.35 24.53
N ILE B 135 -14.81 -6.46 23.43
CA ILE B 135 -14.66 -5.34 22.49
C ILE B 135 -16.00 -4.94 21.89
N ARG B 136 -16.76 -5.92 21.46
CA ARG B 136 -18.04 -5.69 20.81
C ARG B 136 -19.02 -4.95 21.72
N GLN B 137 -19.18 -5.45 22.94
CA GLN B 137 -20.09 -4.84 23.91
C GLN B 137 -19.58 -3.49 24.38
N HIS B 138 -18.26 -3.32 24.41
CA HIS B 138 -17.68 -2.03 24.80
C HIS B 138 -18.09 -0.96 23.79
N ILE B 139 -17.95 -1.29 22.52
CA ILE B 139 -18.27 -0.34 21.45
C ILE B 139 -19.74 0.04 21.44
N GLU B 140 -20.62 -0.95 21.58
CA GLU B 140 -22.06 -0.69 21.60
C GLU B 140 -22.45 0.12 22.83
N TYR B 141 -21.70 -0.05 23.91
CA TYR B 141 -21.90 0.73 25.13
C TYR B 141 -21.59 2.21 24.91
N GLN B 142 -20.48 2.49 24.22
CA GLN B 142 -20.09 3.86 23.95
C GLN B 142 -21.12 4.56 23.07
N PHE B 143 -21.62 3.85 22.07
CA PHE B 143 -22.62 4.39 21.17
C PHE B 143 -23.92 4.64 21.92
N ALA B 144 -24.22 3.79 22.90
CA ALA B 144 -25.40 3.95 23.72
C ALA B 144 -25.32 5.21 24.58
N LYS B 145 -24.13 5.50 25.08
CA LYS B 145 -23.90 6.68 25.92
C LYS B 145 -23.98 7.98 25.14
N PHE B 146 -23.74 7.91 23.83
CA PHE B 146 -23.63 9.11 23.02
C PHE B 146 -24.91 9.92 22.93
N ALA B 147 -26.05 9.24 22.80
CA ALA B 147 -27.33 9.92 22.64
C ALA B 147 -27.63 10.86 23.81
N ALA B 148 -27.27 10.43 25.01
CA ALA B 148 -27.44 11.27 26.20
C ALA B 148 -26.44 12.44 26.23
N GLU B 149 -25.29 12.25 25.60
CA GLU B 149 -24.23 13.25 25.61
C GLU B 149 -23.68 13.52 24.20
N PRO B 150 -24.45 14.27 23.39
CA PRO B 150 -24.12 14.49 21.97
C PRO B 150 -22.79 15.20 21.75
N GLU B 151 -22.32 15.94 22.76
CA GLU B 151 -21.06 16.67 22.65
C GLU B 151 -19.87 15.72 22.67
N ARG B 152 -20.03 14.56 23.29
CA ARG B 152 -18.93 13.60 23.43
C ARG B 152 -18.76 12.74 22.19
N THR B 153 -18.14 13.29 21.16
CA THR B 153 -17.91 12.56 19.92
C THR B 153 -16.80 11.51 20.08
N ASP B 154 -16.07 11.60 21.19
CA ASP B 154 -15.02 10.61 21.47
C ASP B 154 -15.63 9.23 21.71
N TYR B 155 -16.91 9.20 22.09
CA TYR B 155 -17.67 7.95 22.19
C TYR B 155 -17.76 7.29 20.82
N LEU B 156 -17.77 8.12 19.78
CA LEU B 156 -17.96 7.65 18.42
C LEU B 156 -16.65 7.45 17.68
N THR B 157 -15.54 7.63 18.39
CA THR B 157 -14.23 7.48 17.78
C THR B 157 -13.57 6.18 18.20
N ILE B 158 -13.21 5.37 17.21
CA ILE B 158 -12.53 4.10 17.47
C ILE B 158 -11.14 4.13 16.85
N VAL B 159 -10.11 3.97 17.67
CA VAL B 159 -8.75 3.96 17.18
C VAL B 159 -8.22 2.53 17.11
N VAL B 160 -7.80 2.12 15.91
CA VAL B 160 -7.20 0.81 15.72
C VAL B 160 -5.71 0.97 15.45
N GLY B 161 -4.89 0.47 16.38
CA GLY B 161 -3.46 0.64 16.30
C GLY B 161 -2.80 -0.47 15.51
N GLY B 162 -2.12 -0.09 14.43
CA GLY B 162 -1.49 -1.04 13.55
C GLY B 162 -2.32 -1.32 12.31
N ALA B 163 -1.73 -1.11 11.14
CA ALA B 163 -2.42 -1.29 9.88
C ALA B 163 -1.94 -2.55 9.19
N GLY B 164 -1.75 -3.61 9.97
CA GLY B 164 -1.38 -4.90 9.44
C GLY B 164 -2.60 -5.65 8.95
N PHE B 165 -2.41 -6.96 8.73
CA PHE B 165 -3.47 -7.82 8.21
C PHE B 165 -4.70 -7.82 9.13
N THR B 166 -4.46 -7.94 10.43
CA THR B 166 -5.53 -7.97 11.43
C THR B 166 -6.28 -6.65 11.53
N GLY B 167 -5.55 -5.55 11.57
CA GLY B 167 -6.14 -4.23 11.69
C GLY B 167 -7.01 -3.88 10.50
N ILE B 168 -6.52 -4.20 9.31
CA ILE B 168 -7.25 -3.89 8.07
C ILE B 168 -8.56 -4.67 7.99
N GLU B 169 -8.52 -5.95 8.32
CA GLU B 169 -9.73 -6.77 8.33
C GLU B 169 -10.73 -6.27 9.36
N PHE B 170 -10.22 -5.84 10.51
CA PHE B 170 -11.09 -5.37 11.59
C PHE B 170 -11.83 -4.08 11.24
N VAL B 171 -11.09 -3.08 10.75
CA VAL B 171 -11.72 -1.81 10.39
C VAL B 171 -12.69 -2.00 9.22
N GLY B 172 -12.45 -3.03 8.42
CA GLY B 172 -13.35 -3.37 7.33
C GLY B 172 -14.69 -3.84 7.87
N GLU B 173 -14.64 -4.72 8.86
CA GLU B 173 -15.84 -5.22 9.52
C GLU B 173 -16.55 -4.09 10.27
N LEU B 174 -15.76 -3.21 10.86
CA LEU B 174 -16.28 -2.07 11.61
C LEU B 174 -17.08 -1.13 10.70
N ALA B 175 -16.55 -0.88 9.51
CA ALA B 175 -17.20 0.02 8.55
C ALA B 175 -18.54 -0.53 8.07
N ASP B 176 -18.62 -1.85 7.87
CA ASP B 176 -19.85 -2.49 7.47
C ASP B 176 -20.90 -2.42 8.57
N ARG B 177 -20.45 -2.53 9.82
CA ARG B 177 -21.33 -2.53 10.98
C ARG B 177 -21.96 -1.17 11.29
N MET B 178 -21.27 -0.10 10.91
CA MET B 178 -21.66 1.26 11.29
C MET B 178 -23.10 1.68 10.93
N PRO B 179 -23.60 1.30 9.73
CA PRO B 179 -24.98 1.71 9.44
C PRO B 179 -26.00 1.13 10.42
N GLU B 180 -25.91 -0.17 10.71
CA GLU B 180 -26.83 -0.81 11.66
C GLU B 180 -26.65 -0.25 13.07
N LEU B 181 -25.39 -0.01 13.44
CA LEU B 181 -25.07 0.48 14.77
C LEU B 181 -25.60 1.88 15.00
N CYS B 182 -25.50 2.74 13.99
CA CYS B 182 -25.95 4.12 14.09
C CYS B 182 -27.47 4.20 14.21
N ALA B 183 -28.16 3.35 13.46
CA ALA B 183 -29.62 3.29 13.47
C ALA B 183 -30.14 2.86 14.84
N GLU B 184 -29.45 1.90 15.44
CA GLU B 184 -29.84 1.36 16.74
C GLU B 184 -29.75 2.38 17.86
N TYR B 185 -28.77 3.28 17.79
CA TYR B 185 -28.55 4.25 18.87
C TYR B 185 -28.76 5.70 18.46
N ASP B 186 -29.50 5.92 17.37
CA ASP B 186 -29.85 7.26 16.92
C ASP B 186 -28.61 8.14 16.72
N VAL B 187 -27.59 7.56 16.07
CA VAL B 187 -26.34 8.26 15.86
C VAL B 187 -26.20 8.73 14.40
N ASP B 188 -25.72 9.95 14.23
CA ASP B 188 -25.43 10.49 12.90
C ASP B 188 -24.14 9.88 12.37
N PRO B 189 -24.23 9.10 11.29
CA PRO B 189 -23.10 8.32 10.76
C PRO B 189 -21.87 9.19 10.45
N LYS B 190 -22.08 10.45 10.10
CA LYS B 190 -20.99 11.36 9.76
C LYS B 190 -20.10 11.68 10.97
N LEU B 191 -20.67 11.56 12.16
CA LEU B 191 -19.93 11.82 13.40
C LEU B 191 -19.00 10.67 13.78
N VAL B 192 -19.23 9.49 13.23
CA VAL B 192 -18.42 8.31 13.55
C VAL B 192 -17.03 8.42 12.93
N ARG B 193 -16.01 8.17 13.75
CA ARG B 193 -14.63 8.18 13.27
C ARG B 193 -13.93 6.85 13.53
N ILE B 194 -13.57 6.16 12.46
CA ILE B 194 -12.74 4.96 12.56
C ILE B 194 -11.33 5.30 12.08
N ILE B 195 -10.39 5.30 13.01
CA ILE B 195 -9.03 5.74 12.69
C ILE B 195 -8.04 4.59 12.84
N ASN B 196 -7.34 4.28 11.76
CA ASN B 196 -6.33 3.23 11.76
C ASN B 196 -4.95 3.87 11.77
N VAL B 197 -4.21 3.67 12.87
CA VAL B 197 -2.94 4.36 13.07
C VAL B 197 -1.75 3.42 12.91
N GLU B 198 -0.89 3.74 11.96
CA GLU B 198 0.28 2.91 11.65
C GLU B 198 1.58 3.71 11.74
N ALA B 199 2.56 3.17 12.47
CA ALA B 199 3.86 3.80 12.60
C ALA B 199 4.62 3.77 11.27
N ALA B 200 4.44 2.70 10.51
CA ALA B 200 5.13 2.52 9.24
C ALA B 200 4.64 3.51 8.18
N PRO B 201 5.48 3.80 7.17
CA PRO B 201 5.15 4.79 6.12
C PRO B 201 3.94 4.43 5.28
N THR B 202 3.59 3.15 5.19
CA THR B 202 2.44 2.75 4.39
C THR B 202 1.52 1.78 5.13
N VAL B 203 0.26 1.75 4.69
CA VAL B 203 -0.71 0.76 5.16
C VAL B 203 -0.29 -0.61 4.65
N LEU B 204 -0.46 -1.63 5.48
CA LEU B 204 -0.08 -3.02 5.12
C LEU B 204 1.38 -3.12 4.71
N PRO B 205 2.31 -2.83 5.64
CA PRO B 205 3.74 -2.83 5.29
C PRO B 205 4.20 -4.20 4.82
N GLY B 206 5.03 -4.22 3.77
CA GLY B 206 5.53 -5.46 3.21
C GLY B 206 4.53 -6.18 2.33
N PHE B 207 3.53 -5.45 1.85
CA PHE B 207 2.53 -6.03 0.95
C PHE B 207 2.56 -5.34 -0.42
N ASP B 208 1.96 -5.99 -1.41
CA ASP B 208 1.94 -5.50 -2.78
C ASP B 208 1.15 -4.20 -2.85
N PRO B 209 1.77 -3.13 -3.37
CA PRO B 209 1.19 -1.78 -3.45
C PRO B 209 -0.14 -1.74 -4.22
N ALA B 210 -0.29 -2.63 -5.20
CA ALA B 210 -1.53 -2.69 -5.97
C ALA B 210 -2.70 -3.11 -5.09
N LEU B 211 -2.46 -4.10 -4.24
CA LEU B 211 -3.47 -4.56 -3.30
C LEU B 211 -3.74 -3.52 -2.21
N VAL B 212 -2.67 -2.89 -1.74
CA VAL B 212 -2.78 -1.88 -0.70
C VAL B 212 -3.62 -0.68 -1.14
N ASN B 213 -3.36 -0.20 -2.35
CA ASN B 213 -4.09 0.94 -2.89
C ASN B 213 -5.58 0.65 -3.06
N TYR B 214 -5.89 -0.57 -3.48
CA TYR B 214 -7.27 -1.01 -3.63
C TYR B 214 -7.96 -1.05 -2.27
N ALA B 215 -7.25 -1.59 -1.28
CA ALA B 215 -7.79 -1.73 0.07
C ALA B 215 -8.07 -0.37 0.70
N MET B 216 -7.12 0.55 0.57
CA MET B 216 -7.29 1.91 1.08
C MET B 216 -8.44 2.63 0.38
N ASP B 217 -8.59 2.37 -0.91
CA ASP B 217 -9.66 2.98 -1.69
C ASP B 217 -11.03 2.52 -1.22
N VAL B 218 -11.19 1.22 -1.03
CA VAL B 218 -12.45 0.64 -0.57
C VAL B 218 -12.81 1.11 0.84
N LEU B 219 -11.86 0.95 1.76
CA LEU B 219 -12.08 1.32 3.16
C LEU B 219 -12.22 2.84 3.33
N GLY B 220 -11.42 3.59 2.57
CA GLY B 220 -11.50 5.04 2.62
C GLY B 220 -12.84 5.58 2.17
N GLY B 221 -13.45 4.90 1.20
CA GLY B 221 -14.77 5.25 0.71
C GLY B 221 -15.82 5.11 1.80
N LYS B 222 -15.61 4.17 2.69
CA LYS B 222 -16.57 3.88 3.75
C LYS B 222 -16.31 4.73 4.99
N GLY B 223 -15.42 5.70 4.87
CA GLY B 223 -15.18 6.65 5.94
C GLY B 223 -14.05 6.29 6.88
N VAL B 224 -13.30 5.25 6.55
CA VAL B 224 -12.16 4.87 7.39
C VAL B 224 -11.03 5.86 7.20
N GLU B 225 -10.44 6.29 8.31
CA GLU B 225 -9.34 7.24 8.27
C GLU B 225 -8.01 6.52 8.49
N PHE B 226 -6.98 6.95 7.76
CA PHE B 226 -5.67 6.35 7.90
C PHE B 226 -4.63 7.39 8.30
N LYS B 227 -3.88 7.08 9.36
CA LYS B 227 -2.76 7.91 9.75
C LYS B 227 -1.49 7.09 9.64
N ILE B 228 -0.65 7.44 8.68
CA ILE B 228 0.54 6.67 8.36
C ILE B 228 1.77 7.47 8.78
N GLY B 229 2.85 6.75 9.11
CA GLY B 229 4.05 7.39 9.62
C GLY B 229 3.82 7.99 10.99
N THR B 230 2.75 7.53 11.65
CA THR B 230 2.37 8.05 12.95
C THR B 230 2.39 6.97 14.04
N PRO B 231 3.39 7.03 14.92
CA PRO B 231 3.47 6.08 16.04
C PRO B 231 2.58 6.47 17.22
N ILE B 232 2.25 5.51 18.07
CA ILE B 232 1.48 5.78 19.28
C ILE B 232 2.40 5.94 20.49
N LYS B 233 2.52 7.17 20.98
CA LYS B 233 3.38 7.46 22.12
C LYS B 233 2.88 6.81 23.40
N ARG B 234 1.58 6.98 23.68
CA ARG B 234 1.00 6.37 24.87
C ARG B 234 -0.52 6.24 24.76
N CYS B 235 -1.10 5.37 25.60
CA CYS B 235 -2.52 5.11 25.59
C CYS B 235 -3.16 5.39 26.94
N THR B 236 -4.31 6.07 26.92
CA THR B 236 -5.03 6.42 28.13
C THR B 236 -6.48 5.95 27.99
N PRO B 237 -7.25 5.91 29.11
CA PRO B 237 -8.66 5.57 28.97
C PRO B 237 -9.40 6.57 28.10
N GLU B 238 -8.90 7.80 28.06
CA GLU B 238 -9.50 8.86 27.26
C GLU B 238 -9.14 8.74 25.77
N GLY B 239 -8.08 8.01 25.47
CA GLY B 239 -7.63 7.87 24.09
C GLY B 239 -6.15 7.58 23.92
N VAL B 240 -5.59 8.09 22.84
CA VAL B 240 -4.16 7.87 22.55
C VAL B 240 -3.41 9.18 22.28
N VAL B 241 -2.10 9.14 22.49
CA VAL B 241 -1.22 10.23 22.10
C VAL B 241 -0.35 9.76 20.93
N ILE B 242 -0.33 10.53 19.86
CA ILE B 242 0.40 10.15 18.67
C ILE B 242 1.45 11.19 18.30
N GLU B 243 2.41 10.77 17.49
CA GLU B 243 3.51 11.64 17.09
C GLU B 243 3.37 12.07 15.64
N VAL B 244 3.06 13.35 15.43
CA VAL B 244 2.91 13.90 14.09
C VAL B 244 3.95 14.97 13.85
N ASP B 245 4.81 14.73 12.86
CA ASP B 245 5.90 15.64 12.52
C ASP B 245 6.78 15.94 13.73
N GLY B 246 7.06 14.90 14.52
CA GLY B 246 7.93 15.04 15.68
C GLY B 246 7.28 15.73 16.86
N GLU B 247 5.98 15.99 16.76
CA GLU B 247 5.25 16.67 17.81
C GLU B 247 4.09 15.83 18.32
N GLU B 248 3.86 15.88 19.64
CA GLU B 248 2.76 15.12 20.24
C GLU B 248 1.40 15.66 19.81
N GLU B 249 0.48 14.75 19.54
CA GLU B 249 -0.88 15.09 19.18
C GLU B 249 -1.83 14.13 19.89
N GLU B 250 -3.04 14.59 20.19
CA GLU B 250 -3.98 13.75 20.94
C GLU B 250 -5.21 13.36 20.12
N ILE B 251 -5.59 12.09 20.24
CA ILE B 251 -6.85 11.62 19.71
C ILE B 251 -7.75 11.19 20.87
N LYS B 252 -8.91 11.81 20.99
CA LYS B 252 -9.86 11.44 22.04
C LYS B 252 -10.75 10.33 21.52
N ALA B 253 -10.57 9.13 22.07
CA ALA B 253 -11.33 7.97 21.64
C ALA B 253 -11.70 7.07 22.81
N ALA B 254 -12.99 6.75 22.92
CA ALA B 254 -13.48 5.86 23.96
C ALA B 254 -13.00 4.42 23.76
N THR B 255 -12.69 4.06 22.51
CA THR B 255 -12.27 2.71 22.19
C THR B 255 -10.93 2.66 21.46
N VAL B 256 -9.98 1.93 22.02
CA VAL B 256 -8.69 1.72 21.39
C VAL B 256 -8.38 0.23 21.24
N VAL B 257 -8.21 -0.21 20.00
CA VAL B 257 -7.91 -1.61 19.73
C VAL B 257 -6.50 -1.77 19.17
N TRP B 258 -5.70 -2.63 19.80
CA TRP B 258 -4.31 -2.79 19.42
C TRP B 258 -4.07 -4.04 18.56
N THR B 259 -3.67 -3.82 17.32
CA THR B 259 -3.33 -4.91 16.42
C THR B 259 -1.91 -4.74 15.90
N GLY B 260 -1.09 -4.05 16.70
CA GLY B 260 0.25 -3.66 16.31
C GLY B 260 1.32 -4.75 16.29
N GLY B 261 1.16 -5.77 17.14
CA GLY B 261 2.11 -6.87 17.14
C GLY B 261 1.85 -7.96 18.16
N VAL B 262 2.44 -9.12 17.91
CA VAL B 262 2.31 -10.27 18.80
C VAL B 262 3.68 -10.86 19.13
N ARG B 263 3.72 -11.65 20.19
CA ARG B 263 4.93 -12.36 20.58
C ARG B 263 4.54 -13.76 21.01
N GLY B 264 5.53 -14.64 21.17
CA GLY B 264 5.25 -15.98 21.63
C GLY B 264 4.70 -15.93 23.04
N ASN B 265 3.88 -16.91 23.39
CA ASN B 265 3.28 -16.95 24.73
C ASN B 265 4.38 -16.94 25.78
N SER B 266 4.21 -16.08 26.78
CA SER B 266 5.28 -15.80 27.73
C SER B 266 5.66 -17.00 28.59
N ILE B 267 4.80 -18.00 28.62
CA ILE B 267 5.07 -19.22 29.38
C ILE B 267 6.32 -19.92 28.87
N VAL B 268 6.51 -19.90 27.56
CA VAL B 268 7.69 -20.51 26.95
C VAL B 268 8.96 -19.83 27.46
N GLU B 269 8.96 -18.50 27.43
CA GLU B 269 10.11 -17.73 27.92
C GLU B 269 10.31 -17.94 29.41
N LYS B 270 9.21 -17.96 30.16
CA LYS B 270 9.27 -18.12 31.61
C LYS B 270 9.82 -19.48 32.03
N SER B 271 9.67 -20.48 31.16
CA SER B 271 10.08 -21.84 31.48
C SER B 271 11.56 -22.09 31.21
N GLY B 272 12.27 -21.06 30.78
CA GLY B 272 13.70 -21.13 30.61
C GLY B 272 14.20 -21.48 29.22
N PHE B 273 13.29 -21.55 28.25
CA PHE B 273 13.69 -21.74 26.85
C PHE B 273 14.36 -20.50 26.30
N GLU B 274 15.26 -20.70 25.33
CA GLU B 274 15.87 -19.58 24.62
C GLU B 274 14.95 -19.14 23.49
N THR B 275 14.58 -17.86 23.50
CA THR B 275 13.57 -17.38 22.56
C THR B 275 13.97 -16.07 21.90
N MET B 276 13.44 -15.84 20.70
CA MET B 276 13.55 -14.55 20.04
C MET B 276 12.14 -13.97 19.92
N ARG B 277 11.92 -12.86 20.61
CA ARG B 277 10.60 -12.22 20.68
C ARG B 277 9.57 -13.22 21.19
N GLY B 278 9.99 -14.06 22.14
CA GLY B 278 9.11 -15.02 22.78
C GLY B 278 8.89 -16.31 22.01
N ARG B 279 9.48 -16.42 20.81
CA ARG B 279 9.28 -17.59 19.98
C ARG B 279 10.57 -18.41 19.91
N ILE B 280 10.43 -19.72 19.76
CA ILE B 280 11.60 -20.60 19.68
C ILE B 280 11.98 -20.90 18.24
N LYS B 281 13.25 -20.66 17.90
CA LYS B 281 13.74 -20.99 16.58
C LYS B 281 14.06 -22.47 16.56
N VAL B 282 13.10 -23.26 16.10
CA VAL B 282 13.16 -24.72 16.16
C VAL B 282 14.10 -25.33 15.14
N ASP B 283 14.42 -26.61 15.33
CA ASP B 283 15.26 -27.37 14.40
C ASP B 283 14.40 -27.81 13.21
N PRO B 284 14.99 -28.45 12.18
CA PRO B 284 14.19 -28.90 11.04
C PRO B 284 13.02 -29.84 11.39
N TYR B 285 13.03 -30.41 12.59
CA TYR B 285 11.95 -31.31 13.00
C TYR B 285 10.97 -30.63 13.95
N LEU B 286 11.05 -29.30 14.02
CA LEU B 286 10.15 -28.48 14.84
C LEU B 286 10.37 -28.73 16.33
N ARG B 287 11.54 -29.27 16.68
CA ARG B 287 11.89 -29.52 18.07
C ARG B 287 12.62 -28.32 18.67
N ALA B 288 12.46 -28.13 19.98
CA ALA B 288 13.24 -27.10 20.65
C ALA B 288 14.69 -27.55 20.73
N PRO B 289 15.63 -26.63 20.45
CA PRO B 289 17.06 -26.96 20.46
C PRO B 289 17.53 -27.48 21.81
N GLY B 290 18.21 -28.62 21.80
CA GLY B 290 18.70 -29.25 23.03
C GLY B 290 17.68 -30.16 23.68
N HIS B 291 16.53 -30.34 23.01
CA HIS B 291 15.51 -31.27 23.47
C HIS B 291 15.05 -32.12 22.29
N GLU B 292 15.08 -33.44 22.47
CA GLU B 292 14.65 -34.34 21.41
C GLU B 292 13.17 -34.68 21.54
N ASN B 293 12.61 -34.38 22.71
CA ASN B 293 11.22 -34.76 23.00
C ASN B 293 10.24 -33.59 23.05
N ILE B 294 10.74 -32.35 22.96
CA ILE B 294 9.85 -31.18 22.98
C ILE B 294 9.66 -30.61 21.58
N PHE B 295 8.39 -30.45 21.18
CA PHE B 295 8.03 -29.91 19.88
C PHE B 295 7.28 -28.58 20.02
N ILE B 296 7.49 -27.68 19.07
CA ILE B 296 6.84 -26.39 19.08
C ILE B 296 6.03 -26.16 17.81
N VAL B 297 4.77 -25.75 17.97
CA VAL B 297 3.90 -25.53 16.82
C VAL B 297 3.22 -24.16 16.87
N GLY B 298 2.69 -23.73 15.74
CA GLY B 298 1.99 -22.47 15.64
C GLY B 298 2.84 -21.24 15.90
N ASP B 299 2.24 -20.24 16.53
CA ASP B 299 2.86 -18.93 16.71
C ASP B 299 4.07 -18.96 17.65
N CYS B 300 4.12 -19.98 18.51
CA CYS B 300 5.26 -20.15 19.41
C CYS B 300 6.55 -20.52 18.67
N ALA B 301 6.40 -21.12 17.49
CA ALA B 301 7.55 -21.54 16.69
C ALA B 301 8.01 -20.47 15.71
N LEU B 302 9.32 -20.32 15.54
CA LEU B 302 9.89 -19.38 14.57
C LEU B 302 10.64 -20.13 13.48
N ILE B 303 10.26 -19.89 12.23
CA ILE B 303 10.90 -20.56 11.10
C ILE B 303 11.40 -19.58 10.03
N ILE B 304 12.64 -19.78 9.59
CA ILE B 304 13.24 -18.95 8.55
C ILE B 304 13.09 -19.64 7.20
N ASN B 305 12.80 -18.86 6.15
CA ASN B 305 12.72 -19.41 4.80
C ASN B 305 14.14 -19.54 4.24
N GLU B 306 14.44 -20.69 3.67
CA GLU B 306 15.77 -20.92 3.11
C GLU B 306 16.00 -20.11 1.84
N GLU B 307 14.94 -19.95 1.04
CA GLU B 307 15.04 -19.23 -0.23
C GLU B 307 15.40 -17.76 0.00
N ASN B 308 14.65 -17.11 0.88
CA ASN B 308 15.01 -15.78 1.35
C ASN B 308 15.07 -15.81 2.87
N ASN B 309 16.14 -15.25 3.43
CA ASN B 309 16.43 -15.44 4.85
C ASN B 309 15.49 -14.69 5.81
N ARG B 310 14.31 -14.34 5.33
CA ARG B 310 13.32 -13.67 6.17
C ARG B 310 12.49 -14.71 6.91
N PRO B 311 12.10 -14.42 8.16
CA PRO B 311 11.28 -15.36 8.93
C PRO B 311 9.87 -15.50 8.37
N TYR B 312 9.27 -16.68 8.53
CA TYR B 312 7.86 -16.86 8.20
C TYR B 312 7.01 -16.15 9.24
N PRO B 313 5.95 -15.47 8.79
CA PRO B 313 5.04 -14.78 9.71
C PRO B 313 4.22 -15.78 10.52
N PRO B 314 3.79 -15.41 11.72
CA PRO B 314 2.95 -16.32 12.50
C PRO B 314 1.53 -16.37 11.94
N THR B 315 1.19 -17.48 11.31
CA THR B 315 -0.09 -17.61 10.61
C THR B 315 -0.78 -18.91 10.93
N ALA B 316 -2.08 -18.97 10.72
CA ALA B 316 -2.83 -20.20 10.92
C ALA B 316 -2.42 -21.26 9.91
N GLN B 317 -2.12 -20.82 8.68
CA GLN B 317 -1.78 -21.73 7.60
C GLN B 317 -0.55 -22.57 7.94
N ILE B 318 0.52 -21.91 8.36
CA ILE B 318 1.74 -22.60 8.74
C ILE B 318 1.57 -23.37 10.06
N ALA B 319 0.65 -22.90 10.90
CA ALA B 319 0.38 -23.58 12.17
C ALA B 319 -0.25 -24.95 11.92
N ILE B 320 -1.14 -25.01 10.94
CA ILE B 320 -1.79 -26.26 10.56
C ILE B 320 -0.73 -27.23 10.05
N GLN B 321 0.17 -26.72 9.21
CA GLN B 321 1.24 -27.54 8.64
C GLN B 321 2.20 -28.00 9.72
N HIS B 322 2.40 -27.18 10.75
CA HIS B 322 3.22 -27.59 11.90
C HIS B 322 2.62 -28.79 12.59
N GLY B 323 1.30 -28.76 12.81
CA GLY B 323 0.60 -29.81 13.51
C GLY B 323 0.65 -31.14 12.79
N GLU B 324 0.47 -31.09 11.47
CA GLU B 324 0.50 -32.29 10.65
C GLU B 324 1.89 -32.93 10.66
N ASN B 325 2.92 -32.09 10.53
CA ASN B 325 4.30 -32.56 10.53
C ASN B 325 4.71 -33.18 11.86
N VAL B 326 4.35 -32.52 12.96
CA VAL B 326 4.67 -33.00 14.29
C VAL B 326 3.97 -34.32 14.60
N ALA B 327 2.72 -34.43 14.16
CA ALA B 327 1.94 -35.65 14.37
C ALA B 327 2.60 -36.83 13.66
N ALA B 328 3.04 -36.59 12.43
CA ALA B 328 3.71 -37.63 11.64
C ALA B 328 5.03 -38.03 12.26
N ASN B 329 5.82 -37.04 12.67
CA ASN B 329 7.14 -37.30 13.26
C ASN B 329 7.07 -37.98 14.62
N LEU B 330 6.08 -37.59 15.44
CA LEU B 330 5.90 -38.21 16.75
C LEU B 330 5.51 -39.68 16.62
N ALA B 331 4.66 -39.97 15.64
CA ALA B 331 4.25 -41.34 15.37
C ALA B 331 5.44 -42.17 14.92
N ALA B 332 6.27 -41.58 14.09
CA ALA B 332 7.47 -42.25 13.59
C ALA B 332 8.50 -42.51 14.68
N LEU B 333 8.72 -41.54 15.55
CA LEU B 333 9.71 -41.68 16.61
C LEU B 333 9.35 -42.78 17.60
N ILE B 334 8.07 -42.83 17.97
CA ILE B 334 7.57 -43.85 18.88
C ILE B 334 7.59 -45.24 18.25
N ARG B 335 7.28 -45.31 16.96
CA ARG B 335 7.22 -46.58 16.25
C ARG B 335 8.58 -46.96 15.66
N GLY B 336 9.61 -46.18 16.00
CA GLY B 336 10.96 -46.47 15.57
C GLY B 336 11.24 -46.12 14.12
N GLY B 337 10.37 -45.32 13.53
CA GLY B 337 10.53 -44.94 12.12
C GLY B 337 11.48 -43.78 11.96
N SER B 338 11.49 -43.18 10.78
CA SER B 338 12.37 -42.05 10.50
C SER B 338 11.57 -40.77 10.36
N MET B 339 12.05 -39.69 10.97
CA MET B 339 11.36 -38.42 10.93
C MET B 339 11.49 -37.74 9.57
N THR B 340 10.52 -36.89 9.27
CA THR B 340 10.58 -36.06 8.07
C THR B 340 10.76 -34.60 8.45
N PRO B 341 11.77 -33.94 7.85
CA PRO B 341 11.99 -32.52 8.11
C PRO B 341 10.78 -31.71 7.66
N PHE B 342 10.46 -30.62 8.36
CA PHE B 342 9.29 -29.84 8.00
C PHE B 342 9.54 -28.99 6.77
N LYS B 343 8.66 -29.10 5.79
CA LYS B 343 8.72 -28.24 4.61
C LYS B 343 7.41 -27.49 4.45
N PRO B 344 7.44 -26.17 4.61
CA PRO B 344 6.23 -25.36 4.47
C PRO B 344 5.82 -25.18 3.02
N HIS B 345 4.53 -25.30 2.74
CA HIS B 345 4.01 -25.03 1.41
C HIS B 345 2.97 -23.94 1.55
N ILE B 346 3.43 -22.70 1.48
CA ILE B 346 2.56 -21.56 1.75
C ILE B 346 1.77 -21.15 0.52
N ARG B 347 0.48 -21.48 0.55
CA ARG B 347 -0.42 -21.08 -0.52
C ARG B 347 -0.83 -19.63 -0.26
N GLY B 348 -1.64 -19.06 -1.14
CA GLY B 348 -2.04 -17.69 -1.00
C GLY B 348 -3.01 -17.45 0.15
N THR B 349 -3.17 -16.19 0.53
CA THR B 349 -4.08 -15.82 1.60
C THR B 349 -4.92 -14.64 1.15
N VAL B 350 -6.12 -14.51 1.71
CA VAL B 350 -7.02 -13.42 1.36
C VAL B 350 -7.37 -12.60 2.59
N ALA B 351 -7.39 -11.28 2.42
CA ALA B 351 -7.78 -10.38 3.50
C ALA B 351 -9.14 -9.78 3.16
N SER B 352 -10.10 -9.98 4.04
CA SER B 352 -11.44 -9.46 3.83
C SER B 352 -11.46 -7.95 4.06
N LEU B 353 -12.34 -7.27 3.33
CA LEU B 353 -12.56 -5.84 3.54
C LEU B 353 -14.05 -5.63 3.76
N GLY B 354 -14.56 -6.15 4.87
CA GLY B 354 -15.99 -6.19 5.10
C GLY B 354 -16.57 -7.50 4.61
N ARG B 355 -17.89 -7.59 4.60
CA ARG B 355 -18.59 -8.80 4.17
C ARG B 355 -18.50 -9.04 2.66
N ASN B 356 -18.53 -7.96 1.88
CA ASN B 356 -18.66 -8.08 0.44
C ASN B 356 -17.43 -7.74 -0.39
N ASP B 357 -16.29 -7.53 0.27
CA ASP B 357 -15.07 -7.18 -0.45
C ASP B 357 -13.84 -7.87 0.15
N ALA B 358 -12.79 -8.03 -0.67
CA ALA B 358 -11.57 -8.70 -0.23
C ALA B 358 -10.38 -8.46 -1.16
N ILE B 359 -9.18 -8.72 -0.65
CA ILE B 359 -7.95 -8.69 -1.44
C ILE B 359 -7.07 -9.89 -1.15
N GLY B 360 -6.41 -10.43 -2.17
CA GLY B 360 -5.50 -11.54 -1.96
C GLY B 360 -4.64 -11.88 -3.17
N ILE B 361 -3.61 -12.68 -2.93
CA ILE B 361 -2.85 -13.30 -4.01
C ILE B 361 -3.04 -14.81 -3.92
N VAL B 362 -3.85 -15.37 -4.80
CA VAL B 362 -4.12 -16.81 -4.76
C VAL B 362 -3.65 -17.49 -6.04
N GLY B 363 -2.76 -18.46 -5.88
CA GLY B 363 -2.15 -19.14 -7.02
C GLY B 363 -1.31 -18.20 -7.88
N GLY B 364 -0.67 -17.24 -7.22
CA GLY B 364 0.21 -16.30 -7.89
C GLY B 364 -0.52 -15.17 -8.59
N ARG B 365 -1.84 -15.21 -8.55
CA ARG B 365 -2.66 -14.19 -9.21
C ARG B 365 -3.39 -13.32 -8.19
N LYS B 366 -3.36 -12.01 -8.40
CA LYS B 366 -4.06 -11.08 -7.52
C LYS B 366 -5.57 -11.23 -7.70
N VAL B 367 -6.32 -11.06 -6.62
CA VAL B 367 -7.78 -11.16 -6.67
C VAL B 367 -8.44 -10.04 -5.88
N TYR B 368 -9.65 -9.68 -6.30
CA TYR B 368 -10.37 -8.55 -5.70
C TYR B 368 -11.85 -8.89 -5.54
N GLY B 369 -12.56 -8.05 -4.78
CA GLY B 369 -14.01 -8.08 -4.74
C GLY B 369 -14.66 -9.39 -4.34
N HIS B 370 -15.79 -9.68 -4.98
CA HIS B 370 -16.60 -10.86 -4.67
C HIS B 370 -15.86 -12.17 -4.88
N ALA B 371 -14.96 -12.18 -5.87
CA ALA B 371 -14.18 -13.38 -6.18
C ALA B 371 -13.25 -13.74 -5.02
N ALA B 372 -12.52 -12.75 -4.53
CA ALA B 372 -11.60 -12.94 -3.41
C ALA B 372 -12.35 -13.30 -2.13
N SER B 373 -13.53 -12.72 -1.95
CA SER B 373 -14.34 -12.99 -0.76
C SER B 373 -14.78 -14.44 -0.69
N TRP B 374 -15.28 -14.96 -1.82
CA TRP B 374 -15.68 -16.36 -1.91
C TRP B 374 -14.48 -17.28 -1.76
N LEU B 375 -13.33 -16.81 -2.26
CA LEU B 375 -12.09 -17.57 -2.15
C LEU B 375 -11.70 -17.77 -0.69
N LYS B 376 -11.78 -16.68 0.09
CA LYS B 376 -11.43 -16.74 1.52
C LYS B 376 -12.36 -17.67 2.29
N LYS B 377 -13.65 -17.61 1.99
CA LYS B 377 -14.63 -18.43 2.70
C LYS B 377 -14.40 -19.92 2.47
N LEU B 378 -14.04 -20.28 1.23
CA LEU B 378 -13.72 -21.67 0.90
C LEU B 378 -12.43 -22.14 1.58
N ILE B 379 -11.42 -21.28 1.60
CA ILE B 379 -10.15 -21.62 2.23
C ILE B 379 -10.34 -21.92 3.71
N ASP B 380 -11.11 -21.08 4.38
CA ASP B 380 -11.40 -21.28 5.80
C ASP B 380 -12.28 -22.51 6.00
N MET B 381 -13.17 -22.76 5.04
CA MET B 381 -14.03 -23.93 5.08
C MET B 381 -13.22 -25.23 5.00
N ARG B 382 -12.10 -25.16 4.27
CA ARG B 382 -11.23 -26.32 4.13
C ARG B 382 -10.68 -26.74 5.49
N TYR B 383 -10.35 -25.76 6.33
CA TYR B 383 -9.86 -26.04 7.66
C TYR B 383 -10.94 -26.70 8.52
N LEU B 384 -12.18 -26.26 8.35
CA LEU B 384 -13.29 -26.82 9.09
C LEU B 384 -13.45 -28.30 8.75
N TYR B 385 -13.28 -28.62 7.46
CA TYR B 385 -13.34 -30.00 6.99
C TYR B 385 -12.18 -30.81 7.58
N LEU B 386 -11.01 -30.19 7.65
CA LEU B 386 -9.80 -30.87 8.10
C LEU B 386 -9.96 -31.39 9.52
N ILE B 387 -10.53 -30.57 10.39
CA ILE B 387 -10.66 -30.93 11.80
C ILE B 387 -12.03 -31.52 12.15
N GLY B 388 -13.07 -31.13 11.41
CA GLY B 388 -14.41 -31.54 11.75
C GLY B 388 -15.15 -32.36 10.71
N GLY B 389 -14.57 -32.51 9.52
CA GLY B 389 -15.22 -33.27 8.48
C GLY B 389 -16.36 -32.49 7.84
N LEU B 390 -17.20 -33.19 7.08
CA LEU B 390 -18.34 -32.55 6.40
C LEU B 390 -19.39 -32.02 7.37
N SER B 391 -19.52 -32.66 8.53
CA SER B 391 -20.49 -32.25 9.54
C SER B 391 -20.21 -30.83 10.08
N LEU B 392 -18.95 -30.56 10.38
CA LEU B 392 -18.57 -29.24 10.88
C LEU B 392 -18.83 -28.18 9.82
N VAL B 393 -18.55 -28.52 8.57
CA VAL B 393 -18.81 -27.63 7.46
C VAL B 393 -20.32 -27.37 7.37
N LEU B 394 -21.09 -28.43 7.59
CA LEU B 394 -22.54 -28.35 7.57
C LEU B 394 -23.06 -27.56 8.75
N LYS B 395 -22.37 -27.67 9.89
CA LYS B 395 -22.76 -26.96 11.10
C LYS B 395 -22.58 -25.45 10.96
N LYS B 396 -21.85 -25.03 9.93
CA LYS B 396 -21.67 -23.61 9.65
C LYS B 396 -22.65 -23.17 8.58
N GLY B 397 -23.90 -23.62 8.70
CA GLY B 397 -24.95 -23.25 7.77
C GLY B 397 -26.14 -22.61 8.46
N LYS C 3 19.86 -15.52 23.02
CA LYS C 3 20.71 -15.32 21.85
C LYS C 3 20.33 -14.03 21.14
N PRO C 4 21.27 -13.08 21.05
CA PRO C 4 20.99 -11.80 20.40
C PRO C 4 21.02 -11.85 18.87
N SER C 5 20.13 -11.09 18.25
CA SER C 5 20.03 -11.04 16.80
C SER C 5 20.60 -9.70 16.34
N ILE C 6 21.57 -9.75 15.44
CA ILE C 6 22.18 -8.53 14.92
C ILE C 6 21.74 -8.28 13.47
N VAL C 7 21.19 -7.10 13.24
CA VAL C 7 20.73 -6.73 11.91
C VAL C 7 21.57 -5.58 11.35
N ILE C 8 22.16 -5.80 10.19
CA ILE C 8 22.97 -4.78 9.54
C ILE C 8 22.28 -4.25 8.29
N LEU C 9 22.02 -2.94 8.27
CA LEU C 9 21.34 -2.33 7.14
C LEU C 9 22.34 -1.66 6.21
N GLY C 10 22.48 -2.22 5.01
CA GLY C 10 23.37 -1.67 4.00
C GLY C 10 24.68 -2.42 3.91
N ALA C 11 24.96 -3.00 2.75
CA ALA C 11 26.19 -3.76 2.54
C ALA C 11 27.24 -2.90 1.85
N GLY C 12 27.39 -1.66 2.31
CA GLY C 12 28.42 -0.78 1.79
C GLY C 12 29.72 -1.00 2.55
N TYR C 13 30.61 -0.01 2.51
CA TYR C 13 31.91 -0.12 3.15
C TYR C 13 31.78 -0.39 4.64
N GLY C 14 30.94 0.38 5.32
CA GLY C 14 30.72 0.19 6.74
C GLY C 14 30.06 -1.13 7.07
N GLY C 15 28.97 -1.43 6.39
CA GLY C 15 28.20 -2.64 6.64
C GLY C 15 28.91 -3.95 6.33
N ILE C 16 29.56 -4.03 5.17
CA ILE C 16 30.21 -5.28 4.75
C ILE C 16 31.42 -5.55 5.66
N VAL C 17 32.14 -4.50 6.05
CA VAL C 17 33.30 -4.64 6.93
C VAL C 17 32.83 -5.03 8.33
N ALA C 18 31.71 -4.46 8.76
CA ALA C 18 31.11 -4.80 10.04
C ALA C 18 30.71 -6.27 10.06
N ALA C 19 30.07 -6.71 8.97
CA ALA C 19 29.60 -8.08 8.85
C ALA C 19 30.76 -9.07 8.81
N LEU C 20 31.78 -8.75 8.02
CA LEU C 20 32.97 -9.60 7.92
C LEU C 20 33.74 -9.62 9.23
N GLY C 21 33.71 -8.50 9.95
CA GLY C 21 34.35 -8.43 11.25
C GLY C 21 33.68 -9.34 12.24
N LEU C 22 32.35 -9.27 12.30
CA LEU C 22 31.57 -10.13 13.20
C LEU C 22 31.74 -11.60 12.82
N GLN C 23 31.89 -11.84 11.52
CA GLN C 23 32.07 -13.18 11.00
C GLN C 23 33.36 -13.80 11.54
N LYS C 24 34.45 -13.05 11.46
CA LYS C 24 35.75 -13.49 11.96
C LYS C 24 35.82 -13.57 13.48
N ARG C 25 35.30 -12.53 14.15
CA ARG C 25 35.42 -12.42 15.61
C ARG C 25 34.53 -13.39 16.39
N LEU C 26 33.27 -13.51 15.97
CA LEU C 26 32.31 -14.31 16.73
C LEU C 26 32.39 -15.80 16.36
N ASN C 27 31.82 -16.63 17.23
CA ASN C 27 31.80 -18.07 17.02
C ASN C 27 30.42 -18.52 16.53
N TYR C 28 30.33 -19.75 16.06
CA TYR C 28 29.07 -20.27 15.52
C TYR C 28 28.01 -20.28 16.62
N ASN C 29 26.84 -19.73 16.30
CA ASN C 29 25.66 -19.72 17.18
C ASN C 29 25.78 -18.74 18.34
N GLU C 30 26.85 -17.94 18.39
CA GLU C 30 26.99 -16.91 19.42
C GLU C 30 25.88 -15.87 19.26
N ALA C 31 25.57 -15.54 18.02
CA ALA C 31 24.50 -14.60 17.70
C ALA C 31 23.94 -14.86 16.31
N ASP C 32 22.77 -14.30 16.03
CA ASP C 32 22.21 -14.38 14.69
C ASP C 32 22.47 -13.07 13.97
N ILE C 33 23.17 -13.15 12.84
CA ILE C 33 23.54 -11.96 12.09
C ILE C 33 22.86 -11.93 10.73
N THR C 34 22.11 -10.86 10.51
CA THR C 34 21.40 -10.67 9.25
C THR C 34 21.91 -9.42 8.54
N LEU C 35 22.30 -9.58 7.28
CA LEU C 35 22.80 -8.47 6.49
C LEU C 35 21.79 -8.13 5.42
N VAL C 36 21.29 -6.90 5.45
CA VAL C 36 20.26 -6.46 4.50
C VAL C 36 20.85 -5.51 3.47
N ASN C 37 20.57 -5.78 2.19
CA ASN C 37 21.02 -4.89 1.14
C ASN C 37 20.03 -4.75 0.00
N LYS C 38 20.06 -3.58 -0.63
CA LYS C 38 19.20 -3.26 -1.77
C LYS C 38 19.46 -4.23 -2.92
N ASN C 39 20.71 -4.64 -3.06
CA ASN C 39 21.13 -5.50 -4.16
C ASN C 39 21.83 -6.74 -3.64
N ASP C 40 22.03 -7.73 -4.51
CA ASP C 40 22.74 -8.94 -4.12
C ASP C 40 24.24 -8.76 -4.33
N TYR C 41 24.64 -7.55 -4.72
CA TYR C 41 26.04 -7.23 -4.92
C TYR C 41 26.47 -6.04 -4.08
N HIS C 42 27.78 -5.97 -3.82
CA HIS C 42 28.39 -4.84 -3.16
C HIS C 42 29.25 -4.10 -4.17
N TYR C 43 29.03 -2.81 -4.33
CA TYR C 43 29.78 -2.07 -5.34
C TYR C 43 30.85 -1.18 -4.73
N ILE C 44 31.95 -1.03 -5.46
CA ILE C 44 33.06 -0.20 -5.03
C ILE C 44 32.72 1.25 -5.37
N THR C 45 32.14 1.94 -4.40
CA THR C 45 31.60 3.28 -4.61
C THR C 45 32.67 4.27 -5.09
N THR C 46 33.90 4.07 -4.65
CA THR C 46 35.00 4.97 -4.98
C THR C 46 35.43 4.89 -6.44
N GLU C 47 34.99 3.86 -7.15
CA GLU C 47 35.36 3.70 -8.56
C GLU C 47 34.24 4.05 -9.52
N LEU C 48 33.09 4.47 -8.98
CA LEU C 48 31.88 4.64 -9.77
C LEU C 48 31.97 5.73 -10.84
N HIS C 49 32.91 6.66 -10.68
CA HIS C 49 33.09 7.73 -11.65
C HIS C 49 33.55 7.21 -13.02
N GLN C 50 34.27 6.09 -13.02
CA GLN C 50 34.77 5.52 -14.27
C GLN C 50 33.68 4.89 -15.16
N PRO C 51 32.83 4.01 -14.59
CA PRO C 51 31.75 3.51 -15.45
C PRO C 51 30.76 4.59 -15.88
N ALA C 52 30.59 5.62 -15.05
CA ALA C 52 29.71 6.72 -15.36
C ALA C 52 30.18 7.43 -16.63
N ALA C 53 31.50 7.57 -16.76
CA ALA C 53 32.10 8.14 -17.96
C ALA C 53 32.24 7.09 -19.07
N GLY C 54 32.26 5.82 -18.68
CA GLY C 54 32.43 4.74 -19.64
C GLY C 54 33.86 4.26 -19.83
N THR C 55 34.78 4.77 -19.02
CA THR C 55 36.19 4.37 -19.10
C THR C 55 36.44 2.97 -18.55
N MET C 56 35.56 2.50 -17.67
CA MET C 56 35.68 1.15 -17.10
C MET C 56 34.32 0.46 -17.04
N HIS C 57 34.30 -0.84 -17.33
CA HIS C 57 33.05 -1.59 -17.27
C HIS C 57 32.57 -1.68 -15.81
N HIS C 58 31.25 -1.57 -15.62
CA HIS C 58 30.68 -1.50 -14.28
C HIS C 58 30.86 -2.78 -13.47
N ASP C 59 31.04 -3.91 -14.15
CA ASP C 59 31.22 -5.19 -13.49
C ASP C 59 32.54 -5.23 -12.73
N GLN C 60 33.48 -4.37 -13.11
CA GLN C 60 34.76 -4.29 -12.43
C GLN C 60 34.65 -3.46 -11.15
N ALA C 61 33.48 -2.88 -10.92
CA ALA C 61 33.26 -2.05 -9.75
C ALA C 61 32.26 -2.67 -8.76
N ARG C 62 32.01 -3.96 -8.89
CA ARG C 62 31.10 -4.65 -7.96
C ARG C 62 31.45 -6.12 -7.78
N VAL C 63 30.98 -6.69 -6.68
CA VAL C 63 31.21 -8.10 -6.37
C VAL C 63 29.99 -8.68 -5.65
N GLY C 64 29.67 -9.95 -5.91
CA GLY C 64 28.54 -10.60 -5.30
C GLY C 64 28.73 -10.77 -3.80
N ILE C 65 27.71 -10.40 -3.03
CA ILE C 65 27.79 -10.42 -1.58
C ILE C 65 27.92 -11.84 -1.03
N LYS C 66 27.18 -12.77 -1.62
CA LYS C 66 27.21 -14.17 -1.19
C LYS C 66 28.61 -14.77 -1.30
N GLU C 67 29.39 -14.26 -2.25
CA GLU C 67 30.77 -14.70 -2.44
C GLU C 67 31.67 -14.29 -1.28
N LEU C 68 31.44 -13.09 -0.76
CA LEU C 68 32.27 -12.53 0.31
C LEU C 68 32.04 -13.17 1.68
N ILE C 69 30.79 -13.41 2.04
CA ILE C 69 30.44 -13.83 3.39
C ILE C 69 30.34 -15.35 3.56
N ASP C 70 30.11 -15.76 4.81
CA ASP C 70 29.86 -17.16 5.14
C ASP C 70 28.38 -17.27 5.46
N GLU C 71 27.66 -17.99 4.61
CA GLU C 71 26.21 -18.10 4.73
C GLU C 71 25.79 -18.81 6.02
N LYS C 72 26.69 -19.63 6.57
CA LYS C 72 26.42 -20.28 7.84
C LYS C 72 26.37 -19.26 8.98
N LYS C 73 27.34 -18.36 8.99
CA LYS C 73 27.43 -17.34 10.04
C LYS C 73 26.56 -16.12 9.75
N ILE C 74 26.50 -15.69 8.50
CA ILE C 74 25.75 -14.49 8.13
C ILE C 74 24.62 -14.80 7.16
N LYS C 75 23.42 -14.33 7.49
CA LYS C 75 22.25 -14.51 6.64
C LYS C 75 21.97 -13.26 5.84
N PHE C 76 22.13 -13.34 4.53
CA PHE C 76 21.93 -12.19 3.67
C PHE C 76 20.48 -12.07 3.20
N VAL C 77 19.93 -10.86 3.32
CA VAL C 77 18.58 -10.59 2.86
C VAL C 77 18.58 -9.50 1.82
N LYS C 78 18.01 -9.78 0.65
CA LYS C 78 17.94 -8.79 -0.41
C LYS C 78 16.58 -8.10 -0.39
N ASP C 79 16.57 -6.87 0.11
CA ASP C 79 15.36 -6.08 0.18
C ASP C 79 15.71 -4.60 0.34
N THR C 80 14.71 -3.75 0.28
CA THR C 80 14.91 -2.31 0.42
C THR C 80 14.30 -1.82 1.72
N VAL C 81 15.14 -1.23 2.56
CA VAL C 81 14.70 -0.68 3.84
C VAL C 81 13.79 0.52 3.61
N VAL C 82 12.65 0.53 4.29
CA VAL C 82 11.70 1.63 4.18
C VAL C 82 11.71 2.51 5.43
N ALA C 83 11.72 1.88 6.60
CA ALA C 83 11.70 2.62 7.86
C ALA C 83 12.29 1.84 9.02
N ILE C 84 12.67 2.56 10.07
CA ILE C 84 13.14 1.96 11.31
C ILE C 84 12.27 2.40 12.48
N ASP C 85 11.74 1.44 13.23
CA ASP C 85 10.97 1.74 14.43
C ASP C 85 11.78 1.44 15.67
N ARG C 86 12.27 2.51 16.30
CA ARG C 86 13.14 2.39 17.46
C ARG C 86 12.43 1.77 18.66
N GLU C 87 11.18 2.18 18.87
CA GLU C 87 10.40 1.70 20.01
C GLU C 87 10.13 0.20 19.87
N GLN C 88 9.73 -0.23 18.68
CA GLN C 88 9.42 -1.63 18.45
C GLN C 88 10.67 -2.46 18.12
N GLN C 89 11.78 -1.78 17.87
CA GLN C 89 13.03 -2.44 17.49
C GLN C 89 12.77 -3.29 16.24
N LYS C 90 12.01 -2.71 15.31
CA LYS C 90 11.61 -3.39 14.09
C LYS C 90 12.01 -2.59 12.86
N VAL C 91 12.49 -3.29 11.84
CA VAL C 91 12.84 -2.66 10.58
C VAL C 91 11.84 -3.03 9.50
N THR C 92 11.25 -2.02 8.87
CA THR C 92 10.26 -2.26 7.82
C THR C 92 10.93 -2.27 6.45
N LEU C 93 10.62 -3.30 5.67
CA LEU C 93 11.19 -3.47 4.33
C LEU C 93 10.07 -3.36 3.31
N GLN C 94 10.42 -3.29 2.04
CA GLN C 94 9.41 -3.24 0.98
C GLN C 94 8.61 -4.52 0.94
N ASN C 95 9.26 -5.64 1.20
CA ASN C 95 8.61 -6.95 1.12
C ASN C 95 8.58 -7.72 2.44
N GLY C 96 8.73 -7.03 3.55
CA GLY C 96 8.75 -7.72 4.83
C GLY C 96 9.07 -6.87 6.05
N GLU C 97 9.30 -7.55 7.17
CA GLU C 97 9.66 -6.89 8.43
C GLU C 97 10.73 -7.68 9.16
N LEU C 98 11.58 -6.97 9.91
CA LEU C 98 12.65 -7.62 10.66
C LEU C 98 12.76 -7.03 12.06
N HIS C 99 13.18 -7.87 13.02
CA HIS C 99 13.38 -7.42 14.39
C HIS C 99 14.82 -7.63 14.82
N TYR C 100 15.33 -6.68 15.60
CA TYR C 100 16.71 -6.70 16.03
C TYR C 100 16.86 -6.49 17.54
N ASP C 101 17.82 -7.20 18.13
CA ASP C 101 18.34 -6.83 19.43
C ASP C 101 19.39 -5.73 19.26
N TYR C 102 20.21 -5.87 18.22
CA TYR C 102 21.23 -4.87 17.90
C TYR C 102 21.10 -4.44 16.44
N LEU C 103 21.25 -3.14 16.18
CA LEU C 103 21.09 -2.62 14.84
C LEU C 103 22.35 -1.87 14.38
N VAL C 104 22.84 -2.21 13.19
CA VAL C 104 23.93 -1.46 12.58
C VAL C 104 23.44 -0.77 11.32
N VAL C 105 23.53 0.56 11.28
CA VAL C 105 23.00 1.33 10.17
C VAL C 105 24.10 1.85 9.25
N GLY C 106 24.17 1.30 8.04
CA GLY C 106 25.10 1.77 7.04
C GLY C 106 24.43 1.92 5.70
N LEU C 107 23.43 2.80 5.64
CA LEU C 107 22.62 2.98 4.45
C LEU C 107 23.25 3.97 3.48
N GLY C 108 24.38 4.54 3.86
CA GLY C 108 25.13 5.41 2.97
C GLY C 108 24.52 6.78 2.79
N SER C 109 25.00 7.50 1.78
CA SER C 109 24.53 8.85 1.52
C SER C 109 23.38 8.91 0.53
N GLU C 110 22.79 10.10 0.45
CA GLU C 110 21.86 10.46 -0.59
C GLU C 110 22.30 11.83 -1.11
N PRO C 111 21.93 12.16 -2.36
CA PRO C 111 22.33 13.46 -2.89
C PRO C 111 21.74 14.62 -2.09
N GLU C 112 22.52 15.69 -1.93
CA GLU C 112 22.06 16.90 -1.28
C GLU C 112 21.86 17.98 -2.33
N THR C 113 20.62 18.41 -2.53
CA THR C 113 20.30 19.35 -3.60
C THR C 113 20.11 20.78 -3.11
N PHE C 114 20.11 20.97 -1.79
CA PHE C 114 20.04 22.30 -1.19
C PHE C 114 18.76 23.07 -1.57
N GLY C 115 17.74 22.33 -1.98
CA GLY C 115 16.47 22.92 -2.34
C GLY C 115 16.47 23.55 -3.73
N ILE C 116 17.56 23.35 -4.45
CA ILE C 116 17.69 23.88 -5.80
C ILE C 116 16.65 23.25 -6.73
N GLU C 117 15.95 24.08 -7.48
CA GLU C 117 14.79 23.66 -8.26
C GLU C 117 15.17 22.83 -9.48
N GLY C 118 14.57 21.65 -9.60
CA GLY C 118 14.75 20.81 -10.77
C GLY C 118 15.92 19.85 -10.68
N LEU C 119 16.74 20.02 -9.66
CA LEU C 119 17.95 19.20 -9.50
C LEU C 119 17.64 17.72 -9.34
N ARG C 120 16.67 17.41 -8.49
CA ARG C 120 16.27 16.03 -8.26
C ARG C 120 15.65 15.42 -9.52
N GLU C 121 14.78 16.18 -10.17
CA GLU C 121 14.07 15.70 -11.33
C GLU C 121 14.92 15.56 -12.59
N HIS C 122 15.75 16.56 -12.88
CA HIS C 122 16.41 16.64 -14.18
C HIS C 122 17.93 16.46 -14.19
N ALA C 123 18.53 16.10 -13.06
CA ALA C 123 19.97 15.90 -13.02
C ALA C 123 20.32 14.49 -12.55
N PHE C 124 21.55 14.06 -12.82
CA PHE C 124 21.98 12.71 -12.51
C PHE C 124 22.94 12.67 -11.32
N SER C 125 23.03 11.52 -10.67
CA SER C 125 23.91 11.35 -9.52
C SER C 125 24.83 10.13 -9.69
N ILE C 126 26.08 10.27 -9.26
CA ILE C 126 27.03 9.17 -9.28
C ILE C 126 27.07 8.47 -7.92
N ASN C 127 26.11 7.58 -7.67
CA ASN C 127 26.05 6.92 -6.37
C ASN C 127 25.71 5.42 -6.36
N SER C 128 25.56 4.81 -7.53
CA SER C 128 25.31 3.37 -7.60
C SER C 128 25.65 2.80 -8.97
N ILE C 129 25.64 1.48 -9.08
CA ILE C 129 25.86 0.81 -10.35
C ILE C 129 24.76 1.17 -11.34
N ASN C 130 23.53 1.22 -10.84
CA ASN C 130 22.39 1.60 -11.67
C ASN C 130 22.51 3.03 -12.17
N SER C 131 22.89 3.94 -11.29
CA SER C 131 22.97 5.35 -11.63
C SER C 131 24.08 5.64 -12.67
N VAL C 132 25.24 5.01 -12.50
CA VAL C 132 26.35 5.25 -13.42
C VAL C 132 26.08 4.67 -14.82
N ARG C 133 25.34 3.57 -14.88
CA ARG C 133 24.95 3.01 -16.18
C ARG C 133 23.95 3.97 -16.85
N ILE C 134 23.07 4.54 -16.04
CA ILE C 134 22.09 5.48 -16.56
C ILE C 134 22.79 6.72 -17.12
N ILE C 135 23.77 7.24 -16.38
CA ILE C 135 24.54 8.39 -16.84
C ILE C 135 25.30 8.08 -18.12
N ARG C 136 25.96 6.91 -18.12
CA ARG C 136 26.79 6.50 -19.24
C ARG C 136 25.98 6.36 -20.53
N GLN C 137 24.86 5.65 -20.45
CA GLN C 137 24.02 5.45 -21.61
C GLN C 137 23.31 6.75 -22.01
N HIS C 138 23.04 7.59 -21.03
CA HIS C 138 22.41 8.89 -21.31
C HIS C 138 23.31 9.75 -22.18
N ILE C 139 24.59 9.84 -21.80
CA ILE C 139 25.55 10.64 -22.53
C ILE C 139 25.73 10.12 -23.95
N GLU C 140 25.89 8.80 -24.07
CA GLU C 140 26.07 8.19 -25.38
C GLU C 140 24.84 8.36 -26.28
N TYR C 141 23.68 8.44 -25.65
CA TYR C 141 22.44 8.69 -26.38
C TYR C 141 22.43 10.10 -26.99
N GLN C 142 22.88 11.08 -26.21
CA GLN C 142 22.90 12.47 -26.68
C GLN C 142 23.85 12.63 -27.85
N PHE C 143 25.00 11.98 -27.77
CA PHE C 143 26.00 12.03 -28.83
C PHE C 143 25.49 11.36 -30.10
N ALA C 144 24.71 10.30 -29.94
CA ALA C 144 24.11 9.61 -31.07
C ALA C 144 23.12 10.51 -31.79
N LYS C 145 22.37 11.31 -31.03
CA LYS C 145 21.37 12.21 -31.58
C LYS C 145 22.01 13.37 -32.33
N PHE C 146 23.24 13.72 -31.98
CA PHE C 146 23.87 14.93 -32.52
C PHE C 146 24.11 14.88 -34.02
N ALA C 147 24.56 13.73 -34.52
CA ALA C 147 24.89 13.59 -35.93
C ALA C 147 23.68 13.90 -36.82
N ALA C 148 22.50 13.46 -36.37
CA ALA C 148 21.26 13.76 -37.08
C ALA C 148 20.84 15.22 -36.95
N GLU C 149 21.21 15.86 -35.84
CA GLU C 149 20.83 17.25 -35.58
C GLU C 149 22.04 18.11 -35.18
N PRO C 150 22.88 18.48 -36.15
CA PRO C 150 24.14 19.18 -35.89
C PRO C 150 23.98 20.55 -35.23
N GLU C 151 22.79 21.16 -35.35
CA GLU C 151 22.56 22.47 -34.75
C GLU C 151 22.49 22.39 -33.23
N ARG C 152 22.10 21.22 -32.71
CA ARG C 152 21.95 21.03 -31.28
C ARG C 152 23.27 20.72 -30.59
N THR C 153 24.08 21.75 -30.35
CA THR C 153 25.38 21.57 -29.71
C THR C 153 25.23 21.31 -28.21
N ASP C 154 24.03 21.53 -27.67
CA ASP C 154 23.76 21.24 -26.27
C ASP C 154 23.82 19.73 -25.98
N TYR C 155 23.66 18.93 -27.03
CA TYR C 155 23.84 17.49 -26.93
C TYR C 155 25.27 17.17 -26.52
N LEU C 156 26.19 18.04 -26.91
CA LEU C 156 27.62 17.82 -26.69
C LEU C 156 28.12 18.52 -25.44
N THR C 157 27.20 19.13 -24.70
CA THR C 157 27.56 19.86 -23.49
C THR C 157 27.16 19.10 -22.23
N ILE C 158 28.15 18.84 -21.37
CA ILE C 158 27.90 18.16 -20.10
C ILE C 158 28.25 19.08 -18.94
N VAL C 159 27.27 19.37 -18.09
CA VAL C 159 27.49 20.22 -16.93
C VAL C 159 27.62 19.38 -15.67
N VAL C 160 28.76 19.53 -14.99
CA VAL C 160 29.00 18.84 -13.74
C VAL C 160 28.98 19.85 -12.58
N GLY C 161 28.00 19.74 -11.70
CA GLY C 161 27.82 20.69 -10.63
C GLY C 161 28.61 20.33 -9.39
N GLY C 162 29.50 21.21 -8.99
CA GLY C 162 30.37 20.97 -7.85
C GLY C 162 31.75 20.51 -8.27
N ALA C 163 32.77 21.22 -7.81
CA ALA C 163 34.14 20.90 -8.17
C ALA C 163 34.87 20.28 -6.99
N GLY C 164 34.15 19.41 -6.29
CA GLY C 164 34.73 18.68 -5.18
C GLY C 164 35.50 17.45 -5.67
N PHE C 165 35.80 16.55 -4.74
CA PHE C 165 36.58 15.36 -5.02
C PHE C 165 35.90 14.48 -6.08
N THR C 166 34.59 14.29 -5.94
CA THR C 166 33.84 13.47 -6.88
C THR C 166 33.74 14.08 -8.28
N GLY C 167 33.42 15.37 -8.33
CA GLY C 167 33.25 16.06 -9.61
C GLY C 167 34.52 16.11 -10.42
N ILE C 168 35.64 16.39 -9.75
CA ILE C 168 36.94 16.50 -10.41
C ILE C 168 37.38 15.17 -11.02
N GLU C 169 37.19 14.09 -10.27
CA GLU C 169 37.54 12.77 -10.77
C GLU C 169 36.68 12.40 -11.98
N PHE C 170 35.41 12.78 -11.94
CA PHE C 170 34.48 12.46 -13.02
C PHE C 170 34.81 13.18 -14.33
N VAL C 171 35.05 14.48 -14.26
CA VAL C 171 35.37 15.25 -15.46
C VAL C 171 36.71 14.80 -16.05
N GLY C 172 37.58 14.25 -15.21
CA GLY C 172 38.83 13.69 -15.68
C GLY C 172 38.58 12.47 -16.53
N GLU C 173 37.71 11.58 -16.05
CA GLU C 173 37.33 10.39 -16.80
C GLU C 173 36.58 10.75 -18.07
N LEU C 174 35.73 11.78 -17.97
CA LEU C 174 34.96 12.26 -19.10
C LEU C 174 35.86 12.79 -20.20
N ALA C 175 36.89 13.53 -19.81
CA ALA C 175 37.84 14.11 -20.75
C ALA C 175 38.60 13.01 -21.48
N ASP C 176 38.93 11.95 -20.77
CA ASP C 176 39.62 10.81 -21.35
C ASP C 176 38.73 10.06 -22.34
N ARG C 177 37.45 9.97 -22.03
CA ARG C 177 36.49 9.22 -22.85
C ARG C 177 36.16 9.93 -24.17
N MET C 178 36.25 11.25 -24.17
CA MET C 178 35.77 12.06 -25.29
C MET C 178 36.35 11.71 -26.68
N PRO C 179 37.66 11.40 -26.76
CA PRO C 179 38.17 11.03 -28.10
C PRO C 179 37.49 9.78 -28.68
N GLU C 180 37.37 8.73 -27.89
CA GLU C 180 36.72 7.50 -28.34
C GLU C 180 35.24 7.76 -28.62
N LEU C 181 34.62 8.56 -27.77
CA LEU C 181 33.20 8.86 -27.87
C LEU C 181 32.88 9.67 -29.13
N CYS C 182 33.74 10.63 -29.46
CA CYS C 182 33.54 11.47 -30.64
C CYS C 182 33.69 10.70 -31.95
N ALA C 183 34.66 9.80 -32.00
CA ALA C 183 34.90 8.99 -33.18
C ALA C 183 33.72 8.07 -33.46
N GLU C 184 33.15 7.51 -32.39
CA GLU C 184 32.04 6.57 -32.50
C GLU C 184 30.81 7.20 -33.15
N TYR C 185 30.57 8.47 -32.86
CA TYR C 185 29.35 9.13 -33.33
C TYR C 185 29.58 10.28 -34.30
N ASP C 186 30.74 10.27 -34.97
CA ASP C 186 31.06 11.26 -36.00
C ASP C 186 30.92 12.69 -35.48
N VAL C 187 31.43 12.91 -34.28
CA VAL C 187 31.32 14.21 -33.64
C VAL C 187 32.65 14.96 -33.72
N ASP C 188 32.58 16.25 -34.01
CA ASP C 188 33.77 17.11 -34.01
C ASP C 188 34.16 17.42 -32.57
N PRO C 189 35.34 16.95 -32.14
CA PRO C 189 35.78 17.04 -30.75
C PRO C 189 35.79 18.46 -30.18
N LYS C 190 36.03 19.44 -31.05
CA LYS C 190 36.11 20.83 -30.64
C LYS C 190 34.75 21.34 -30.17
N LEU C 191 33.68 20.71 -30.64
CA LEU C 191 32.32 21.11 -30.29
C LEU C 191 31.92 20.66 -28.88
N VAL C 192 32.63 19.67 -28.35
CA VAL C 192 32.32 19.13 -27.03
C VAL C 192 32.67 20.09 -25.90
N ARG C 193 31.72 20.31 -25.00
CA ARG C 193 31.95 21.17 -23.83
C ARG C 193 31.72 20.43 -22.53
N ILE C 194 32.78 20.26 -21.75
CA ILE C 194 32.66 19.72 -20.39
C ILE C 194 32.84 20.85 -19.40
N ILE C 195 31.76 21.20 -18.71
CA ILE C 195 31.77 22.37 -17.82
C ILE C 195 31.60 21.97 -16.37
N ASN C 196 32.58 22.32 -15.54
CA ASN C 196 32.51 22.05 -14.11
C ASN C 196 32.21 23.34 -13.36
N VAL C 197 31.03 23.40 -12.74
CA VAL C 197 30.55 24.62 -12.13
C VAL C 197 30.58 24.54 -10.60
N GLU C 198 31.31 25.45 -9.97
CA GLU C 198 31.48 25.45 -8.52
C GLU C 198 31.00 26.75 -7.88
N ALA C 199 30.17 26.63 -6.85
CA ALA C 199 29.68 27.78 -6.10
C ALA C 199 30.81 28.43 -5.30
N ALA C 200 31.73 27.60 -4.80
CA ALA C 200 32.83 28.06 -3.96
C ALA C 200 33.81 28.91 -4.78
N PRO C 201 34.58 29.78 -4.10
CA PRO C 201 35.52 30.66 -4.81
C PRO C 201 36.61 29.92 -5.58
N THR C 202 36.95 28.72 -5.15
CA THR C 202 37.99 27.94 -5.81
C THR C 202 37.60 26.50 -6.08
N VAL C 203 38.26 25.89 -7.05
CA VAL C 203 38.11 24.46 -7.31
C VAL C 203 38.70 23.69 -6.14
N LEU C 204 38.03 22.62 -5.74
CA LEU C 204 38.48 21.79 -4.62
C LEU C 204 38.69 22.62 -3.36
N PRO C 205 37.63 23.27 -2.86
CA PRO C 205 37.79 24.19 -1.71
C PRO C 205 38.29 23.47 -0.46
N GLY C 206 39.21 24.10 0.26
CA GLY C 206 39.79 23.53 1.46
C GLY C 206 40.83 22.47 1.16
N PHE C 207 41.38 22.50 -0.05
CA PHE C 207 42.43 21.58 -0.45
C PHE C 207 43.69 22.36 -0.77
N ASP C 208 44.83 21.68 -0.84
CA ASP C 208 46.11 22.36 -1.07
C ASP C 208 46.15 23.04 -2.43
N PRO C 209 46.40 24.36 -2.44
CA PRO C 209 46.39 25.20 -3.64
C PRO C 209 47.37 24.73 -4.71
N ALA C 210 48.48 24.15 -4.30
CA ALA C 210 49.48 23.63 -5.23
C ALA C 210 48.90 22.47 -6.03
N LEU C 211 48.19 21.57 -5.33
CA LEU C 211 47.53 20.44 -5.97
C LEU C 211 46.37 20.89 -6.85
N VAL C 212 45.61 21.87 -6.37
CA VAL C 212 44.47 22.40 -7.12
C VAL C 212 44.90 23.01 -8.45
N ASN C 213 45.96 23.81 -8.42
CA ASN C 213 46.48 24.44 -9.63
C ASN C 213 46.97 23.43 -10.65
N TYR C 214 47.58 22.36 -10.15
CA TYR C 214 48.05 21.28 -11.01
C TYR C 214 46.86 20.58 -11.67
N ALA C 215 45.82 20.33 -10.89
CA ALA C 215 44.63 19.65 -11.38
C ALA C 215 43.92 20.47 -12.45
N MET C 216 43.77 21.77 -12.20
CA MET C 216 43.13 22.64 -13.17
C MET C 216 43.94 22.73 -14.46
N ASP C 217 45.26 22.71 -14.34
CA ASP C 217 46.12 22.74 -15.52
C ASP C 217 45.96 21.48 -16.36
N VAL C 218 45.96 20.33 -15.71
CA VAL C 218 45.79 19.05 -16.39
C VAL C 218 44.40 18.95 -17.03
N LEU C 219 43.37 19.22 -16.22
CA LEU C 219 41.99 19.15 -16.69
C LEU C 219 41.71 20.22 -17.73
N GLY C 220 42.27 21.41 -17.51
CA GLY C 220 42.15 22.50 -18.46
C GLY C 220 42.82 22.12 -19.77
N GLY C 221 43.90 21.34 -19.66
CA GLY C 221 44.62 20.85 -20.82
C GLY C 221 43.80 19.94 -21.71
N LYS C 222 42.92 19.14 -21.12
CA LYS C 222 42.09 18.22 -21.88
C LYS C 222 40.76 18.85 -22.28
N GLY C 223 40.65 20.16 -22.10
CA GLY C 223 39.50 20.89 -22.59
C GLY C 223 38.36 21.07 -21.61
N VAL C 224 38.59 20.73 -20.34
CA VAL C 224 37.58 20.93 -19.32
C VAL C 224 37.46 22.41 -18.96
N GLU C 225 36.23 22.90 -18.84
CA GLU C 225 35.98 24.30 -18.48
C GLU C 225 35.59 24.41 -17.01
N PHE C 226 36.04 25.48 -16.36
CA PHE C 226 35.72 25.70 -14.96
C PHE C 226 35.02 27.03 -14.75
N LYS C 227 33.88 26.99 -14.08
CA LYS C 227 33.20 28.20 -13.64
C LYS C 227 33.14 28.20 -12.12
N ILE C 228 33.91 29.09 -11.50
CA ILE C 228 34.05 29.11 -10.06
C ILE C 228 33.39 30.36 -9.49
N GLY C 229 32.92 30.25 -8.24
CA GLY C 229 32.17 31.33 -7.62
C GLY C 229 30.81 31.50 -8.29
N THR C 230 30.40 30.48 -9.03
CA THR C 230 29.15 30.50 -9.77
C THR C 230 28.22 29.40 -9.28
N PRO C 231 27.17 29.76 -8.53
CA PRO C 231 26.21 28.76 -8.06
C PRO C 231 25.17 28.42 -9.11
N ILE C 232 24.53 27.26 -8.96
CA ILE C 232 23.46 26.86 -9.86
C ILE C 232 22.13 27.24 -9.22
N LYS C 233 21.47 28.24 -9.82
CA LYS C 233 20.21 28.75 -9.29
C LYS C 233 19.10 27.71 -9.38
N ARG C 234 18.97 27.08 -10.54
CA ARG C 234 17.98 26.04 -10.74
C ARG C 234 18.33 25.17 -11.93
N CYS C 235 17.70 24.00 -12.00
CA CYS C 235 17.98 23.04 -13.07
C CYS C 235 16.72 22.75 -13.88
N THR C 236 16.87 22.71 -15.19
CA THR C 236 15.75 22.47 -16.10
C THR C 236 16.10 21.30 -17.02
N PRO C 237 15.11 20.74 -17.73
CA PRO C 237 15.46 19.69 -18.69
C PRO C 237 16.39 20.18 -19.80
N GLU C 238 16.34 21.46 -20.09
CA GLU C 238 17.21 22.03 -21.13
C GLU C 238 18.64 22.25 -20.64
N GLY C 239 18.82 22.31 -19.32
CA GLY C 239 20.13 22.60 -18.75
C GLY C 239 20.05 23.23 -17.38
N VAL C 240 20.95 24.16 -17.11
CA VAL C 240 20.99 24.83 -15.81
C VAL C 240 20.96 26.34 -15.95
N VAL C 241 20.53 27.00 -14.88
CA VAL C 241 20.61 28.45 -14.77
C VAL C 241 21.62 28.79 -13.68
N ILE C 242 22.58 29.66 -14.01
CA ILE C 242 23.65 29.98 -13.08
C ILE C 242 23.72 31.48 -12.77
N GLU C 243 24.41 31.83 -11.69
CA GLU C 243 24.52 33.21 -11.25
C GLU C 243 25.89 33.80 -11.55
N VAL C 244 25.95 34.71 -12.52
CA VAL C 244 27.20 35.36 -12.88
C VAL C 244 27.12 36.86 -12.65
N ASP C 245 27.96 37.36 -11.75
CA ASP C 245 28.00 38.79 -11.41
C ASP C 245 26.64 39.34 -11.00
N GLY C 246 25.89 38.56 -10.22
CA GLY C 246 24.59 38.98 -9.73
C GLY C 246 23.48 38.92 -10.78
N GLU C 247 23.80 38.36 -11.94
CA GLU C 247 22.83 38.25 -13.03
C GLU C 247 22.62 36.79 -13.42
N GLU C 248 21.38 36.43 -13.73
CA GLU C 248 21.06 35.08 -14.17
C GLU C 248 21.67 34.78 -15.54
N GLU C 249 22.18 33.57 -15.69
CA GLU C 249 22.74 33.14 -16.97
C GLU C 249 22.32 31.69 -17.25
N GLU C 250 22.21 31.35 -18.52
CA GLU C 250 21.76 30.01 -18.90
C GLU C 250 22.84 29.21 -19.62
N ILE C 251 22.97 27.95 -19.23
CA ILE C 251 23.80 27.00 -19.97
C ILE C 251 22.90 25.91 -20.55
N LYS C 252 22.93 25.77 -21.87
CA LYS C 252 22.12 24.74 -22.52
C LYS C 252 22.91 23.44 -22.58
N ALA C 253 22.47 22.45 -21.80
CA ALA C 253 23.15 21.17 -21.72
C ALA C 253 22.17 20.00 -21.65
N ALA C 254 22.36 19.02 -22.52
CA ALA C 254 21.52 17.82 -22.53
C ALA C 254 21.80 16.96 -21.29
N THR C 255 22.99 17.09 -20.73
CA THR C 255 23.38 16.29 -19.58
C THR C 255 23.83 17.15 -18.41
N VAL C 256 23.18 16.99 -17.26
CA VAL C 256 23.60 17.66 -16.05
C VAL C 256 23.86 16.64 -14.95
N VAL C 257 25.10 16.60 -14.46
CA VAL C 257 25.47 15.66 -13.41
C VAL C 257 25.77 16.42 -12.13
N TRP C 258 25.10 16.02 -11.06
CA TRP C 258 25.20 16.73 -9.79
C TRP C 258 26.15 16.03 -8.82
N THR C 259 27.25 16.70 -8.51
CA THR C 259 28.21 16.21 -7.54
C THR C 259 28.42 17.27 -6.44
N GLY C 260 27.37 18.06 -6.21
CA GLY C 260 27.46 19.21 -5.33
C GLY C 260 27.54 18.89 -3.84
N GLY C 261 26.93 17.78 -3.42
CA GLY C 261 26.98 17.41 -2.03
C GLY C 261 26.20 16.16 -1.68
N VAL C 262 26.50 15.60 -0.51
CA VAL C 262 25.79 14.42 -0.04
C VAL C 262 25.27 14.63 1.37
N ARG C 263 24.29 13.84 1.76
CA ARG C 263 23.74 13.87 3.11
C ARG C 263 23.43 12.44 3.56
N GLY C 264 23.15 12.26 4.84
CA GLY C 264 22.80 10.95 5.35
C GLY C 264 21.50 10.50 4.74
N ASN C 265 21.33 9.18 4.64
CA ASN C 265 20.13 8.60 4.04
C ASN C 265 18.87 9.05 4.79
N SER C 266 17.85 9.47 4.04
CA SER C 266 16.68 10.11 4.61
C SER C 266 15.86 9.17 5.50
N ILE C 267 16.11 7.87 5.37
CA ILE C 267 15.42 6.88 6.19
C ILE C 267 15.71 7.12 7.66
N VAL C 268 16.95 7.50 7.95
CA VAL C 268 17.38 7.78 9.31
C VAL C 268 16.60 8.94 9.91
N GLU C 269 16.52 10.04 9.16
CA GLU C 269 15.78 11.22 9.60
C GLU C 269 14.28 10.93 9.73
N LYS C 270 13.74 10.22 8.75
CA LYS C 270 12.31 9.90 8.73
C LYS C 270 11.92 8.98 9.88
N SER C 271 12.90 8.22 10.39
CA SER C 271 12.66 7.24 11.44
C SER C 271 12.69 7.88 12.84
N GLY C 272 12.89 9.19 12.89
CA GLY C 272 12.80 9.92 14.14
C GLY C 272 14.11 10.14 14.87
N PHE C 273 15.23 9.78 14.23
CA PHE C 273 16.53 10.08 14.83
C PHE C 273 16.80 11.57 14.72
N GLU C 274 17.55 12.11 15.68
CA GLU C 274 17.95 13.50 15.61
C GLU C 274 19.21 13.58 14.75
N THR C 275 19.17 14.39 13.70
CA THR C 275 20.24 14.39 12.71
C THR C 275 20.72 15.79 12.33
N MET C 276 21.99 15.86 11.94
CA MET C 276 22.56 17.07 11.34
C MET C 276 22.95 16.76 9.90
N ARG C 277 22.29 17.42 8.95
CA ARG C 277 22.49 17.18 7.53
C ARG C 277 22.24 15.70 7.19
N GLY C 278 21.27 15.10 7.87
CA GLY C 278 20.88 13.73 7.62
C GLY C 278 21.74 12.71 8.35
N ARG C 279 22.75 13.20 9.05
CA ARG C 279 23.70 12.32 9.73
C ARG C 279 23.54 12.38 11.25
N ILE C 280 23.85 11.28 11.92
CA ILE C 280 23.76 11.22 13.37
C ILE C 280 25.11 11.47 14.04
N LYS C 281 25.15 12.41 14.98
CA LYS C 281 26.37 12.66 15.73
C LYS C 281 26.50 11.63 16.84
N VAL C 282 27.22 10.56 16.55
CA VAL C 282 27.31 9.40 17.44
C VAL C 282 28.18 9.64 18.67
N ASP C 283 28.06 8.75 19.65
CA ASP C 283 28.89 8.81 20.85
C ASP C 283 30.26 8.19 20.54
N PRO C 284 31.21 8.21 21.49
CA PRO C 284 32.52 7.64 21.20
C PRO C 284 32.53 6.17 20.78
N TYR C 285 31.44 5.45 21.00
CA TYR C 285 31.34 4.05 20.63
C TYR C 285 30.54 3.87 19.34
N LEU C 286 30.33 4.99 18.63
CA LEU C 286 29.61 5.02 17.36
C LEU C 286 28.12 4.67 17.50
N ARG C 287 27.59 4.80 18.70
CA ARG C 287 26.17 4.52 18.93
C ARG C 287 25.34 5.79 18.79
N ALA C 288 24.09 5.62 18.37
CA ALA C 288 23.17 6.76 18.31
C ALA C 288 22.83 7.19 19.73
N PRO C 289 22.80 8.51 19.96
CA PRO C 289 22.52 9.05 21.30
C PRO C 289 21.17 8.59 21.81
N GLY C 290 21.14 8.04 23.02
CA GLY C 290 19.92 7.55 23.61
C GLY C 290 19.59 6.11 23.23
N HIS C 291 20.50 5.49 22.49
CA HIS C 291 20.36 4.07 22.14
C HIS C 291 21.68 3.34 22.40
N GLU C 292 21.62 2.27 23.18
CA GLU C 292 22.81 1.49 23.48
C GLU C 292 23.00 0.33 22.51
N ASN C 293 21.94 0.03 21.76
CA ASN C 293 21.93 -1.13 20.88
C ASN C 293 22.00 -0.77 19.39
N ILE C 294 21.92 0.53 19.08
CA ILE C 294 22.00 0.97 17.69
C ILE C 294 23.37 1.56 17.37
N PHE C 295 23.98 1.07 16.28
CA PHE C 295 25.28 1.57 15.85
C PHE C 295 25.16 2.22 14.48
N ILE C 296 25.94 3.27 14.26
CA ILE C 296 25.91 3.97 12.98
C ILE C 296 27.30 3.97 12.34
N VAL C 297 27.36 3.58 11.06
CA VAL C 297 28.63 3.50 10.35
C VAL C 297 28.56 4.22 9.01
N GLY C 298 29.72 4.50 8.44
CA GLY C 298 29.81 5.13 7.14
C GLY C 298 29.25 6.54 7.08
N ASP C 299 28.64 6.87 5.94
CA ASP C 299 28.16 8.21 5.65
C ASP C 299 27.00 8.67 6.55
N CYS C 300 26.28 7.71 7.13
CA CYS C 300 25.20 8.04 8.05
C CYS C 300 25.73 8.60 9.37
N ALA C 301 26.96 8.28 9.72
CA ALA C 301 27.55 8.73 10.99
C ALA C 301 28.30 10.06 10.86
N LEU C 302 28.15 10.91 11.87
CA LEU C 302 28.86 12.18 11.91
C LEU C 302 29.81 12.24 13.09
N ILE C 303 31.08 12.53 12.83
CA ILE C 303 32.08 12.63 13.88
C ILE C 303 32.81 13.96 13.83
N ILE C 304 32.92 14.62 14.98
CA ILE C 304 33.60 15.90 15.07
C ILE C 304 35.04 15.69 15.47
N ASN C 305 35.94 16.44 14.84
CA ASN C 305 37.37 16.39 15.14
C ASN C 305 37.69 17.22 16.38
N GLU C 306 38.47 16.66 17.30
CA GLU C 306 38.85 17.37 18.51
C GLU C 306 39.84 18.50 18.23
N GLU C 307 40.75 18.28 17.29
CA GLU C 307 41.78 19.25 16.96
C GLU C 307 41.19 20.53 16.37
N ASN C 308 40.32 20.37 15.37
CA ASN C 308 39.55 21.47 14.83
C ASN C 308 38.07 21.16 14.87
N ASN C 309 37.26 22.14 15.23
CA ASN C 309 35.84 21.90 15.52
C ASN C 309 35.02 21.57 14.28
N ARG C 310 35.72 21.16 13.22
CA ARG C 310 35.09 20.74 11.97
C ARG C 310 34.76 19.25 11.95
N PRO C 311 33.65 18.89 11.29
CA PRO C 311 33.25 17.49 11.13
C PRO C 311 34.19 16.72 10.20
N TYR C 312 34.33 15.42 10.43
CA TYR C 312 35.07 14.57 9.51
C TYR C 312 34.28 14.40 8.22
N PRO C 313 34.98 14.43 7.08
CA PRO C 313 34.27 14.24 5.82
C PRO C 313 33.80 12.80 5.66
N PRO C 314 32.68 12.60 4.95
CA PRO C 314 32.17 11.24 4.73
C PRO C 314 33.00 10.51 3.68
N THR C 315 33.79 9.53 4.11
CA THR C 315 34.70 8.85 3.21
C THR C 315 34.64 7.34 3.40
N ALA C 316 35.07 6.60 2.38
CA ALA C 316 35.15 5.15 2.46
C ALA C 316 36.18 4.75 3.49
N GLN C 317 37.24 5.56 3.59
CA GLN C 317 38.34 5.27 4.50
C GLN C 317 37.88 5.22 5.95
N ILE C 318 37.17 6.25 6.39
CA ILE C 318 36.65 6.28 7.75
C ILE C 318 35.49 5.30 7.94
N ALA C 319 34.78 5.00 6.86
CA ALA C 319 33.66 4.05 6.90
C ALA C 319 34.18 2.65 7.21
N ILE C 320 35.31 2.29 6.61
CA ILE C 320 35.95 1.02 6.86
C ILE C 320 36.35 0.90 8.33
N GLN C 321 36.92 1.98 8.85
CA GLN C 321 37.34 2.02 10.24
C GLN C 321 36.14 1.93 11.18
N HIS C 322 35.02 2.51 10.76
CA HIS C 322 33.77 2.41 11.52
C HIS C 322 33.33 0.96 11.65
N GLY C 323 33.40 0.23 10.54
CA GLY C 323 32.95 -1.15 10.52
C GLY C 323 33.78 -2.05 11.41
N GLU C 324 35.09 -1.87 11.38
CA GLU C 324 35.99 -2.66 12.21
C GLU C 324 35.74 -2.40 13.69
N ASN C 325 35.57 -1.12 14.03
CA ASN C 325 35.32 -0.73 15.41
C ASN C 325 34.00 -1.27 15.94
N VAL C 326 32.95 -1.15 15.13
CA VAL C 326 31.62 -1.63 15.53
C VAL C 326 31.62 -3.15 15.68
N ALA C 327 32.31 -3.83 14.77
CA ALA C 327 32.41 -5.29 14.82
C ALA C 327 33.07 -5.74 16.10
N ALA C 328 34.15 -5.06 16.49
CA ALA C 328 34.87 -5.38 17.71
C ALA C 328 34.01 -5.11 18.95
N ASN C 329 33.35 -3.95 18.94
CA ASN C 329 32.50 -3.55 20.07
C ASN C 329 31.27 -4.44 20.25
N LEU C 330 30.69 -4.89 19.14
CA LEU C 330 29.53 -5.78 19.20
C LEU C 330 29.89 -7.14 19.77
N ALA C 331 31.07 -7.65 19.40
CA ALA C 331 31.54 -8.94 19.90
C ALA C 331 31.78 -8.88 21.41
N ALA C 332 32.38 -7.78 21.86
CA ALA C 332 32.64 -7.57 23.28
C ALA C 332 31.35 -7.39 24.06
N LEU C 333 30.41 -6.66 23.48
CA LEU C 333 29.14 -6.34 24.11
C LEU C 333 28.32 -7.62 24.34
N ILE C 334 28.34 -8.51 23.36
CA ILE C 334 27.63 -9.79 23.47
C ILE C 334 28.24 -10.67 24.56
N ARG C 335 29.57 -10.63 24.69
CA ARG C 335 30.25 -11.45 25.68
C ARG C 335 30.40 -10.74 27.02
N GLY C 336 29.75 -9.58 27.15
CA GLY C 336 29.76 -8.85 28.41
C GLY C 336 31.06 -8.12 28.68
N GLY C 337 31.88 -7.96 27.64
CA GLY C 337 33.16 -7.31 27.78
C GLY C 337 33.03 -5.79 27.73
N SER C 338 34.15 -5.10 27.57
CA SER C 338 34.14 -3.64 27.54
C SER C 338 34.46 -3.11 26.15
N MET C 339 33.70 -2.12 25.71
CA MET C 339 33.87 -1.54 24.39
C MET C 339 35.10 -0.65 24.32
N THR C 340 35.62 -0.47 23.12
CA THR C 340 36.73 0.44 22.89
C THR C 340 36.24 1.65 22.11
N PRO C 341 36.54 2.85 22.60
CA PRO C 341 36.14 4.08 21.90
C PRO C 341 36.78 4.15 20.52
N PHE C 342 36.07 4.72 19.56
CA PHE C 342 36.56 4.79 18.20
C PHE C 342 37.62 5.87 18.07
N LYS C 343 38.77 5.50 17.50
CA LYS C 343 39.81 6.47 17.20
C LYS C 343 40.14 6.45 15.71
N PRO C 344 39.83 7.55 15.01
CA PRO C 344 40.08 7.63 13.57
C PRO C 344 41.55 7.81 13.24
N HIS C 345 42.02 7.08 12.23
CA HIS C 345 43.38 7.25 11.73
C HIS C 345 43.33 7.60 10.25
N ILE C 346 43.22 8.88 9.94
CA ILE C 346 43.04 9.30 8.57
C ILE C 346 44.37 9.45 7.83
N ARG C 347 44.63 8.48 6.95
CA ARG C 347 45.81 8.54 6.10
C ARG C 347 45.46 9.45 4.93
N GLY C 348 46.45 9.75 4.10
CA GLY C 348 46.23 10.63 2.96
C GLY C 348 45.27 10.04 1.95
N THR C 349 44.78 10.89 1.04
CA THR C 349 43.87 10.44 0.00
C THR C 349 44.34 10.94 -1.36
N VAL C 350 43.98 10.21 -2.42
CA VAL C 350 44.40 10.56 -3.76
C VAL C 350 43.21 10.78 -4.69
N ALA C 351 43.28 11.82 -5.51
CA ALA C 351 42.24 12.10 -6.48
C ALA C 351 42.76 11.85 -7.89
N SER C 352 42.08 10.97 -8.63
CA SER C 352 42.49 10.68 -10.00
C SER C 352 42.12 11.82 -10.94
N LEU C 353 42.92 12.02 -11.98
CA LEU C 353 42.63 12.99 -13.02
C LEU C 353 42.71 12.30 -14.36
N GLY C 354 41.78 11.37 -14.60
CA GLY C 354 41.84 10.50 -15.75
C GLY C 354 42.55 9.21 -15.38
N ARG C 355 42.82 8.38 -16.39
CA ARG C 355 43.47 7.09 -16.16
C ARG C 355 44.93 7.21 -15.75
N ASN C 356 45.64 8.18 -16.32
CA ASN C 356 47.08 8.26 -16.17
C ASN C 356 47.60 9.41 -15.30
N ASP C 357 46.70 10.10 -14.61
CA ASP C 357 47.09 11.24 -13.78
C ASP C 357 46.34 11.27 -12.46
N ALA C 358 46.93 11.90 -11.45
CA ALA C 358 46.34 11.98 -10.12
C ALA C 358 47.01 13.04 -9.24
N ILE C 359 46.33 13.41 -8.16
CA ILE C 359 46.88 14.29 -7.13
C ILE C 359 46.54 13.75 -5.75
N GLY C 360 47.46 13.90 -4.80
CA GLY C 360 47.22 13.46 -3.45
C GLY C 360 48.24 13.95 -2.44
N ILE C 361 47.90 13.82 -1.16
CA ILE C 361 48.85 14.04 -0.08
C ILE C 361 49.08 12.73 0.67
N VAL C 362 50.23 12.11 0.46
CA VAL C 362 50.52 10.83 1.12
C VAL C 362 51.74 10.94 2.05
N GLY C 363 51.51 10.66 3.32
CA GLY C 363 52.55 10.80 4.33
C GLY C 363 53.02 12.24 4.49
N GLY C 364 52.09 13.18 4.33
CA GLY C 364 52.38 14.59 4.48
C GLY C 364 53.04 15.19 3.26
N ARG C 365 53.31 14.34 2.27
CA ARG C 365 53.97 14.79 1.05
C ARG C 365 53.02 14.75 -0.15
N LYS C 366 53.02 15.83 -0.94
CA LYS C 366 52.20 15.89 -2.13
C LYS C 366 52.72 14.94 -3.20
N VAL C 367 51.81 14.37 -3.98
CA VAL C 367 52.20 13.46 -5.05
C VAL C 367 51.43 13.79 -6.32
N TYR C 368 52.04 13.55 -7.48
CA TYR C 368 51.45 13.92 -8.75
C TYR C 368 51.69 12.87 -9.83
N GLY C 369 50.98 13.02 -10.94
CA GLY C 369 51.24 12.26 -12.14
C GLY C 369 51.17 10.75 -12.00
N HIS C 370 52.03 10.05 -12.73
CA HIS C 370 52.02 8.60 -12.79
C HIS C 370 52.25 7.96 -11.42
N ALA C 371 53.06 8.61 -10.59
CA ALA C 371 53.34 8.10 -9.26
C ALA C 371 52.09 8.07 -8.39
N ALA C 372 51.38 9.20 -8.36
CA ALA C 372 50.15 9.31 -7.59
C ALA C 372 49.05 8.39 -8.13
N SER C 373 49.00 8.23 -9.44
CA SER C 373 48.01 7.38 -10.08
C SER C 373 48.17 5.92 -9.68
N TRP C 374 49.40 5.42 -9.74
CA TRP C 374 49.70 4.05 -9.32
C TRP C 374 49.52 3.90 -7.82
N LEU C 375 49.82 4.96 -7.09
CA LEU C 375 49.67 4.98 -5.63
C LEU C 375 48.21 4.76 -5.23
N LYS C 376 47.30 5.44 -5.91
CA LYS C 376 45.87 5.33 -5.63
C LYS C 376 45.35 3.91 -5.87
N LYS C 377 45.81 3.31 -6.96
CA LYS C 377 45.39 1.96 -7.35
C LYS C 377 45.80 0.92 -6.31
N LEU C 378 46.97 1.10 -5.73
CA LEU C 378 47.46 0.20 -4.69
C LEU C 378 46.59 0.31 -3.44
N ILE C 379 46.21 1.54 -3.09
CA ILE C 379 45.36 1.79 -1.94
C ILE C 379 44.00 1.11 -2.12
N ASP C 380 43.45 1.21 -3.32
CA ASP C 380 42.18 0.60 -3.64
C ASP C 380 42.28 -0.93 -3.61
N MET C 381 43.44 -1.46 -4.01
CA MET C 381 43.68 -2.89 -3.99
C MET C 381 43.67 -3.43 -2.56
N ARG C 382 44.11 -2.60 -1.61
CA ARG C 382 44.15 -2.99 -0.21
C ARG C 382 42.76 -3.30 0.33
N TYR C 383 41.76 -2.51 -0.07
CA TYR C 383 40.39 -2.76 0.37
C TYR C 383 39.84 -4.06 -0.20
N LEU C 384 40.15 -4.32 -1.47
CA LEU C 384 39.70 -5.55 -2.12
C LEU C 384 40.25 -6.76 -1.41
N TYR C 385 41.51 -6.67 -0.99
CA TYR C 385 42.14 -7.73 -0.22
C TYR C 385 41.47 -7.89 1.14
N LEU C 386 41.11 -6.77 1.76
CA LEU C 386 40.53 -6.79 3.10
C LEU C 386 39.21 -7.56 3.12
N ILE C 387 38.36 -7.34 2.13
CA ILE C 387 37.03 -7.96 2.13
C ILE C 387 36.94 -9.27 1.34
N GLY C 388 37.78 -9.42 0.32
CA GLY C 388 37.69 -10.58 -0.55
C GLY C 388 38.92 -11.45 -0.58
N GLY C 389 39.99 -11.00 0.08
CA GLY C 389 41.22 -11.76 0.11
C GLY C 389 42.00 -11.62 -1.19
N LEU C 390 43.00 -12.46 -1.36
CA LEU C 390 43.83 -12.45 -2.55
C LEU C 390 43.03 -12.83 -3.80
N SER C 391 42.01 -13.66 -3.61
CA SER C 391 41.19 -14.13 -4.71
C SER C 391 40.45 -13.00 -5.42
N LEU C 392 39.88 -12.09 -4.64
CA LEU C 392 39.14 -10.96 -5.20
C LEU C 392 40.05 -10.00 -5.97
N VAL C 393 41.27 -9.80 -5.48
CA VAL C 393 42.22 -8.91 -6.13
C VAL C 393 42.57 -9.38 -7.54
N LEU C 394 42.78 -10.69 -7.69
CA LEU C 394 43.10 -11.24 -9.01
C LEU C 394 41.89 -11.25 -9.93
N LYS C 395 40.71 -11.43 -9.35
CA LYS C 395 39.47 -11.47 -10.12
C LYS C 395 39.13 -10.12 -10.74
N LYS C 396 39.74 -9.05 -10.24
CA LYS C 396 39.52 -7.71 -10.78
C LYS C 396 40.82 -7.11 -11.30
N LYS D 3 33.98 16.97 -71.59
CA LYS D 3 33.25 18.20 -71.88
C LYS D 3 31.78 18.18 -71.40
N PRO D 4 31.05 17.07 -71.63
CA PRO D 4 29.68 17.09 -71.11
C PRO D 4 29.61 16.86 -69.59
N SER D 5 28.67 17.48 -68.91
CA SER D 5 28.59 17.36 -67.45
C SER D 5 27.45 16.46 -66.98
N ILE D 6 27.82 15.41 -66.24
CA ILE D 6 26.84 14.47 -65.68
C ILE D 6 26.76 14.61 -64.16
N VAL D 7 25.57 14.84 -63.63
CA VAL D 7 25.38 15.01 -62.19
C VAL D 7 24.55 13.87 -61.58
N ILE D 8 25.13 13.19 -60.60
CA ILE D 8 24.45 12.10 -59.91
C ILE D 8 24.12 12.48 -58.47
N LEU D 9 22.83 12.45 -58.13
CA LEU D 9 22.38 12.84 -56.79
C LEU D 9 22.13 11.63 -55.90
N GLY D 10 22.96 11.49 -54.87
CA GLY D 10 22.82 10.40 -53.92
C GLY D 10 23.80 9.27 -54.20
N ALA D 11 24.65 8.98 -53.23
CA ALA D 11 25.64 7.94 -53.37
C ALA D 11 25.18 6.64 -52.72
N GLY D 12 23.91 6.29 -52.96
CA GLY D 12 23.36 5.05 -52.48
C GLY D 12 23.64 3.93 -53.46
N TYR D 13 22.86 2.85 -53.39
CA TYR D 13 23.07 1.71 -54.28
C TYR D 13 22.99 2.10 -55.75
N GLY D 14 21.95 2.84 -56.11
CA GLY D 14 21.78 3.29 -57.48
C GLY D 14 22.89 4.24 -57.91
N GLY D 15 23.13 5.26 -57.08
CA GLY D 15 24.10 6.28 -57.41
C GLY D 15 25.55 5.85 -57.50
N ILE D 16 26.03 5.09 -56.52
CA ILE D 16 27.43 4.67 -56.48
C ILE D 16 27.76 3.65 -57.57
N VAL D 17 26.82 2.74 -57.86
CA VAL D 17 27.03 1.75 -58.90
C VAL D 17 27.03 2.41 -60.27
N ALA D 18 26.16 3.41 -60.42
CA ALA D 18 26.12 4.18 -61.65
C ALA D 18 27.42 4.95 -61.86
N ALA D 19 27.90 5.61 -60.80
CA ALA D 19 29.10 6.43 -60.88
C ALA D 19 30.34 5.60 -61.21
N LEU D 20 30.46 4.44 -60.58
CA LEU D 20 31.58 3.54 -60.85
C LEU D 20 31.52 3.03 -62.28
N GLY D 21 30.30 2.88 -62.81
CA GLY D 21 30.11 2.45 -64.18
C GLY D 21 30.63 3.43 -65.20
N LEU D 22 30.32 4.72 -65.03
CA LEU D 22 30.83 5.75 -65.93
C LEU D 22 32.35 5.85 -65.88
N GLN D 23 32.92 5.60 -64.71
CA GLN D 23 34.36 5.66 -64.51
C GLN D 23 35.07 4.62 -65.38
N LYS D 24 34.57 3.39 -65.36
CA LYS D 24 35.14 2.31 -66.15
C LYS D 24 34.92 2.54 -67.64
N ARG D 25 33.70 2.94 -68.01
CA ARG D 25 33.34 3.08 -69.41
C ARG D 25 33.99 4.28 -70.11
N LEU D 26 33.96 5.44 -69.47
CA LEU D 26 34.46 6.67 -70.09
C LEU D 26 35.96 6.89 -69.88
N ASN D 27 36.51 7.79 -70.68
CA ASN D 27 37.93 8.16 -70.59
C ASN D 27 38.06 9.51 -69.90
N TYR D 28 39.28 9.88 -69.53
CA TYR D 28 39.50 11.12 -68.79
C TYR D 28 39.07 12.32 -69.63
N ASN D 29 38.27 13.19 -69.01
CA ASN D 29 37.81 14.45 -69.61
C ASN D 29 36.80 14.22 -70.74
N GLU D 30 36.45 12.97 -70.96
CA GLU D 30 35.45 12.60 -71.97
C GLU D 30 34.13 13.24 -71.58
N ALA D 31 33.88 13.27 -70.27
CA ALA D 31 32.70 13.90 -69.71
C ALA D 31 33.01 14.38 -68.29
N ASP D 32 32.18 15.27 -67.76
CA ASP D 32 32.33 15.72 -66.39
C ASP D 32 31.35 15.03 -65.46
N ILE D 33 31.87 14.31 -64.47
CA ILE D 33 31.00 13.58 -63.55
C ILE D 33 31.14 14.12 -62.13
N THR D 34 30.03 14.62 -61.59
CA THR D 34 30.01 15.11 -60.22
C THR D 34 28.99 14.32 -59.40
N LEU D 35 29.43 13.78 -58.26
CA LEU D 35 28.58 12.98 -57.41
C LEU D 35 28.26 13.71 -56.10
N VAL D 36 26.98 13.95 -55.87
CA VAL D 36 26.55 14.70 -54.68
C VAL D 36 25.93 13.77 -53.64
N ASN D 37 26.40 13.88 -52.40
CA ASN D 37 25.86 13.09 -51.30
C ASN D 37 25.79 13.84 -49.96
N LYS D 38 24.81 13.46 -49.15
CA LYS D 38 24.62 14.05 -47.82
C LYS D 38 25.83 13.81 -46.90
N ASN D 39 26.49 12.68 -47.08
CA ASN D 39 27.60 12.28 -46.23
C ASN D 39 28.85 11.98 -47.05
N ASP D 40 29.99 11.86 -46.37
CA ASP D 40 31.24 11.52 -47.03
C ASP D 40 31.40 10.02 -47.12
N TYR D 41 30.38 9.30 -46.65
CA TYR D 41 30.37 7.85 -46.69
C TYR D 41 29.14 7.29 -47.39
N HIS D 42 29.27 6.08 -47.91
CA HIS D 42 28.16 5.35 -48.48
C HIS D 42 27.86 4.16 -47.58
N TYR D 43 26.62 4.02 -47.13
CA TYR D 43 26.31 2.96 -46.20
C TYR D 43 25.57 1.80 -46.86
N ILE D 44 25.86 0.59 -46.39
CA ILE D 44 25.22 -0.61 -46.88
C ILE D 44 23.86 -0.76 -46.21
N THR D 45 22.84 -0.24 -46.86
CA THR D 45 21.50 -0.14 -46.28
C THR D 45 20.92 -1.49 -45.88
N THR D 46 21.30 -2.54 -46.62
CA THR D 46 20.78 -3.89 -46.37
C THR D 46 21.31 -4.47 -45.05
N GLU D 47 22.35 -3.86 -44.50
CA GLU D 47 22.95 -4.34 -43.26
C GLU D 47 22.58 -3.48 -42.06
N LEU D 48 21.81 -2.42 -42.29
CA LEU D 48 21.55 -1.41 -41.25
C LEU D 48 20.76 -1.94 -40.05
N HIS D 49 20.04 -3.03 -40.24
CA HIS D 49 19.25 -3.62 -39.16
C HIS D 49 20.13 -4.13 -38.01
N GLN D 50 21.35 -4.55 -38.34
CA GLN D 50 22.26 -5.10 -37.33
C GLN D 50 22.80 -4.05 -36.35
N PRO D 51 23.34 -2.92 -36.86
CA PRO D 51 23.79 -1.91 -35.88
C PRO D 51 22.64 -1.31 -35.06
N ALA D 52 21.45 -1.28 -35.64
CA ALA D 52 20.27 -0.76 -34.94
C ALA D 52 19.99 -1.59 -33.68
N ALA D 53 20.18 -2.91 -33.80
CA ALA D 53 20.07 -3.80 -32.65
C ALA D 53 21.37 -3.81 -31.84
N GLY D 54 22.48 -3.45 -32.48
CA GLY D 54 23.77 -3.45 -31.80
C GLY D 54 24.54 -4.73 -31.99
N THR D 55 24.02 -5.61 -32.84
CA THR D 55 24.68 -6.90 -33.12
C THR D 55 25.93 -6.74 -33.96
N MET D 56 26.03 -5.66 -34.72
CA MET D 56 27.22 -5.38 -35.53
C MET D 56 27.58 -3.90 -35.46
N HIS D 57 28.87 -3.59 -35.41
CA HIS D 57 29.30 -2.21 -35.36
C HIS D 57 28.97 -1.49 -36.68
N HIS D 58 28.55 -0.24 -36.58
CA HIS D 58 28.07 0.50 -37.74
C HIS D 58 29.14 0.82 -38.78
N ASP D 59 30.42 0.83 -38.37
CA ASP D 59 31.50 1.13 -39.30
C ASP D 59 31.67 0.04 -40.35
N GLN D 60 31.19 -1.16 -40.05
CA GLN D 60 31.24 -2.26 -41.00
C GLN D 60 30.08 -2.17 -41.99
N ALA D 61 29.21 -1.19 -41.79
CA ALA D 61 28.05 -0.99 -42.65
C ALA D 61 28.17 0.30 -43.45
N ARG D 62 29.38 0.84 -43.55
CA ARG D 62 29.62 2.04 -44.35
C ARG D 62 31.05 2.06 -44.90
N VAL D 63 31.25 2.83 -45.96
CA VAL D 63 32.56 2.95 -46.59
C VAL D 63 32.75 4.37 -47.13
N GLY D 64 33.98 4.87 -47.06
CA GLY D 64 34.28 6.21 -47.55
C GLY D 64 34.15 6.34 -49.05
N ILE D 65 33.43 7.36 -49.48
CA ILE D 65 33.14 7.56 -50.90
C ILE D 65 34.41 7.90 -51.70
N LYS D 66 35.27 8.74 -51.12
CA LYS D 66 36.51 9.14 -51.78
C LYS D 66 37.41 7.95 -52.05
N GLU D 67 37.32 6.93 -51.20
CA GLU D 67 38.09 5.70 -51.37
C GLU D 67 37.63 4.88 -52.58
N LEU D 68 36.32 4.84 -52.81
CA LEU D 68 35.73 4.02 -53.86
C LEU D 68 36.01 4.56 -55.26
N ILE D 69 35.86 5.86 -55.43
CA ILE D 69 35.94 6.47 -56.76
C ILE D 69 37.33 7.01 -57.07
N ASP D 70 37.51 7.48 -58.31
CA ASP D 70 38.75 8.09 -58.74
C ASP D 70 38.58 9.59 -58.92
N GLU D 71 39.31 10.38 -58.13
CA GLU D 71 39.18 11.83 -58.14
C GLU D 71 39.56 12.40 -59.51
N LYS D 72 40.39 11.67 -60.25
CA LYS D 72 40.76 12.06 -61.60
C LYS D 72 39.57 11.97 -62.55
N LYS D 73 38.84 10.86 -62.47
CA LYS D 73 37.68 10.65 -63.33
C LYS D 73 36.39 11.26 -62.74
N ILE D 74 36.21 11.11 -61.44
CA ILE D 74 35.00 11.55 -60.76
C ILE D 74 35.22 12.61 -59.68
N LYS D 75 34.41 13.66 -59.70
CA LYS D 75 34.48 14.72 -58.70
C LYS D 75 33.39 14.57 -57.63
N PHE D 76 33.80 14.29 -56.40
CA PHE D 76 32.84 14.10 -55.30
C PHE D 76 32.50 15.39 -54.57
N VAL D 77 31.20 15.62 -54.37
CA VAL D 77 30.72 16.79 -53.61
C VAL D 77 29.85 16.36 -52.44
N LYS D 78 30.21 16.82 -51.24
CA LYS D 78 29.44 16.51 -50.03
C LYS D 78 28.50 17.64 -49.63
N ASP D 79 27.21 17.47 -49.89
CA ASP D 79 26.20 18.46 -49.54
C ASP D 79 24.80 17.87 -49.54
N THR D 80 23.81 18.66 -49.12
CA THR D 80 22.43 18.20 -49.06
C THR D 80 21.53 18.88 -50.08
N VAL D 81 20.95 18.09 -50.97
CA VAL D 81 20.03 18.58 -52.00
C VAL D 81 18.72 19.07 -51.40
N VAL D 82 18.27 20.24 -51.84
CA VAL D 82 17.01 20.80 -51.35
C VAL D 82 15.91 20.70 -52.40
N ALA D 83 16.25 21.01 -53.65
CA ALA D 83 15.28 20.95 -54.74
C ALA D 83 15.96 20.72 -56.09
N ILE D 84 15.19 20.21 -57.05
CA ILE D 84 15.68 20.03 -58.41
C ILE D 84 14.79 20.77 -59.41
N ASP D 85 15.38 21.66 -60.21
CA ASP D 85 14.64 22.33 -61.27
C ASP D 85 15.08 21.81 -62.64
N ARG D 86 14.23 21.00 -63.27
CA ARG D 86 14.53 20.36 -64.55
C ARG D 86 14.69 21.35 -65.70
N GLU D 87 13.86 22.39 -65.69
CA GLU D 87 13.85 23.39 -66.77
C GLU D 87 15.18 24.13 -66.90
N GLN D 88 15.71 24.60 -65.78
CA GLN D 88 16.96 25.35 -65.79
C GLN D 88 18.17 24.41 -65.78
N GLN D 89 17.89 23.13 -65.59
CA GLN D 89 18.91 22.08 -65.50
C GLN D 89 19.89 22.41 -64.37
N LYS D 90 19.34 22.91 -63.26
CA LYS D 90 20.13 23.28 -62.11
C LYS D 90 19.60 22.61 -60.86
N VAL D 91 20.51 22.16 -60.00
CA VAL D 91 20.12 21.57 -58.73
C VAL D 91 20.50 22.51 -57.60
N THR D 92 19.52 22.87 -56.77
CA THR D 92 19.79 23.78 -55.65
C THR D 92 20.11 22.98 -54.39
N LEU D 93 21.21 23.36 -53.75
CA LEU D 93 21.67 22.70 -52.53
C LEU D 93 21.67 23.68 -51.36
N GLN D 94 21.88 23.16 -50.16
CA GLN D 94 21.98 24.00 -48.98
C GLN D 94 23.20 24.91 -49.05
N ASN D 95 24.29 24.40 -49.63
CA ASN D 95 25.53 25.16 -49.72
C ASN D 95 26.03 25.43 -51.14
N GLY D 96 25.15 25.34 -52.13
CA GLY D 96 25.57 25.59 -53.51
C GLY D 96 24.56 25.31 -54.60
N GLU D 97 25.04 25.37 -55.84
CA GLU D 97 24.23 25.07 -57.02
C GLU D 97 25.07 24.34 -58.07
N LEU D 98 24.43 23.49 -58.88
CA LEU D 98 25.14 22.75 -59.92
C LEU D 98 24.37 22.70 -61.23
N HIS D 99 25.10 22.59 -62.34
CA HIS D 99 24.49 22.50 -63.66
C HIS D 99 24.87 21.17 -64.34
N TYR D 100 23.90 20.56 -65.01
CA TYR D 100 24.09 19.26 -65.63
C TYR D 100 23.61 19.22 -67.08
N ASP D 101 24.35 18.48 -67.92
CA ASP D 101 23.83 18.06 -69.21
C ASP D 101 22.93 16.83 -69.03
N TYR D 102 23.35 15.92 -68.15
CA TYR D 102 22.56 14.73 -67.83
C TYR D 102 22.43 14.57 -66.32
N LEU D 103 21.25 14.16 -65.87
CA LEU D 103 20.98 14.03 -64.42
C LEU D 103 20.56 12.61 -64.03
N VAL D 104 21.20 12.08 -62.99
CA VAL D 104 20.81 10.80 -62.41
C VAL D 104 20.29 11.01 -60.99
N VAL D 105 19.06 10.61 -60.74
CA VAL D 105 18.44 10.81 -59.42
C VAL D 105 18.33 9.51 -58.63
N GLY D 106 19.11 9.42 -57.56
CA GLY D 106 19.07 8.28 -56.66
C GLY D 106 19.08 8.71 -55.21
N LEU D 107 18.04 9.42 -54.80
CA LEU D 107 17.96 9.99 -53.46
C LEU D 107 17.40 9.02 -52.43
N GLY D 108 17.02 7.82 -52.87
CA GLY D 108 16.59 6.78 -51.95
C GLY D 108 15.19 6.98 -51.42
N SER D 109 14.82 6.22 -50.39
CA SER D 109 13.49 6.29 -49.82
C SER D 109 13.35 7.24 -48.64
N GLU D 110 12.10 7.49 -48.26
CA GLU D 110 11.75 8.16 -47.02
C GLU D 110 10.64 7.36 -46.35
N PRO D 111 10.50 7.47 -45.02
CA PRO D 111 9.43 6.72 -44.34
C PRO D 111 8.02 7.14 -44.74
N GLU D 112 7.13 6.17 -44.86
CA GLU D 112 5.72 6.42 -45.13
C GLU D 112 4.90 6.07 -43.90
N THR D 113 4.29 7.08 -43.29
CA THR D 113 3.59 6.88 -42.03
C THR D 113 2.08 6.79 -42.20
N PHE D 114 1.60 7.02 -43.42
CA PHE D 114 0.18 6.86 -43.77
C PHE D 114 -0.74 7.76 -42.94
N GLY D 115 -0.18 8.84 -42.42
CA GLY D 115 -0.95 9.80 -41.65
C GLY D 115 -1.23 9.39 -40.22
N ILE D 116 -0.63 8.27 -39.80
CA ILE D 116 -0.79 7.79 -38.43
C ILE D 116 -0.19 8.80 -37.45
N GLU D 117 -0.95 9.13 -36.42
CA GLU D 117 -0.59 10.22 -35.51
C GLU D 117 0.56 9.85 -34.59
N GLY D 118 1.60 10.69 -34.57
CA GLY D 118 2.71 10.51 -33.65
C GLY D 118 3.84 9.65 -34.19
N LEU D 119 3.62 9.01 -35.33
CA LEU D 119 4.60 8.11 -35.91
C LEU D 119 5.89 8.83 -36.28
N ARG D 120 5.75 10.00 -36.92
CA ARG D 120 6.91 10.79 -37.31
C ARG D 120 7.67 11.31 -36.09
N GLU D 121 6.93 11.83 -35.12
CA GLU D 121 7.53 12.42 -33.92
C GLU D 121 8.10 11.40 -32.94
N HIS D 122 7.36 10.32 -32.68
CA HIS D 122 7.69 9.45 -31.55
C HIS D 122 8.19 8.07 -31.92
N ALA D 123 8.43 7.82 -33.21
CA ALA D 123 8.93 6.51 -33.63
C ALA D 123 10.24 6.65 -34.41
N PHE D 124 10.97 5.55 -34.50
CA PHE D 124 12.28 5.54 -35.14
C PHE D 124 12.26 4.84 -36.49
N SER D 125 13.22 5.16 -37.34
CA SER D 125 13.34 4.53 -38.66
C SER D 125 14.74 3.98 -38.88
N ILE D 126 14.82 2.81 -39.51
CA ILE D 126 16.09 2.21 -39.88
C ILE D 126 16.43 2.57 -41.33
N ASN D 127 16.99 3.75 -41.54
CA ASN D 127 17.29 4.21 -42.89
C ASN D 127 18.65 4.90 -43.08
N SER D 128 19.45 4.99 -42.02
CA SER D 128 20.78 5.59 -42.13
C SER D 128 21.71 5.16 -40.99
N ILE D 129 22.98 5.50 -41.11
CA ILE D 129 23.96 5.23 -40.06
C ILE D 129 23.60 6.03 -38.80
N ASN D 130 23.19 7.28 -39.01
CA ASN D 130 22.79 8.14 -37.91
C ASN D 130 21.57 7.58 -37.18
N SER D 131 20.59 7.13 -37.95
CA SER D 131 19.33 6.64 -37.38
C SER D 131 19.51 5.36 -36.58
N VAL D 132 20.31 4.43 -37.08
CA VAL D 132 20.52 3.16 -36.41
C VAL D 132 21.32 3.33 -35.11
N ARG D 133 22.24 4.29 -35.09
CA ARG D 133 22.97 4.60 -33.87
C ARG D 133 22.04 5.18 -32.82
N ILE D 134 21.12 6.03 -33.25
CA ILE D 134 20.14 6.62 -32.35
C ILE D 134 19.24 5.55 -31.74
N ILE D 135 18.76 4.64 -32.58
CA ILE D 135 17.91 3.53 -32.12
C ILE D 135 18.66 2.65 -31.13
N ARG D 136 19.90 2.30 -31.48
CA ARG D 136 20.71 1.42 -30.67
C ARG D 136 20.96 2.02 -29.29
N GLN D 137 21.39 3.28 -29.25
CA GLN D 137 21.66 3.95 -28.00
C GLN D 137 20.39 4.22 -27.19
N HIS D 138 19.28 4.43 -27.90
CA HIS D 138 17.99 4.64 -27.25
C HIS D 138 17.58 3.42 -26.45
N ILE D 139 17.67 2.24 -27.07
CA ILE D 139 17.27 1.00 -26.44
C ILE D 139 18.15 0.70 -25.23
N GLU D 140 19.46 0.87 -25.38
CA GLU D 140 20.38 0.62 -24.28
C GLU D 140 20.15 1.62 -23.14
N TYR D 141 19.69 2.82 -23.48
CA TYR D 141 19.33 3.81 -22.48
C TYR D 141 18.12 3.35 -21.67
N GLN D 142 17.13 2.81 -22.35
CA GLN D 142 15.91 2.33 -21.69
C GLN D 142 16.21 1.19 -20.74
N PHE D 143 17.07 0.27 -21.18
CA PHE D 143 17.47 -0.85 -20.34
C PHE D 143 18.25 -0.39 -19.11
N ALA D 144 19.03 0.67 -19.28
CA ALA D 144 19.79 1.24 -18.17
C ALA D 144 18.87 1.81 -17.09
N LYS D 145 17.76 2.42 -17.52
CA LYS D 145 16.82 3.02 -16.60
C LYS D 145 16.02 1.99 -15.79
N PHE D 146 15.88 0.78 -16.33
CA PHE D 146 14.98 -0.22 -15.75
C PHE D 146 15.39 -0.70 -14.37
N ALA D 147 16.68 -0.95 -14.17
CA ALA D 147 17.17 -1.50 -12.89
C ALA D 147 16.81 -0.58 -11.72
N ALA D 148 16.89 0.72 -11.95
CA ALA D 148 16.50 1.71 -10.94
C ALA D 148 14.99 1.73 -10.71
N GLU D 149 14.23 1.39 -11.75
CA GLU D 149 12.77 1.42 -11.69
C GLU D 149 12.15 0.11 -12.18
N PRO D 150 12.20 -0.94 -11.35
CA PRO D 150 11.79 -2.29 -11.78
C PRO D 150 10.32 -2.38 -12.19
N GLU D 151 9.49 -1.46 -11.69
CA GLU D 151 8.07 -1.45 -12.02
C GLU D 151 7.79 -1.03 -13.47
N ARG D 152 8.71 -0.25 -14.05
CA ARG D 152 8.51 0.26 -15.40
C ARG D 152 8.92 -0.78 -16.45
N THR D 153 8.04 -1.75 -16.69
CA THR D 153 8.33 -2.80 -17.66
C THR D 153 8.23 -2.31 -19.10
N ASP D 154 7.67 -1.12 -19.28
CA ASP D 154 7.57 -0.51 -20.61
C ASP D 154 8.94 -0.15 -21.19
N TYR D 155 9.94 0.00 -20.32
CA TYR D 155 11.31 0.21 -20.76
C TYR D 155 11.81 -0.99 -21.56
N LEU D 156 11.29 -2.15 -21.20
CA LEU D 156 11.75 -3.43 -21.76
C LEU D 156 10.88 -3.89 -22.92
N THR D 157 9.92 -3.04 -23.31
CA THR D 157 9.02 -3.40 -24.40
C THR D 157 9.39 -2.64 -25.66
N ILE D 158 9.64 -3.39 -26.73
CA ILE D 158 9.97 -2.79 -28.01
C ILE D 158 8.92 -3.15 -29.04
N VAL D 159 8.26 -2.14 -29.59
CA VAL D 159 7.24 -2.36 -30.61
C VAL D 159 7.80 -2.07 -31.99
N VAL D 160 7.77 -3.07 -32.86
CA VAL D 160 8.21 -2.91 -34.23
C VAL D 160 6.98 -2.96 -35.15
N GLY D 161 6.70 -1.85 -35.81
CA GLY D 161 5.50 -1.74 -36.62
C GLY D 161 5.73 -2.21 -38.05
N GLY D 162 4.98 -3.23 -38.46
CA GLY D 162 5.14 -3.80 -39.78
C GLY D 162 5.96 -5.07 -39.75
N ALA D 163 5.39 -6.16 -40.28
CA ALA D 163 6.07 -7.44 -40.26
C ALA D 163 6.58 -7.78 -41.66
N GLY D 164 7.13 -6.77 -42.33
CA GLY D 164 7.72 -6.95 -43.64
C GLY D 164 9.15 -7.46 -43.56
N PHE D 165 9.86 -7.37 -44.68
CA PHE D 165 11.23 -7.87 -44.79
C PHE D 165 12.15 -7.19 -43.78
N THR D 166 12.05 -5.87 -43.68
CA THR D 166 12.88 -5.10 -42.77
C THR D 166 12.57 -5.38 -41.30
N GLY D 167 11.28 -5.39 -40.97
CA GLY D 167 10.84 -5.62 -39.61
C GLY D 167 11.24 -6.98 -39.07
N ILE D 168 11.09 -8.01 -39.90
CA ILE D 168 11.41 -9.37 -39.50
C ILE D 168 12.91 -9.52 -39.22
N GLU D 169 13.74 -8.96 -40.09
CA GLU D 169 15.19 -9.02 -39.90
C GLU D 169 15.61 -8.27 -38.64
N PHE D 170 14.95 -7.14 -38.37
CA PHE D 170 15.28 -6.33 -37.21
C PHE D 170 14.95 -7.07 -35.91
N VAL D 171 13.74 -7.60 -35.81
CA VAL D 171 13.34 -8.34 -34.61
C VAL D 171 14.19 -9.59 -34.43
N GLY D 172 14.73 -10.10 -35.53
CA GLY D 172 15.65 -11.22 -35.48
C GLY D 172 16.96 -10.84 -34.81
N GLU D 173 17.52 -9.70 -35.22
CA GLU D 173 18.73 -9.17 -34.60
C GLU D 173 18.47 -8.78 -33.14
N LEU D 174 17.29 -8.22 -32.91
CA LEU D 174 16.88 -7.79 -31.58
C LEU D 174 16.82 -8.97 -30.61
N ALA D 175 16.29 -10.08 -31.08
CA ALA D 175 16.15 -11.29 -30.26
C ALA D 175 17.51 -11.85 -29.87
N ASP D 176 18.47 -11.81 -30.80
CA ASP D 176 19.82 -12.27 -30.54
C ASP D 176 20.54 -11.38 -29.53
N ARG D 177 20.27 -10.09 -29.58
CA ARG D 177 20.94 -9.12 -28.72
C ARG D 177 20.49 -9.22 -27.26
N MET D 178 19.26 -9.67 -27.04
CA MET D 178 18.64 -9.62 -25.72
C MET D 178 19.41 -10.30 -24.58
N PRO D 179 20.02 -11.48 -24.84
CA PRO D 179 20.79 -12.07 -23.73
C PRO D 179 21.96 -11.20 -23.26
N GLU D 180 22.76 -10.68 -24.18
CA GLU D 180 23.87 -9.81 -23.80
C GLU D 180 23.36 -8.50 -23.18
N LEU D 181 22.29 -7.98 -23.77
CA LEU D 181 21.71 -6.71 -23.32
C LEU D 181 21.16 -6.83 -21.90
N CYS D 182 20.51 -7.95 -21.61
CA CYS D 182 19.94 -8.20 -20.29
C CYS D 182 21.01 -8.38 -19.23
N ALA D 183 22.08 -9.09 -19.59
CA ALA D 183 23.19 -9.33 -18.68
C ALA D 183 23.89 -8.02 -18.31
N GLU D 184 24.03 -7.14 -19.30
CA GLU D 184 24.70 -5.86 -19.11
C GLU D 184 23.95 -4.97 -18.11
N TYR D 185 22.63 -5.05 -18.13
CA TYR D 185 21.81 -4.15 -17.29
C TYR D 185 21.01 -4.86 -16.21
N ASP D 186 21.45 -6.07 -15.85
CA ASP D 186 20.85 -6.83 -14.76
C ASP D 186 19.34 -6.99 -14.95
N VAL D 187 18.94 -7.32 -16.17
CA VAL D 187 17.53 -7.43 -16.50
C VAL D 187 17.11 -8.90 -16.62
N ASP D 188 15.94 -9.20 -16.05
CA ASP D 188 15.36 -10.54 -16.16
C ASP D 188 14.82 -10.70 -17.58
N PRO D 189 15.42 -11.62 -18.36
CA PRO D 189 15.12 -11.76 -19.78
C PRO D 189 13.64 -12.01 -20.08
N LYS D 190 12.95 -12.65 -19.15
CA LYS D 190 11.53 -12.96 -19.32
C LYS D 190 10.66 -11.70 -19.32
N LEU D 191 11.15 -10.62 -18.71
CA LEU D 191 10.39 -9.37 -18.64
C LEU D 191 10.44 -8.61 -19.97
N VAL D 192 11.42 -8.95 -20.81
CA VAL D 192 11.59 -8.28 -22.10
C VAL D 192 10.51 -8.69 -23.09
N ARG D 193 9.89 -7.71 -23.74
CA ARG D 193 8.88 -7.98 -24.75
C ARG D 193 9.23 -7.34 -26.09
N ILE D 194 9.44 -8.18 -27.10
CA ILE D 194 9.62 -7.70 -28.46
C ILE D 194 8.34 -7.97 -29.25
N ILE D 195 7.63 -6.91 -29.62
CA ILE D 195 6.32 -7.06 -30.24
C ILE D 195 6.33 -6.53 -31.67
N ASN D 196 5.99 -7.41 -32.61
CA ASN D 196 5.93 -7.05 -34.02
C ASN D 196 4.48 -6.93 -34.48
N VAL D 197 4.07 -5.71 -34.84
CA VAL D 197 2.68 -5.41 -35.16
C VAL D 197 2.48 -5.18 -36.65
N GLU D 198 1.62 -5.99 -37.27
CA GLU D 198 1.36 -5.92 -38.71
C GLU D 198 -0.11 -5.68 -39.01
N ALA D 199 -0.40 -4.68 -39.84
CA ALA D 199 -1.76 -4.38 -40.24
C ALA D 199 -2.35 -5.47 -41.13
N ALA D 200 -1.51 -6.08 -41.97
CA ALA D 200 -1.95 -7.10 -42.92
C ALA D 200 -2.37 -8.38 -42.21
N PRO D 201 -3.24 -9.18 -42.85
CA PRO D 201 -3.75 -10.42 -42.26
C PRO D 201 -2.65 -11.45 -41.97
N THR D 202 -1.54 -11.40 -42.69
CA THR D 202 -0.47 -12.36 -42.49
C THR D 202 0.91 -11.69 -42.37
N VAL D 203 1.82 -12.37 -41.69
CA VAL D 203 3.22 -11.95 -41.63
C VAL D 203 3.89 -12.13 -43.00
N LEU D 204 4.69 -11.17 -43.39
CA LEU D 204 5.42 -11.21 -44.67
C LEU D 204 4.51 -11.47 -45.87
N PRO D 205 3.55 -10.56 -46.12
CA PRO D 205 2.58 -10.79 -47.21
C PRO D 205 3.24 -10.91 -48.57
N GLY D 206 2.78 -11.85 -49.38
CA GLY D 206 3.36 -12.09 -50.70
C GLY D 206 4.64 -12.88 -50.68
N PHE D 207 4.88 -13.60 -49.58
CA PHE D 207 6.05 -14.47 -49.48
C PHE D 207 5.61 -15.92 -49.34
N ASP D 208 6.53 -16.86 -49.55
CA ASP D 208 6.19 -18.28 -49.49
C ASP D 208 5.79 -18.69 -48.07
N PRO D 209 4.59 -19.25 -47.93
CA PRO D 209 4.01 -19.62 -46.63
C PRO D 209 4.87 -20.58 -45.84
N ALA D 210 5.60 -21.44 -46.54
CA ALA D 210 6.49 -22.40 -45.88
C ALA D 210 7.61 -21.67 -45.15
N LEU D 211 8.17 -20.66 -45.81
CA LEU D 211 9.23 -19.83 -45.22
C LEU D 211 8.68 -18.97 -44.09
N VAL D 212 7.48 -18.43 -44.27
CA VAL D 212 6.85 -17.58 -43.28
C VAL D 212 6.63 -18.32 -41.96
N ASN D 213 6.11 -19.54 -42.05
CA ASN D 213 5.86 -20.35 -40.87
C ASN D 213 7.16 -20.71 -40.16
N TYR D 214 8.22 -20.94 -40.94
CA TYR D 214 9.53 -21.22 -40.37
C TYR D 214 10.06 -20.02 -39.60
N ALA D 215 9.93 -18.84 -40.20
CA ALA D 215 10.42 -17.61 -39.59
C ALA D 215 9.69 -17.31 -38.29
N MET D 216 8.37 -17.42 -38.33
CA MET D 216 7.55 -17.18 -37.15
C MET D 216 7.87 -18.18 -36.04
N ASP D 217 8.14 -19.42 -36.43
CA ASP D 217 8.49 -20.46 -35.47
C ASP D 217 9.83 -20.15 -34.81
N VAL D 218 10.81 -19.77 -35.61
CA VAL D 218 12.13 -19.42 -35.11
C VAL D 218 12.08 -18.19 -34.21
N LEU D 219 11.46 -17.13 -34.69
CA LEU D 219 11.35 -15.89 -33.94
C LEU D 219 10.48 -16.09 -32.69
N GLY D 220 9.41 -16.86 -32.84
CA GLY D 220 8.55 -17.17 -31.71
C GLY D 220 9.26 -17.96 -30.62
N GLY D 221 10.15 -18.85 -31.04
CA GLY D 221 10.98 -19.62 -30.12
C GLY D 221 11.88 -18.71 -29.32
N LYS D 222 12.29 -17.60 -29.94
CA LYS D 222 13.19 -16.62 -29.32
C LYS D 222 12.45 -15.57 -28.52
N GLY D 223 11.14 -15.75 -28.34
CA GLY D 223 10.35 -14.86 -27.48
C GLY D 223 9.71 -13.67 -28.17
N VAL D 224 9.80 -13.62 -29.49
CA VAL D 224 9.18 -12.54 -30.26
C VAL D 224 7.67 -12.73 -30.38
N GLU D 225 6.93 -11.65 -30.17
CA GLU D 225 5.47 -11.68 -30.28
C GLU D 225 5.01 -11.10 -31.61
N PHE D 226 3.97 -11.69 -32.18
CA PHE D 226 3.43 -11.20 -33.44
C PHE D 226 1.96 -10.84 -33.30
N LYS D 227 1.61 -9.64 -33.74
CA LYS D 227 0.22 -9.22 -33.80
C LYS D 227 -0.17 -8.95 -35.24
N ILE D 228 -1.03 -9.80 -35.78
CA ILE D 228 -1.40 -9.72 -37.20
C ILE D 228 -2.85 -9.27 -37.35
N GLY D 229 -3.14 -8.60 -38.47
CA GLY D 229 -4.46 -8.05 -38.68
C GLY D 229 -4.73 -6.91 -37.72
N THR D 230 -3.66 -6.39 -37.12
CA THR D 230 -3.75 -5.36 -36.11
C THR D 230 -3.07 -4.08 -36.58
N PRO D 231 -3.85 -3.05 -36.91
CA PRO D 231 -3.29 -1.77 -37.35
C PRO D 231 -2.89 -0.90 -36.15
N ILE D 232 -2.01 0.07 -36.40
CA ILE D 232 -1.62 1.01 -35.36
C ILE D 232 -2.45 2.29 -35.47
N LYS D 233 -3.34 2.49 -34.50
CA LYS D 233 -4.24 3.63 -34.49
C LYS D 233 -3.49 4.94 -34.28
N ARG D 234 -2.60 4.97 -33.29
CA ARG D 234 -1.82 6.17 -33.01
C ARG D 234 -0.55 5.85 -32.24
N CYS D 235 0.39 6.78 -32.26
CA CYS D 235 1.67 6.60 -31.58
C CYS D 235 1.85 7.69 -30.54
N THR D 236 2.26 7.30 -29.34
CA THR D 236 2.43 8.22 -28.24
C THR D 236 3.84 8.06 -27.66
N PRO D 237 4.28 9.02 -26.83
CA PRO D 237 5.58 8.82 -26.17
C PRO D 237 5.58 7.59 -25.26
N GLU D 238 4.40 7.25 -24.74
CA GLU D 238 4.24 6.09 -23.87
C GLU D 238 4.19 4.78 -24.64
N GLY D 239 3.87 4.84 -25.93
CA GLY D 239 3.72 3.64 -26.73
C GLY D 239 2.79 3.81 -27.92
N VAL D 240 2.06 2.75 -28.25
CA VAL D 240 1.15 2.78 -29.39
C VAL D 240 -0.27 2.34 -29.03
N VAL D 241 -1.24 2.77 -29.84
CA VAL D 241 -2.61 2.28 -29.73
C VAL D 241 -2.94 1.41 -30.93
N ILE D 242 -3.44 0.20 -30.66
CA ILE D 242 -3.72 -0.75 -31.72
C ILE D 242 -5.17 -1.22 -31.69
N GLU D 243 -5.62 -1.79 -32.82
CA GLU D 243 -7.00 -2.28 -32.94
C GLU D 243 -7.03 -3.80 -32.90
N VAL D 244 -7.53 -4.36 -31.81
CA VAL D 244 -7.61 -5.81 -31.66
C VAL D 244 -9.06 -6.26 -31.53
N ASP D 245 -9.49 -7.09 -32.49
CA ASP D 245 -10.87 -7.59 -32.54
C ASP D 245 -11.88 -6.45 -32.55
N GLY D 246 -11.56 -5.40 -33.30
CA GLY D 246 -12.45 -4.26 -33.44
C GLY D 246 -12.46 -3.34 -32.25
N GLU D 247 -11.59 -3.60 -31.29
CA GLU D 247 -11.50 -2.79 -30.08
C GLU D 247 -10.11 -2.19 -29.92
N GLU D 248 -10.05 -0.95 -29.47
CA GLU D 248 -8.77 -0.29 -29.25
C GLU D 248 -8.00 -0.93 -28.10
N GLU D 249 -6.68 -1.05 -28.28
CA GLU D 249 -5.81 -1.58 -27.25
C GLU D 249 -4.55 -0.74 -27.18
N GLU D 250 -3.95 -0.66 -26.00
CA GLU D 250 -2.78 0.16 -25.82
C GLU D 250 -1.58 -0.71 -25.49
N ILE D 251 -0.46 -0.44 -26.13
CA ILE D 251 0.80 -1.06 -25.76
C ILE D 251 1.73 0.00 -25.23
N LYS D 252 2.17 -0.16 -23.99
CA LYS D 252 3.09 0.78 -23.39
C LYS D 252 4.52 0.35 -23.72
N ALA D 253 5.19 1.13 -24.55
CA ALA D 253 6.54 0.80 -24.98
C ALA D 253 7.41 2.05 -25.05
N ALA D 254 8.58 1.98 -24.41
CA ALA D 254 9.53 3.08 -24.43
C ALA D 254 10.12 3.25 -25.83
N THR D 255 10.13 2.17 -26.60
CA THR D 255 10.72 2.18 -27.93
C THR D 255 9.74 1.70 -29.00
N VAL D 256 9.53 2.54 -30.01
CA VAL D 256 8.72 2.18 -31.16
C VAL D 256 9.52 2.35 -32.45
N VAL D 257 9.69 1.26 -33.18
CA VAL D 257 10.43 1.30 -34.43
C VAL D 257 9.49 1.05 -35.60
N TRP D 258 9.50 1.96 -36.57
CA TRP D 258 8.56 1.87 -37.68
C TRP D 258 9.20 1.29 -38.95
N THR D 259 8.73 0.12 -39.34
CA THR D 259 9.19 -0.52 -40.57
C THR D 259 7.99 -0.81 -41.45
N GLY D 260 6.95 0.01 -41.29
CA GLY D 260 5.67 -0.21 -41.95
C GLY D 260 5.62 0.06 -43.44
N GLY D 261 6.43 1.01 -43.89
CA GLY D 261 6.47 1.33 -45.31
C GLY D 261 7.41 2.44 -45.70
N VAL D 262 7.74 2.49 -46.99
CA VAL D 262 8.62 3.52 -47.53
C VAL D 262 7.99 4.21 -48.75
N ARG D 263 8.51 5.38 -49.07
CA ARG D 263 8.07 6.12 -50.24
C ARG D 263 9.29 6.76 -50.91
N GLY D 264 9.10 7.28 -52.11
CA GLY D 264 10.18 7.94 -52.82
C GLY D 264 10.58 9.21 -52.08
N ASN D 265 11.82 9.62 -52.23
CA ASN D 265 12.32 10.81 -51.56
C ASN D 265 11.45 12.02 -51.95
N SER D 266 11.04 12.78 -50.94
CA SER D 266 10.04 13.83 -51.12
C SER D 266 10.51 14.97 -52.03
N ILE D 267 11.82 15.06 -52.24
CA ILE D 267 12.39 16.08 -53.12
C ILE D 267 11.86 15.92 -54.55
N VAL D 268 11.72 14.67 -54.98
CA VAL D 268 11.24 14.38 -56.33
C VAL D 268 9.84 14.90 -56.58
N GLU D 269 8.92 14.59 -55.67
CA GLU D 269 7.54 15.07 -55.79
C GLU D 269 7.47 16.60 -55.69
N LYS D 270 8.24 17.15 -54.77
CA LYS D 270 8.27 18.59 -54.54
C LYS D 270 8.81 19.34 -55.75
N SER D 271 9.60 18.64 -56.56
CA SER D 271 10.24 19.25 -57.73
C SER D 271 9.30 19.27 -58.94
N GLY D 272 8.07 18.80 -58.75
CA GLY D 272 7.05 18.89 -59.79
C GLY D 272 6.92 17.68 -60.70
N PHE D 273 7.62 16.61 -60.37
CA PHE D 273 7.49 15.35 -61.11
C PHE D 273 6.15 14.68 -60.81
N GLU D 274 5.62 13.95 -61.78
CA GLU D 274 4.42 13.16 -61.54
C GLU D 274 4.82 11.83 -60.92
N THR D 275 4.30 11.54 -59.74
CA THR D 275 4.76 10.37 -58.99
C THR D 275 3.64 9.54 -58.39
N MET D 276 3.90 8.26 -58.21
CA MET D 276 3.02 7.37 -57.46
C MET D 276 3.77 6.92 -56.21
N ARG D 277 3.27 7.31 -55.05
CA ARG D 277 3.93 7.07 -53.77
C ARG D 277 5.35 7.62 -53.77
N GLY D 278 5.52 8.77 -54.43
CA GLY D 278 6.80 9.46 -54.45
C GLY D 278 7.76 8.93 -55.51
N ARG D 279 7.33 7.92 -56.25
CA ARG D 279 8.20 7.28 -57.22
C ARG D 279 7.79 7.59 -58.66
N ILE D 280 8.78 7.63 -59.55
CA ILE D 280 8.56 7.93 -60.96
C ILE D 280 8.48 6.66 -61.82
N LYS D 281 7.42 6.56 -62.62
CA LYS D 281 7.28 5.45 -63.55
C LYS D 281 8.10 5.73 -64.82
N VAL D 282 9.33 5.24 -64.83
CA VAL D 282 10.29 5.56 -65.89
C VAL D 282 10.01 4.81 -67.20
N ASP D 283 10.65 5.27 -68.27
CA ASP D 283 10.55 4.60 -69.57
C ASP D 283 11.51 3.40 -69.61
N PRO D 284 11.52 2.62 -70.71
CA PRO D 284 12.41 1.45 -70.76
C PRO D 284 13.89 1.73 -70.56
N TYR D 285 14.30 2.99 -70.68
CA TYR D 285 15.70 3.35 -70.49
C TYR D 285 15.97 3.99 -69.13
N LEU D 286 15.00 3.84 -68.23
CA LEU D 286 15.09 4.33 -66.85
C LEU D 286 15.09 5.86 -66.79
N ARG D 287 14.61 6.50 -67.86
CA ARG D 287 14.53 7.95 -67.91
C ARG D 287 13.19 8.46 -67.40
N ALA D 288 13.18 9.66 -66.86
CA ALA D 288 11.93 10.31 -66.44
C ALA D 288 11.12 10.66 -67.68
N PRO D 289 9.79 10.47 -67.60
CA PRO D 289 8.92 10.71 -68.76
C PRO D 289 9.01 12.14 -69.28
N GLY D 290 9.26 12.28 -70.58
CA GLY D 290 9.37 13.60 -71.19
C GLY D 290 10.75 14.20 -71.06
N HIS D 291 11.70 13.43 -70.54
CA HIS D 291 13.07 13.90 -70.40
C HIS D 291 14.09 12.92 -70.96
N GLU D 292 14.96 13.42 -71.83
CA GLU D 292 16.01 12.61 -72.43
C GLU D 292 17.29 12.71 -71.61
N ASN D 293 17.32 13.69 -70.71
CA ASN D 293 18.52 13.98 -69.93
C ASN D 293 18.43 13.57 -68.46
N ILE D 294 17.23 13.21 -68.01
CA ILE D 294 17.03 12.80 -66.62
C ILE D 294 16.87 11.29 -66.46
N PHE D 295 17.66 10.72 -65.56
CA PHE D 295 17.57 9.29 -65.25
C PHE D 295 17.16 9.10 -63.79
N ILE D 296 16.39 8.06 -63.53
CA ILE D 296 15.96 7.75 -62.18
C ILE D 296 16.39 6.35 -61.79
N VAL D 297 17.03 6.22 -60.62
CA VAL D 297 17.53 4.93 -60.17
C VAL D 297 17.11 4.62 -58.74
N GLY D 298 17.26 3.35 -58.36
CA GLY D 298 16.95 2.91 -57.02
C GLY D 298 15.49 3.06 -56.62
N ASP D 299 15.28 3.39 -55.35
CA ASP D 299 13.94 3.46 -54.77
C ASP D 299 13.07 4.58 -55.34
N CYS D 300 13.70 5.58 -55.93
CA CYS D 300 12.97 6.68 -56.56
C CYS D 300 12.24 6.23 -57.83
N ALA D 301 12.74 5.18 -58.46
CA ALA D 301 12.16 4.67 -59.70
C ALA D 301 11.10 3.60 -59.46
N LEU D 302 10.02 3.65 -60.23
CA LEU D 302 8.98 2.64 -60.16
C LEU D 302 8.90 1.86 -61.45
N ILE D 303 9.02 0.54 -61.36
CA ILE D 303 8.97 -0.32 -62.53
C ILE D 303 7.93 -1.42 -62.34
N ILE D 304 7.09 -1.62 -63.35
CA ILE D 304 6.07 -2.65 -63.28
C ILE D 304 6.57 -3.95 -63.91
N ASN D 305 6.25 -5.07 -63.29
CA ASN D 305 6.64 -6.36 -63.85
C ASN D 305 5.63 -6.71 -64.95
N GLU D 306 6.14 -7.07 -66.11
CA GLU D 306 5.28 -7.42 -67.23
C GLU D 306 4.61 -8.80 -67.07
N GLU D 307 5.32 -9.73 -66.45
CA GLU D 307 4.81 -11.09 -66.27
C GLU D 307 3.54 -11.09 -65.42
N ASN D 308 3.60 -10.40 -64.29
CA ASN D 308 2.41 -10.16 -63.47
C ASN D 308 2.28 -8.66 -63.26
N ASN D 309 1.07 -8.12 -63.38
CA ASN D 309 0.87 -6.67 -63.45
C ASN D 309 1.18 -5.94 -62.15
N ARG D 310 1.99 -6.57 -61.30
CA ARG D 310 2.45 -6.01 -60.03
C ARG D 310 3.73 -5.20 -60.21
N PRO D 311 3.86 -4.10 -59.45
CA PRO D 311 5.08 -3.30 -59.46
C PRO D 311 6.26 -4.03 -58.81
N TYR D 312 7.47 -3.75 -59.26
CA TYR D 312 8.66 -4.27 -58.57
C TYR D 312 8.85 -3.55 -57.25
N PRO D 313 9.20 -4.30 -56.19
CA PRO D 313 9.46 -3.68 -54.90
C PRO D 313 10.78 -2.91 -54.92
N PRO D 314 10.90 -1.86 -54.10
CA PRO D 314 12.15 -1.09 -54.04
C PRO D 314 13.23 -1.84 -53.28
N THR D 315 14.24 -2.32 -54.00
CA THR D 315 15.29 -3.14 -53.40
C THR D 315 16.68 -2.70 -53.84
N ALA D 316 17.68 -3.07 -53.05
CA ALA D 316 19.07 -2.79 -53.41
C ALA D 316 19.43 -3.57 -54.66
N GLN D 317 18.86 -4.76 -54.78
CA GLN D 317 19.14 -5.65 -55.90
C GLN D 317 18.79 -5.00 -57.24
N ILE D 318 17.57 -4.48 -57.34
CA ILE D 318 17.15 -3.79 -58.54
C ILE D 318 17.83 -2.42 -58.67
N ALA D 319 18.21 -1.84 -57.54
CA ALA D 319 18.89 -0.54 -57.55
C ALA D 319 20.27 -0.66 -58.18
N ILE D 320 20.96 -1.75 -57.88
CA ILE D 320 22.27 -2.03 -58.45
C ILE D 320 22.16 -2.17 -59.97
N GLN D 321 21.14 -2.91 -60.40
CA GLN D 321 20.91 -3.14 -61.82
C GLN D 321 20.52 -1.86 -62.54
N HIS D 322 19.82 -0.96 -61.85
CA HIS D 322 19.48 0.34 -62.40
C HIS D 322 20.74 1.13 -62.76
N GLY D 323 21.70 1.13 -61.83
CA GLY D 323 22.93 1.87 -61.99
C GLY D 323 23.79 1.39 -63.14
N GLU D 324 23.90 0.07 -63.27
CA GLU D 324 24.70 -0.53 -64.33
C GLU D 324 24.13 -0.19 -65.71
N ASN D 325 22.81 -0.25 -65.82
CA ASN D 325 22.13 0.08 -67.08
C ASN D 325 22.31 1.54 -67.47
N VAL D 326 22.16 2.43 -66.51
CA VAL D 326 22.30 3.87 -66.76
C VAL D 326 23.75 4.20 -67.14
N ALA D 327 24.69 3.56 -66.46
CA ALA D 327 26.10 3.77 -66.73
C ALA D 327 26.46 3.36 -68.15
N ALA D 328 25.96 2.20 -68.57
CA ALA D 328 26.19 1.70 -69.92
C ALA D 328 25.51 2.59 -70.95
N ASN D 329 24.26 2.96 -70.69
CA ASN D 329 23.48 3.77 -71.63
C ASN D 329 24.02 5.19 -71.77
N LEU D 330 24.45 5.78 -70.67
CA LEU D 330 25.03 7.12 -70.70
C LEU D 330 26.34 7.10 -71.48
N ALA D 331 27.10 6.01 -71.30
CA ALA D 331 28.37 5.83 -71.99
C ALA D 331 28.14 5.73 -73.50
N ALA D 332 27.10 5.01 -73.89
CA ALA D 332 26.74 4.88 -75.29
C ALA D 332 26.29 6.22 -75.86
N LEU D 333 25.50 6.95 -75.09
CA LEU D 333 24.97 8.25 -75.51
C LEU D 333 26.07 9.28 -75.74
N ILE D 334 27.05 9.31 -74.85
CA ILE D 334 28.17 10.24 -74.99
C ILE D 334 29.01 9.89 -76.20
N ARG D 335 29.14 8.60 -76.47
CA ARG D 335 29.96 8.12 -77.59
C ARG D 335 29.13 8.03 -78.88
N GLY D 336 27.90 8.54 -78.83
CA GLY D 336 27.04 8.58 -80.00
C GLY D 336 26.39 7.26 -80.37
N GLY D 337 26.41 6.31 -79.44
CA GLY D 337 25.84 5.00 -79.66
C GLY D 337 24.34 4.92 -79.44
N SER D 338 23.83 3.70 -79.35
CA SER D 338 22.40 3.44 -79.13
C SER D 338 22.16 2.86 -77.75
N MET D 339 21.10 3.32 -77.08
CA MET D 339 20.78 2.85 -75.75
C MET D 339 20.25 1.42 -75.72
N THR D 340 20.41 0.78 -74.57
CA THR D 340 19.83 -0.54 -74.33
C THR D 340 18.74 -0.43 -73.28
N PRO D 341 17.54 -0.95 -73.60
CA PRO D 341 16.42 -0.92 -72.66
C PRO D 341 16.73 -1.73 -71.40
N PHE D 342 16.23 -1.28 -70.25
CA PHE D 342 16.51 -1.97 -69.01
C PHE D 342 15.67 -3.24 -68.88
N LYS D 343 16.35 -4.35 -68.62
CA LYS D 343 15.67 -5.62 -68.34
C LYS D 343 16.13 -6.12 -66.98
N PRO D 344 15.21 -6.17 -66.01
CA PRO D 344 15.57 -6.60 -64.66
C PRO D 344 15.83 -8.09 -64.59
N HIS D 345 16.88 -8.46 -63.88
CA HIS D 345 17.21 -9.86 -63.65
C HIS D 345 17.21 -10.07 -62.15
N ILE D 346 16.04 -10.39 -61.61
CA ILE D 346 15.88 -10.48 -60.17
C ILE D 346 16.30 -11.85 -59.65
N ARG D 347 17.46 -11.88 -59.02
CA ARG D 347 17.95 -13.09 -58.39
C ARG D 347 17.27 -13.24 -57.03
N GLY D 348 17.51 -14.35 -56.35
CA GLY D 348 16.87 -14.58 -55.08
C GLY D 348 17.42 -13.75 -53.95
N THR D 349 16.67 -13.70 -52.85
CA THR D 349 17.06 -12.94 -51.67
C THR D 349 16.91 -13.78 -50.41
N VAL D 350 17.70 -13.43 -49.39
CA VAL D 350 17.66 -14.13 -48.12
C VAL D 350 17.31 -13.17 -46.99
N ALA D 351 16.45 -13.61 -46.09
CA ALA D 351 16.09 -12.81 -44.92
C ALA D 351 16.70 -13.44 -43.68
N SER D 352 17.53 -12.66 -42.98
CA SER D 352 18.18 -13.15 -41.77
C SER D 352 17.21 -13.23 -40.60
N LEU D 353 17.44 -14.20 -39.73
CA LEU D 353 16.66 -14.33 -38.51
C LEU D 353 17.61 -14.39 -37.32
N GLY D 354 18.30 -13.28 -37.09
CA GLY D 354 19.39 -13.26 -36.14
C GLY D 354 20.68 -13.55 -36.86
N ARG D 355 21.75 -13.75 -36.09
CA ARG D 355 23.06 -14.02 -36.67
C ARG D 355 23.18 -15.40 -37.31
N ASN D 356 22.51 -16.39 -36.72
CA ASN D 356 22.74 -17.78 -37.11
C ASN D 356 21.59 -18.47 -37.86
N ASP D 357 20.57 -17.72 -38.25
CA ASP D 357 19.44 -18.32 -38.94
C ASP D 357 18.96 -17.42 -40.08
N ALA D 358 18.32 -18.01 -41.09
CA ALA D 358 17.85 -17.26 -42.23
C ALA D 358 16.86 -18.04 -43.10
N ILE D 359 16.14 -17.31 -43.95
CA ILE D 359 15.26 -17.91 -44.96
C ILE D 359 15.48 -17.22 -46.29
N GLY D 360 15.44 -17.99 -47.36
CA GLY D 360 15.64 -17.42 -48.68
C GLY D 360 15.30 -18.34 -49.84
N ILE D 361 15.24 -17.75 -51.03
CA ILE D 361 15.17 -18.51 -52.27
C ILE D 361 16.46 -18.27 -53.04
N VAL D 362 17.36 -19.23 -53.03
CA VAL D 362 18.64 -19.09 -53.72
C VAL D 362 18.74 -20.13 -54.82
N GLY D 363 18.88 -19.67 -56.06
CA GLY D 363 18.92 -20.55 -57.21
C GLY D 363 17.61 -21.32 -57.39
N GLY D 364 16.50 -20.68 -57.04
CA GLY D 364 15.18 -21.29 -57.21
C GLY D 364 14.84 -22.30 -56.13
N ARG D 365 15.80 -22.51 -55.22
CA ARG D 365 15.66 -23.49 -54.15
C ARG D 365 15.52 -22.82 -52.78
N LYS D 366 14.59 -23.32 -51.97
CA LYS D 366 14.42 -22.79 -50.62
C LYS D 366 15.62 -23.16 -49.77
N VAL D 367 16.02 -22.26 -48.88
CA VAL D 367 17.17 -22.50 -48.00
C VAL D 367 16.88 -22.06 -46.57
N TYR D 368 17.54 -22.72 -45.62
CA TYR D 368 17.28 -22.49 -44.20
C TYR D 368 18.58 -22.48 -43.41
N GLY D 369 18.49 -22.01 -42.16
CA GLY D 369 19.55 -22.17 -41.19
C GLY D 369 20.89 -21.60 -41.60
N HIS D 370 21.96 -22.30 -41.20
CA HIS D 370 23.33 -21.86 -41.46
C HIS D 370 23.60 -21.78 -42.95
N ALA D 371 22.99 -22.66 -43.72
CA ALA D 371 23.18 -22.67 -45.17
C ALA D 371 22.67 -21.37 -45.78
N ALA D 372 21.45 -20.99 -45.42
CA ALA D 372 20.87 -19.74 -45.89
C ALA D 372 21.63 -18.55 -45.35
N SER D 373 22.10 -18.69 -44.10
CA SER D 373 22.83 -17.63 -43.44
C SER D 373 24.16 -17.32 -44.12
N TRP D 374 24.94 -18.36 -44.45
CA TRP D 374 26.20 -18.16 -45.13
C TRP D 374 25.94 -17.63 -46.54
N LEU D 375 24.84 -18.06 -47.12
CA LEU D 375 24.42 -17.64 -48.46
C LEU D 375 24.20 -16.14 -48.54
N LYS D 376 23.52 -15.59 -47.54
CA LYS D 376 23.23 -14.16 -47.51
C LYS D 376 24.53 -13.36 -47.48
N LYS D 377 25.49 -13.83 -46.69
CA LYS D 377 26.77 -13.14 -46.56
C LYS D 377 27.54 -13.13 -47.88
N LEU D 378 27.49 -14.25 -48.60
CA LEU D 378 28.15 -14.35 -49.90
C LEU D 378 27.51 -13.43 -50.95
N ILE D 379 26.18 -13.37 -50.97
CA ILE D 379 25.46 -12.52 -51.91
C ILE D 379 25.80 -11.05 -51.69
N ASP D 380 25.82 -10.64 -50.43
CA ASP D 380 26.18 -9.26 -50.07
C ASP D 380 27.63 -9.00 -50.39
N MET D 381 28.45 -10.03 -50.27
CA MET D 381 29.87 -9.96 -50.57
C MET D 381 30.09 -9.61 -52.05
N ARG D 382 29.17 -10.06 -52.90
CA ARG D 382 29.26 -9.78 -54.33
C ARG D 382 29.15 -8.28 -54.61
N TYR D 383 28.28 -7.60 -53.88
CA TYR D 383 28.12 -6.17 -54.04
C TYR D 383 29.36 -5.40 -53.61
N LEU D 384 29.99 -5.86 -52.53
CA LEU D 384 31.19 -5.23 -52.02
C LEU D 384 32.31 -5.29 -53.06
N TYR D 385 32.41 -6.41 -53.76
CA TYR D 385 33.39 -6.57 -54.84
C TYR D 385 33.10 -5.60 -55.98
N LEU D 386 31.82 -5.42 -56.28
CA LEU D 386 31.41 -4.58 -57.41
C LEU D 386 31.87 -3.14 -57.24
N ILE D 387 31.72 -2.61 -56.03
CA ILE D 387 32.05 -1.21 -55.77
C ILE D 387 33.45 -1.00 -55.21
N GLY D 388 33.98 -1.99 -54.49
CA GLY D 388 35.24 -1.82 -53.80
C GLY D 388 36.36 -2.75 -54.20
N GLY D 389 36.03 -3.74 -55.04
CA GLY D 389 37.02 -4.71 -55.49
C GLY D 389 37.35 -5.74 -54.43
N LEU D 390 38.43 -6.49 -54.68
CA LEU D 390 38.86 -7.54 -53.76
C LEU D 390 39.30 -6.94 -52.43
N SER D 391 39.77 -5.70 -52.47
CA SER D 391 40.25 -5.01 -51.27
C SER D 391 39.13 -4.80 -50.24
N LEU D 392 37.97 -4.38 -50.72
CA LEU D 392 36.82 -4.12 -49.84
C LEU D 392 36.32 -5.40 -49.18
N VAL D 393 36.34 -6.49 -49.94
CA VAL D 393 35.91 -7.79 -49.45
C VAL D 393 36.80 -8.25 -48.29
N LEU D 394 38.10 -8.00 -48.43
CA LEU D 394 39.06 -8.38 -47.39
C LEU D 394 38.89 -7.50 -46.16
N LYS D 395 38.53 -6.24 -46.38
CA LYS D 395 38.30 -5.30 -45.28
C LYS D 395 37.05 -5.66 -44.48
N LYS D 396 36.22 -6.53 -45.04
CA LYS D 396 35.01 -7.01 -44.37
C LYS D 396 35.22 -8.35 -43.68
N GLY D 397 36.33 -8.47 -42.95
CA GLY D 397 36.64 -9.70 -42.23
C GLY D 397 36.83 -9.46 -40.75
PA FAD E . -43.49 11.66 30.70
O1A FAD E . -44.04 10.41 30.10
O2A FAD E . -42.12 11.42 31.23
O5B FAD E . -43.46 12.82 29.57
C5B FAD E . -42.34 13.71 29.50
C4B FAD E . -42.12 14.15 28.01
O4B FAD E . -41.69 15.37 27.95
C3B FAD E . -41.03 13.29 27.38
O3B FAD E . -41.31 13.08 26.03
C2B FAD E . -39.76 14.12 27.55
O2B FAD E . -38.76 13.79 26.44
C1B FAD E . -40.17 15.34 27.44
N9A FAD E . -39.40 16.23 28.25
C8A FAD E . -39.05 16.09 29.55
N7A FAD E . -38.33 17.18 29.91
C5A FAD E . -38.22 17.98 28.83
C6A FAD E . -37.59 19.21 28.66
N6A FAD E . -36.82 20.07 29.54
N1A FAD E . -37.64 19.82 27.45
C2A FAD E . -38.30 19.24 26.41
N3A FAD E . -38.92 18.03 26.58
C4A FAD E . -38.88 17.40 27.80
N1 FAD E . -48.15 4.31 35.01
C2 FAD E . -49.42 3.60 34.88
O2 FAD E . -50.49 4.19 35.07
N3 FAD E . -49.42 2.18 34.52
C4 FAD E . -48.18 1.51 34.29
O4 FAD E . -48.18 0.39 34.00
C4X FAD E . -46.90 2.26 34.43
N5 FAD E . -45.66 1.59 34.20
C5X FAD E . -44.38 2.34 34.33
C6 FAD E . -43.15 1.68 34.11
C7 FAD E . -41.95 2.39 34.24
C7M FAD E . -40.84 1.32 33.92
C8 FAD E . -41.97 3.74 34.58
C8M FAD E . -40.56 4.41 34.70
C9 FAD E . -43.20 4.39 34.81
C9A FAD E . -44.40 3.68 34.68
N10 FAD E . -45.66 4.37 34.91
C10 FAD E . -46.91 3.64 34.78
C1' FAD E . -45.67 5.81 35.28
C2' FAD E . -45.95 6.64 34.00
O2' FAD E . -45.07 6.24 33.00
C3' FAD E . -45.72 8.09 34.29
O3' FAD E . -46.61 8.52 35.28
C4' FAD E . -45.95 8.90 33.01
O4' FAD E . -44.87 8.77 32.18
C5' FAD E . -46.14 10.38 33.39
O5' FAD E . -46.72 11.08 32.31
P FAD E . -45.96 12.41 31.79
O1P FAD E . -46.34 12.70 30.37
O2P FAD E . -46.35 13.57 32.71
O3P FAD E . -44.42 12.14 31.91
PA NAD F . -42.33 4.61 44.21
O1A NAD F . -43.70 4.09 43.81
O2A NAD F . -42.49 5.81 45.11
O5B NAD F . -41.54 3.45 45.03
C5B NAD F . -40.12 3.53 45.17
C4B NAD F . -39.70 2.79 46.41
O4B NAD F . -38.35 3.14 46.71
C3B NAD F . -40.48 3.17 47.42
O3B NAD F . -41.35 2.05 47.83
C2B NAD F . -39.50 3.54 48.57
O2B NAD F . -39.83 2.93 49.69
C1B NAD F . -38.17 2.96 47.99
N9A NAD F . -37.03 3.69 48.48
C8A NAD F . -36.95 5.03 48.62
N7A NAD F . -35.73 5.34 49.10
C5A NAD F . -35.03 4.18 49.26
C6A NAD F . -33.72 3.88 49.72
N6A NAD F . -32.84 4.95 50.14
N1A NAD F . -33.28 2.59 49.77
C2A NAD F . -34.11 1.61 49.38
N3A NAD F . -35.36 1.85 48.93
C4A NAD F . -35.84 3.14 48.87
O3 NAD F . -41.51 5.05 42.90
PN NAD F . -41.53 4.31 41.47
O1N NAD F . -41.52 2.81 41.68
O2N NAD F . -40.30 4.73 40.67
O5D NAD F . -42.87 4.70 40.63
C5D NAD F . -43.21 6.08 40.42
C4D NAD F . -44.63 6.19 40.30
O4D NAD F . -45.10 5.49 39.06
C3D NAD F . -45.34 5.48 41.49
O3D NAD F . -46.34 6.44 42.14
C2D NAD F . -45.93 4.51 41.01
O2D NAD F . -47.28 4.36 41.63
C1D NAD F . -46.08 4.76 39.40
N1N NAD F . -45.98 3.50 38.70
C2N NAD F . -47.09 2.76 38.51
C3N NAD F . -47.00 1.53 37.83
C7N NAD F . -48.24 0.70 37.63
O7N NAD F . -49.34 1.20 37.81
N7N NAD F . -48.12 -0.69 37.20
C4N NAD F . -45.77 1.09 37.34
C5N NAD F . -44.64 1.87 37.55
C6N NAD F . -44.78 3.09 38.24
PA FAD G . -3.89 -19.97 18.79
O1A FAD G . -4.92 -20.09 17.71
O2A FAD G . -4.06 -18.69 19.53
O5B FAD G . -4.04 -21.23 19.80
C5B FAD G . -3.91 -21.01 21.21
C4B FAD G . -4.77 -22.09 21.96
O4B FAD G . -4.18 -22.42 23.05
C3B FAD G . -6.10 -21.45 22.37
O3B FAD G . -7.09 -22.41 22.41
C2B FAD G . -5.79 -20.92 23.78
O2B FAD G . -7.08 -20.79 24.57
C1B FAD G . -5.04 -21.84 24.27
N9A FAD G . -4.16 -21.30 25.26
C8A FAD G . -3.38 -20.19 25.18
N7A FAD G . -2.72 -20.06 26.35
C5A FAD G . -3.08 -21.09 27.16
C6A FAD G . -2.71 -21.45 28.44
N6A FAD G . -1.80 -20.87 29.43
N1A FAD G . -3.23 -22.55 29.02
C2A FAD G . -4.14 -23.32 28.33
N3A FAD G . -4.50 -22.97 27.07
C4A FAD G . -3.97 -21.86 26.47
N1 FAD G . -3.60 -16.54 9.68
C2 FAD G . -3.71 -17.00 8.30
O2 FAD G . -2.90 -17.82 7.85
N3 FAD G . -4.77 -16.48 7.44
C4 FAD G . -5.71 -15.54 7.97
O4 FAD G . -6.55 -15.11 7.31
C4X FAD G . -5.58 -15.08 9.38
N5 FAD G . -6.51 -14.14 9.91
C5X FAD G . -6.39 -13.68 11.32
C6 FAD G . -7.31 -12.74 11.84
C7 FAD G . -7.20 -12.33 13.17
C7M FAD G . -8.37 -11.32 13.34
C8 FAD G . -6.16 -12.84 13.98
C8M FAD G . -6.14 -12.29 15.44
C9 FAD G . -5.25 -13.76 13.45
C9A FAD G . -5.37 -14.19 12.12
N10 FAD G . -4.42 -15.15 11.59
C10 FAD G . -4.53 -15.60 10.21
C1' FAD G . -3.33 -15.68 12.46
C2' FAD G . -3.75 -17.02 13.10
O2' FAD G . -4.99 -16.87 13.71
C3' FAD G . -2.75 -17.42 14.15
O3' FAD G . -1.46 -17.40 13.59
C4' FAD G . -3.07 -18.82 14.67
O4' FAD G . -4.09 -18.73 15.60
C5' FAD G . -1.83 -19.42 15.35
O5' FAD G . -2.10 -20.76 15.73
P FAD G . -1.87 -21.16 17.26
O1P FAD G . -2.60 -22.45 17.54
O2P FAD G . -0.38 -21.32 17.56
O3P FAD G . -2.44 -20.00 18.15
PA FAD H . 27.75 3.14 0.62
O1A FAD H . 29.05 2.60 0.08
O2A FAD H . 27.07 3.94 -0.42
O5B FAD H . 26.81 1.90 1.08
C5B FAD H . 25.42 1.95 0.79
C4B FAD H . 24.86 0.48 0.80
O4B FAD H . 23.70 0.48 1.37
C3B FAD H . 24.63 0.07 -0.65
O3B FAD H . 24.74 -1.30 -0.79
C2B FAD H . 23.19 0.51 -0.88
O2B FAD H . 22.60 -0.21 -2.08
C1B FAD H . 22.63 0.14 0.22
N9A FAD H . 21.43 0.87 0.42
C8A FAD H . 21.23 2.21 0.25
N7A FAD H . 19.94 2.47 0.55
C5A FAD H . 19.34 1.31 0.91
C6A FAD H . 18.05 1.01 1.30
N6A FAD H . 16.85 1.82 1.48
N1A FAD H . 17.71 -0.26 1.60
C2A FAD H . 18.64 -1.26 1.52
N3A FAD H . 19.92 -0.97 1.14
C4A FAD H . 20.27 0.32 0.83
N1 FAD H . 36.12 7.99 -0.27
C2 FAD H . 37.54 7.82 0.05
O2 FAD H . 37.89 7.70 1.23
N3 FAD H . 38.52 7.79 -1.03
C4 FAD H . 38.09 7.93 -2.38
O4 FAD H . 38.86 7.91 -3.25
C4X FAD H . 36.64 8.10 -2.68
N5 FAD H . 36.21 8.25 -4.04
C5X FAD H . 34.77 8.42 -4.33
C6 FAD H . 34.33 8.55 -5.69
C7 FAD H . 32.98 8.71 -5.97
C7M FAD H . 32.93 8.82 -7.52
C8 FAD H . 32.05 8.73 -4.92
C8M FAD H . 30.55 8.92 -5.37
C9 FAD H . 32.47 8.60 -3.59
C9A FAD H . 33.84 8.44 -3.31
N10 FAD H . 34.28 8.30 -1.92
C10 FAD H . 35.69 8.13 -1.62
C1' FAD H . 33.28 8.33 -0.82
C2' FAD H . 32.90 6.88 -0.45
O2' FAD H . 32.55 6.18 -1.61
C3' FAD H . 31.72 6.89 0.50
O3' FAD H . 32.05 7.63 1.64
C4' FAD H . 31.38 5.45 0.90
O4' FAD H . 30.55 4.89 -0.03
C5' FAD H . 30.68 5.46 2.27
O5' FAD H . 30.48 4.11 2.69
P FAD H . 28.99 3.66 3.08
O1P FAD H . 28.95 2.20 3.35
O2P FAD H . 28.54 4.44 4.33
O3P FAD H . 28.03 4.04 1.89
PA FAD I . 19.64 4.53 -50.55
O1A FAD I . 20.53 3.38 -50.19
O2A FAD I . 18.88 4.99 -49.35
O5B FAD I . 20.56 5.74 -51.11
C5B FAD I . 20.26 7.08 -50.70
C4B FAD I . 21.57 7.93 -50.70
O4B FAD I . 21.31 9.16 -51.01
C3B FAD I . 22.18 7.94 -49.30
O3B FAD I . 23.56 7.89 -49.39
C2B FAD I . 21.73 9.28 -48.73
O2B FAD I . 22.77 9.76 -47.71
C1B FAD I . 21.68 10.07 -49.74
N9A FAD I . 20.67 11.05 -49.56
C8A FAD I . 19.42 10.87 -49.05
N7A FAD I . 18.79 12.07 -49.07
C5A FAD I . 19.65 12.98 -49.57
C6A FAD I . 19.52 14.35 -49.80
N6A FAD I . 18.44 15.29 -49.59
N1A FAD I . 20.55 15.04 -50.33
C2A FAD I . 21.73 14.40 -50.63
N3A FAD I . 21.86 13.06 -50.41
C4A FAD I . 20.81 12.35 -49.87
N1 FAD I . 17.15 -4.86 -50.59
C2 FAD I . 17.56 -6.12 -51.21
O2 FAD I . 17.52 -6.27 -52.44
N3 FAD I . 18.03 -7.22 -50.36
C4 FAD I . 18.09 -7.06 -48.95
O4 FAD I . 18.46 -7.90 -48.27
C4X FAD I . 17.66 -5.76 -48.34
N5 FAD I . 17.72 -5.60 -46.93
C5X FAD I . 17.30 -4.31 -46.32
C6 FAD I . 17.36 -4.15 -44.91
C7 FAD I . 16.96 -2.94 -44.34
C7M FAD I . 17.17 -3.16 -42.81
C8 FAD I . 16.52 -1.89 -45.15
C8M FAD I . 16.11 -0.59 -44.39
C9 FAD I . 16.46 -2.06 -46.54
C9A FAD I . 16.86 -3.27 -47.12
N10 FAD I . 16.79 -3.43 -48.57
C10 FAD I . 17.20 -4.70 -49.17
C1' FAD I . 16.31 -2.31 -49.42
C2' FAD I . 17.53 -1.60 -50.03
O2' FAD I . 18.49 -1.37 -49.04
C3' FAD I . 17.10 -0.28 -50.62
O3' FAD I . 16.10 -0.52 -51.58
C4' FAD I . 18.29 0.40 -51.29
O4' FAD I . 19.01 1.08 -50.34
C5' FAD I . 17.78 1.38 -52.37
O5' FAD I . 18.88 1.92 -53.09
P FAD I . 19.02 3.53 -53.10
O1P FAD I . 20.44 3.89 -53.43
O2P FAD I . 18.09 4.14 -54.15
O3P FAD I . 18.61 4.07 -51.68
#